data_4LPL
# 
_entry.id   4LPL 
# 
_audit_conform.dict_name       mmcif_pdbx.dic 
_audit_conform.dict_version    5.379 
_audit_conform.dict_location   http://mmcif.pdb.org/dictionaries/ascii/mmcif_pdbx.dic 
# 
loop_
_database_2.database_id 
_database_2.database_code 
_database_2.pdbx_database_accession 
_database_2.pdbx_DOI 
PDB   4LPL         pdb_00004lpl 10.2210/pdb4lpl/pdb 
RCSB  RCSB080926   ?            ?                   
WWPDB D_1000080926 ?            ?                   
# 
loop_
_pdbx_database_related.db_name 
_pdbx_database_related.db_id 
_pdbx_database_related.details 
_pdbx_database_related.content_type 
PDB 4LKS 'galactose-bound structure of CBM32-3 from the same enzyme' unspecified 
PDB 4LQR CBM32-3                                                     unspecified 
# 
_pdbx_database_status.entry_id                        4LPL 
_pdbx_database_status.deposit_site                    RCSB 
_pdbx_database_status.process_site                    RCSB 
_pdbx_database_status.recvd_initial_deposition_date   2013-07-16 
_pdbx_database_status.status_code                     REL 
_pdbx_database_status.status_code_sf                  REL 
_pdbx_database_status.status_code_mr                  ? 
_pdbx_database_status.SG_entry                        ? 
_pdbx_database_status.status_code_cs                  ? 
_pdbx_database_status.methods_development_category    ? 
_pdbx_database_status.pdb_format_compatible           Y 
_pdbx_database_status.status_code_nmr_data            ? 
# 
loop_
_audit_author.name 
_audit_author.pdbx_ordinal 
'Grondin, J.M.'   1 
'Duan, D.'        2 
'Heather, F.S.'   3 
'Spencer, C.A.'   4 
'Allingham, J.S.' 5 
'Smith, S.P.'     6 
# 
_citation.id                        primary 
_citation.title                     
'Diverse modes of galacto-specific carbohydrate recognition by a family 31 glycoside hydrolase from Clostridium perfringens.' 
_citation.journal_abbrev            'Plos One' 
_citation.journal_volume            12 
_citation.page_first                e0171606 
_citation.page_last                 e0171606 
_citation.year                      2017 
_citation.journal_id_ASTM           ? 
_citation.country                   US 
_citation.journal_id_ISSN           1932-6203 
_citation.journal_id_CSD            ? 
_citation.book_publisher            ? 
_citation.pdbx_database_id_PubMed   28158290 
_citation.pdbx_database_id_DOI      10.1371/journal.pone.0171606 
# 
loop_
_citation_author.citation_id 
_citation_author.name 
_citation_author.ordinal 
_citation_author.identifier_ORCID 
primary 'Grondin, J.M.'    1  ? 
primary 'Duan, D.'         2  ? 
primary 'Kirlin, A.C.'     3  ? 
primary 'Abe, K.T.'        4  ? 
primary 'Chitayat, S.'     5  ? 
primary 'Spencer, H.L.'    6  ? 
primary 'Spencer, C.'      7  ? 
primary 'Campigotto, A.'   8  ? 
primary 'Houliston, S.'    9  ? 
primary 'Arrowsmith, C.H.' 10 ? 
primary 'Allingham, J.S.'  11 ? 
primary 'Boraston, A.B.'   12 ? 
primary 'Smith, S.P.'      13 ? 
# 
_cell.length_a           55.620 
_cell.length_b           55.671 
_cell.length_c           88.700 
_cell.angle_alpha        90.000 
_cell.angle_beta         90.000 
_cell.angle_gamma        90.000 
_cell.entry_id           4LPL 
_cell.pdbx_unique_axis   ? 
_cell.Z_PDB              8 
_cell.length_a_esd       ? 
_cell.length_b_esd       ? 
_cell.length_c_esd       ? 
_cell.angle_alpha_esd    ? 
_cell.angle_beta_esd     ? 
_cell.angle_gamma_esd    ? 
# 
_symmetry.space_group_name_H-M             'C 2 2 21' 
_symmetry.entry_id                         4LPL 
_symmetry.pdbx_full_space_group_name_H-M   ? 
_symmetry.Int_Tables_number                20 
_symmetry.cell_setting                     ? 
_symmetry.space_group_name_Hall            ? 
# 
loop_
_entity.id 
_entity.type 
_entity.src_method 
_entity.pdbx_description 
_entity.formula_weight 
_entity.pdbx_number_of_molecules 
_entity.pdbx_ec 
_entity.pdbx_mutation 
_entity.pdbx_fragment 
_entity.details 
1 polymer     man 'Glycosyl hydrolase, family 31/fibronectin type III domain protein' 20996.625 1   ? ? 
'CBM32-1, UNP residues 935-1095' ? 
2 non-polymer syn 'CALCIUM ION'                                                       40.078    1   ? ? ? ? 
3 non-polymer syn 'MAGNESIUM ION'                                                     24.305    1   ? ? ? ? 
4 water       nat water                                                               18.015    114 ? ? ? ? 
# 
_entity_poly.entity_id                      1 
_entity_poly.type                           'polypeptide(L)' 
_entity_poly.nstd_linkage                   no 
_entity_poly.nstd_monomer                   no 
_entity_poly.pdbx_seq_one_letter_code       
;MHHHHHHITSLYKKAGSEFALVNKDGHSNWSELIKVKTDLDPYRNVPKDMKTEWKWGQYSSDEPSKAVDGDDSSQFHSQD
SAIDKPFIIDMQKAYTIEKLELLFRKNGNGSVKRAEIYSSLDGVTYEKVFSNAEGSDIAPWATDGEVKTINFNKPIKVRY
FKIVTKESIGNFLAMREFRPYK
;
_entity_poly.pdbx_seq_one_letter_code_can   
;MHHHHHHITSLYKKAGSEFALVNKDGHSNWSELIKVKTDLDPYRNVPKDMKTEWKWGQYSSDEPSKAVDGDDSSQFHSQD
SAIDKPFIIDMQKAYTIEKLELLFRKNGNGSVKRAEIYSSLDGVTYEKVFSNAEGSDIAPWATDGEVKTINFNKPIKVRY
FKIVTKESIGNFLAMREFRPYK
;
_entity_poly.pdbx_strand_id                 A 
_entity_poly.pdbx_target_identifier         ? 
# 
loop_
_entity_poly_seq.entity_id 
_entity_poly_seq.num 
_entity_poly_seq.mon_id 
_entity_poly_seq.hetero 
1 1   MET n 
1 2   HIS n 
1 3   HIS n 
1 4   HIS n 
1 5   HIS n 
1 6   HIS n 
1 7   HIS n 
1 8   ILE n 
1 9   THR n 
1 10  SER n 
1 11  LEU n 
1 12  TYR n 
1 13  LYS n 
1 14  LYS n 
1 15  ALA n 
1 16  GLY n 
1 17  SER n 
1 18  GLU n 
1 19  PHE n 
1 20  ALA n 
1 21  LEU n 
1 22  VAL n 
1 23  ASN n 
1 24  LYS n 
1 25  ASP n 
1 26  GLY n 
1 27  HIS n 
1 28  SER n 
1 29  ASN n 
1 30  TRP n 
1 31  SER n 
1 32  GLU n 
1 33  LEU n 
1 34  ILE n 
1 35  LYS n 
1 36  VAL n 
1 37  LYS n 
1 38  THR n 
1 39  ASP n 
1 40  LEU n 
1 41  ASP n 
1 42  PRO n 
1 43  TYR n 
1 44  ARG n 
1 45  ASN n 
1 46  VAL n 
1 47  PRO n 
1 48  LYS n 
1 49  ASP n 
1 50  MET n 
1 51  LYS n 
1 52  THR n 
1 53  GLU n 
1 54  TRP n 
1 55  LYS n 
1 56  TRP n 
1 57  GLY n 
1 58  GLN n 
1 59  TYR n 
1 60  SER n 
1 61  SER n 
1 62  ASP n 
1 63  GLU n 
1 64  PRO n 
1 65  SER n 
1 66  LYS n 
1 67  ALA n 
1 68  VAL n 
1 69  ASP n 
1 70  GLY n 
1 71  ASP n 
1 72  ASP n 
1 73  SER n 
1 74  SER n 
1 75  GLN n 
1 76  PHE n 
1 77  HIS n 
1 78  SER n 
1 79  GLN n 
1 80  ASP n 
1 81  SER n 
1 82  ALA n 
1 83  ILE n 
1 84  ASP n 
1 85  LYS n 
1 86  PRO n 
1 87  PHE n 
1 88  ILE n 
1 89  ILE n 
1 90  ASP n 
1 91  MET n 
1 92  GLN n 
1 93  LYS n 
1 94  ALA n 
1 95  TYR n 
1 96  THR n 
1 97  ILE n 
1 98  GLU n 
1 99  LYS n 
1 100 LEU n 
1 101 GLU n 
1 102 LEU n 
1 103 LEU n 
1 104 PHE n 
1 105 ARG n 
1 106 LYS n 
1 107 ASN n 
1 108 GLY n 
1 109 ASN n 
1 110 GLY n 
1 111 SER n 
1 112 VAL n 
1 113 LYS n 
1 114 ARG n 
1 115 ALA n 
1 116 GLU n 
1 117 ILE n 
1 118 TYR n 
1 119 SER n 
1 120 SER n 
1 121 LEU n 
1 122 ASP n 
1 123 GLY n 
1 124 VAL n 
1 125 THR n 
1 126 TYR n 
1 127 GLU n 
1 128 LYS n 
1 129 VAL n 
1 130 PHE n 
1 131 SER n 
1 132 ASN n 
1 133 ALA n 
1 134 GLU n 
1 135 GLY n 
1 136 SER n 
1 137 ASP n 
1 138 ILE n 
1 139 ALA n 
1 140 PRO n 
1 141 TRP n 
1 142 ALA n 
1 143 THR n 
1 144 ASP n 
1 145 GLY n 
1 146 GLU n 
1 147 VAL n 
1 148 LYS n 
1 149 THR n 
1 150 ILE n 
1 151 ASN n 
1 152 PHE n 
1 153 ASN n 
1 154 LYS n 
1 155 PRO n 
1 156 ILE n 
1 157 LYS n 
1 158 VAL n 
1 159 ARG n 
1 160 TYR n 
1 161 PHE n 
1 162 LYS n 
1 163 ILE n 
1 164 VAL n 
1 165 THR n 
1 166 LYS n 
1 167 GLU n 
1 168 SER n 
1 169 ILE n 
1 170 GLY n 
1 171 ASN n 
1 172 PHE n 
1 173 LEU n 
1 174 ALA n 
1 175 MET n 
1 176 ARG n 
1 177 GLU n 
1 178 PHE n 
1 179 ARG n 
1 180 PRO n 
1 181 TYR n 
1 182 LYS n 
# 
_entity_src_gen.entity_id                          1 
_entity_src_gen.pdbx_src_id                        1 
_entity_src_gen.pdbx_alt_source_flag               sample 
_entity_src_gen.pdbx_seq_type                      ? 
_entity_src_gen.pdbx_beg_seq_num                   ? 
_entity_src_gen.pdbx_end_seq_num                   ? 
_entity_src_gen.gene_src_common_name               ? 
_entity_src_gen.gene_src_genus                     ? 
_entity_src_gen.pdbx_gene_src_gene                 CPF_1301 
_entity_src_gen.gene_src_species                   ? 
_entity_src_gen.gene_src_strain                    'ATCC 13124 / NCTC 8237 / Type A' 
_entity_src_gen.gene_src_tissue                    ? 
_entity_src_gen.gene_src_tissue_fraction           ? 
_entity_src_gen.gene_src_details                   ? 
_entity_src_gen.pdbx_gene_src_fragment             ? 
_entity_src_gen.pdbx_gene_src_scientific_name      'Clostridium perfringens' 
_entity_src_gen.pdbx_gene_src_ncbi_taxonomy_id     195103 
_entity_src_gen.pdbx_gene_src_variant              ? 
_entity_src_gen.pdbx_gene_src_cell_line            ? 
_entity_src_gen.pdbx_gene_src_atcc                 ? 
_entity_src_gen.pdbx_gene_src_organ                ? 
_entity_src_gen.pdbx_gene_src_organelle            ? 
_entity_src_gen.pdbx_gene_src_cell                 ? 
_entity_src_gen.pdbx_gene_src_cellular_location    ? 
_entity_src_gen.host_org_common_name               ? 
_entity_src_gen.pdbx_host_org_scientific_name      'Escherichia coli' 
_entity_src_gen.pdbx_host_org_ncbi_taxonomy_id     562 
_entity_src_gen.host_org_genus                     ? 
_entity_src_gen.pdbx_host_org_gene                 ? 
_entity_src_gen.pdbx_host_org_organ                ? 
_entity_src_gen.host_org_species                   ? 
_entity_src_gen.pdbx_host_org_tissue               ? 
_entity_src_gen.pdbx_host_org_tissue_fraction      ? 
_entity_src_gen.pdbx_host_org_strain               ? 
_entity_src_gen.pdbx_host_org_variant              ? 
_entity_src_gen.pdbx_host_org_cell_line            ? 
_entity_src_gen.pdbx_host_org_atcc                 ? 
_entity_src_gen.pdbx_host_org_culture_collection   ? 
_entity_src_gen.pdbx_host_org_cell                 ? 
_entity_src_gen.pdbx_host_org_organelle            ? 
_entity_src_gen.pdbx_host_org_cellular_location    ? 
_entity_src_gen.pdbx_host_org_vector_type          ? 
_entity_src_gen.pdbx_host_org_vector               ? 
_entity_src_gen.host_org_details                   ? 
_entity_src_gen.expression_system_id               ? 
_entity_src_gen.plasmid_name                       ? 
_entity_src_gen.plasmid_details                    ? 
_entity_src_gen.pdbx_description                   ? 
# 
_struct_ref.id                         1 
_struct_ref.db_name                    UNP 
_struct_ref.db_code                    Q0TRJ3_CLOP1 
_struct_ref.pdbx_db_accession          Q0TRJ3 
_struct_ref.entity_id                  1 
_struct_ref.pdbx_seq_one_letter_code   
;VNKDGHSNWSELIKVKTDLDPYRNVPKDMKTEWKWGQYSSDEPSKAVDGDDSSQFHSQDSAIDKPFIIDMQKAYTIEKLE
LLFRKNGNGSVKRAEIYSSLDGVTYEKVFSNAEGSDIAPWATDGEVKTINFNKPIKVRYFKIVTKESIGNFLAMREFRPY
K
;
_struct_ref.pdbx_align_begin           935 
_struct_ref.pdbx_db_isoform            ? 
# 
_struct_ref_seq.align_id                      1 
_struct_ref_seq.ref_id                        1 
_struct_ref_seq.pdbx_PDB_id_code              4LPL 
_struct_ref_seq.pdbx_strand_id                A 
_struct_ref_seq.seq_align_beg                 22 
_struct_ref_seq.pdbx_seq_align_beg_ins_code   ? 
_struct_ref_seq.seq_align_end                 182 
_struct_ref_seq.pdbx_seq_align_end_ins_code   ? 
_struct_ref_seq.pdbx_db_accession             Q0TRJ3 
_struct_ref_seq.db_align_beg                  935 
_struct_ref_seq.pdbx_db_align_beg_ins_code    ? 
_struct_ref_seq.db_align_end                  1095 
_struct_ref_seq.pdbx_db_align_end_ins_code    ? 
_struct_ref_seq.pdbx_auth_seq_align_beg       935 
_struct_ref_seq.pdbx_auth_seq_align_end       1095 
# 
loop_
_struct_ref_seq_dif.align_id 
_struct_ref_seq_dif.pdbx_pdb_id_code 
_struct_ref_seq_dif.mon_id 
_struct_ref_seq_dif.pdbx_pdb_strand_id 
_struct_ref_seq_dif.seq_num 
_struct_ref_seq_dif.pdbx_pdb_ins_code 
_struct_ref_seq_dif.pdbx_seq_db_name 
_struct_ref_seq_dif.pdbx_seq_db_accession_code 
_struct_ref_seq_dif.db_mon_id 
_struct_ref_seq_dif.pdbx_seq_db_seq_num 
_struct_ref_seq_dif.details 
_struct_ref_seq_dif.pdbx_auth_seq_num 
_struct_ref_seq_dif.pdbx_ordinal 
1 4LPL MET A 1  ? UNP Q0TRJ3 ? ? 'expression tag' 914 1  
1 4LPL HIS A 2  ? UNP Q0TRJ3 ? ? 'expression tag' 915 2  
1 4LPL HIS A 3  ? UNP Q0TRJ3 ? ? 'expression tag' 916 3  
1 4LPL HIS A 4  ? UNP Q0TRJ3 ? ? 'expression tag' 917 4  
1 4LPL HIS A 5  ? UNP Q0TRJ3 ? ? 'expression tag' 918 5  
1 4LPL HIS A 6  ? UNP Q0TRJ3 ? ? 'expression tag' 919 6  
1 4LPL HIS A 7  ? UNP Q0TRJ3 ? ? 'expression tag' 920 7  
1 4LPL ILE A 8  ? UNP Q0TRJ3 ? ? 'expression tag' 921 8  
1 4LPL THR A 9  ? UNP Q0TRJ3 ? ? 'expression tag' 922 9  
1 4LPL SER A 10 ? UNP Q0TRJ3 ? ? 'expression tag' 923 10 
1 4LPL LEU A 11 ? UNP Q0TRJ3 ? ? 'expression tag' 924 11 
1 4LPL TYR A 12 ? UNP Q0TRJ3 ? ? 'expression tag' 925 12 
1 4LPL LYS A 13 ? UNP Q0TRJ3 ? ? 'expression tag' 926 13 
1 4LPL LYS A 14 ? UNP Q0TRJ3 ? ? 'expression tag' 927 14 
1 4LPL ALA A 15 ? UNP Q0TRJ3 ? ? 'expression tag' 928 15 
1 4LPL GLY A 16 ? UNP Q0TRJ3 ? ? 'expression tag' 929 16 
1 4LPL SER A 17 ? UNP Q0TRJ3 ? ? 'expression tag' 930 17 
1 4LPL GLU A 18 ? UNP Q0TRJ3 ? ? 'expression tag' 931 18 
1 4LPL PHE A 19 ? UNP Q0TRJ3 ? ? 'expression tag' 932 19 
1 4LPL ALA A 20 ? UNP Q0TRJ3 ? ? 'expression tag' 933 20 
1 4LPL LEU A 21 ? UNP Q0TRJ3 ? ? 'expression tag' 934 21 
# 
loop_
_chem_comp.id 
_chem_comp.type 
_chem_comp.mon_nstd_flag 
_chem_comp.name 
_chem_comp.pdbx_synonyms 
_chem_comp.formula 
_chem_comp.formula_weight 
ALA 'L-peptide linking' y ALANINE         ? 'C3 H7 N O2'     89.093  
ARG 'L-peptide linking' y ARGININE        ? 'C6 H15 N4 O2 1' 175.209 
ASN 'L-peptide linking' y ASPARAGINE      ? 'C4 H8 N2 O3'    132.118 
ASP 'L-peptide linking' y 'ASPARTIC ACID' ? 'C4 H7 N O4'     133.103 
CA  non-polymer         . 'CALCIUM ION'   ? 'Ca 2'           40.078  
GLN 'L-peptide linking' y GLUTAMINE       ? 'C5 H10 N2 O3'   146.144 
GLU 'L-peptide linking' y 'GLUTAMIC ACID' ? 'C5 H9 N O4'     147.129 
GLY 'peptide linking'   y GLYCINE         ? 'C2 H5 N O2'     75.067  
HIS 'L-peptide linking' y HISTIDINE       ? 'C6 H10 N3 O2 1' 156.162 
HOH non-polymer         . WATER           ? 'H2 O'           18.015  
ILE 'L-peptide linking' y ISOLEUCINE      ? 'C6 H13 N O2'    131.173 
LEU 'L-peptide linking' y LEUCINE         ? 'C6 H13 N O2'    131.173 
LYS 'L-peptide linking' y LYSINE          ? 'C6 H15 N2 O2 1' 147.195 
MET 'L-peptide linking' y METHIONINE      ? 'C5 H11 N O2 S'  149.211 
MG  non-polymer         . 'MAGNESIUM ION' ? 'Mg 2'           24.305  
PHE 'L-peptide linking' y PHENYLALANINE   ? 'C9 H11 N O2'    165.189 
PRO 'L-peptide linking' y PROLINE         ? 'C5 H9 N O2'     115.130 
SER 'L-peptide linking' y SERINE          ? 'C3 H7 N O3'     105.093 
THR 'L-peptide linking' y THREONINE       ? 'C4 H9 N O3'     119.119 
TRP 'L-peptide linking' y TRYPTOPHAN      ? 'C11 H12 N2 O2'  204.225 
TYR 'L-peptide linking' y TYROSINE        ? 'C9 H11 N O3'    181.189 
VAL 'L-peptide linking' y VALINE          ? 'C5 H11 N O2'    117.146 
# 
_exptl.crystals_number   1 
_exptl.entry_id          4LPL 
_exptl.method            'X-RAY DIFFRACTION' 
# 
_exptl_crystal.id                    1 
_exptl_crystal.density_Matthews      1.93 
_exptl_crystal.density_meas          ? 
_exptl_crystal.density_percent_sol   35.9 
_exptl_crystal.description           ? 
_exptl_crystal.F_000                 ? 
_exptl_crystal.preparation           ? 
# 
_exptl_crystal_grow.crystal_id      1 
_exptl_crystal_grow.method          'VAPOR DIFFUSION, HANGING DROP' 
_exptl_crystal_grow.pH              8.0 
_exptl_crystal_grow.temp            298 
_exptl_crystal_grow.temp_details    ? 
_exptl_crystal_grow.pdbx_details    
;32% PEG 4000, 225mM MgCl2  
100mM Tris, pH 8.0, VAPOR DIFFUSION, HANGING DROP, temperature 298K
;
_exptl_crystal_grow.pdbx_pH_range   ? 
# 
_diffrn.id                     1 
_diffrn.ambient_temp           93.15 
_diffrn.ambient_temp_details   ? 
_diffrn.crystal_id             1 
# 
_diffrn_detector.diffrn_id              1 
_diffrn_detector.detector               CCD 
_diffrn_detector.type                   'MARMOSAIC 300 mm CCD' 
_diffrn_detector.pdbx_collection_date   2010-07-16 
_diffrn_detector.details                ? 
# 
_diffrn_radiation.diffrn_id                        1 
_diffrn_radiation.wavelength_id                    1 
_diffrn_radiation.pdbx_diffrn_protocol             'SINGLE WAVELENGTH' 
_diffrn_radiation.monochromator                    'Si (III) double crystal cryo-cooled' 
_diffrn_radiation.pdbx_monochromatic_or_laue_m_l   M 
_diffrn_radiation.pdbx_scattering_type             x-ray 
# 
_diffrn_radiation_wavelength.id           1 
_diffrn_radiation_wavelength.wavelength   1.033 
_diffrn_radiation_wavelength.wt           1.0 
# 
_diffrn_source.diffrn_id                   1 
_diffrn_source.source                      SYNCHROTRON 
_diffrn_source.type                        'APS BEAMLINE 23-ID-B' 
_diffrn_source.pdbx_wavelength             ? 
_diffrn_source.pdbx_wavelength_list        1.033 
_diffrn_source.pdbx_synchrotron_site       APS 
_diffrn_source.pdbx_synchrotron_beamline   23-ID-B 
# 
_reflns.entry_id                     4LPL 
_reflns.observed_criterion_sigma_F   ? 
_reflns.observed_criterion_sigma_I   ? 
_reflns.d_resolution_high            1.35 
_reflns.d_resolution_low             30.00 
_reflns.number_all                   ? 
_reflns.number_obs                   30335 
_reflns.percent_possible_obs         98.9 
_reflns.pdbx_Rmerge_I_obs            0.063 
_reflns.pdbx_Rsym_value              ? 
_reflns.pdbx_netI_over_sigmaI        28.9 
_reflns.B_iso_Wilson_estimate        ? 
_reflns.pdbx_redundancy              11.0 
_reflns.R_free_details               ? 
_reflns.limit_h_max                  ? 
_reflns.limit_h_min                  ? 
_reflns.limit_k_max                  ? 
_reflns.limit_k_min                  ? 
_reflns.limit_l_max                  ? 
_reflns.limit_l_min                  ? 
_reflns.observed_criterion_F_max     ? 
_reflns.observed_criterion_F_min     ? 
_reflns.pdbx_chi_squared             ? 
_reflns.pdbx_scaling_rejects         ? 
_reflns.pdbx_ordinal                 1 
_reflns.pdbx_diffrn_id               1 
# 
loop_
_reflns_shell.d_res_high 
_reflns_shell.d_res_low 
_reflns_shell.percent_possible_obs 
_reflns_shell.percent_possible_all 
_reflns_shell.Rmerge_I_obs 
_reflns_shell.meanI_over_sigI_obs 
_reflns_shell.pdbx_Rsym_value 
_reflns_shell.pdbx_redundancy 
_reflns_shell.number_unique_all 
_reflns_shell.number_measured_all 
_reflns_shell.number_measured_obs 
_reflns_shell.number_unique_obs 
_reflns_shell.pdbx_chi_squared 
_reflns_shell.pdbx_ordinal 
_reflns_shell.pdbx_diffrn_id 
1.35 1.40  ? 97.7   0.449 ? ? 5.1 2971 ? ? ? ? 1  1 
1.40 1.45  ? 99.7   0.365 ? ? 5.5 3017 ? ? ? ? 2  1 
1.45 1.52  ? 99.5   0.308 ? ? 5.6 3000 ? ? ? ? 3  1 
1.52 1.60  ? 99.8   0.221 ? ? 5.6 3008 ? ? ? ? 4  1 
1.60 1.70  ? 99.9   0.148 ? ? 5.7 3051 ? ? ? ? 5  1 
1.70 1.83  ? 100.00 0.110 ? ? 5.7 3034 ? ? ? ? 6  1 
1.83 2.02  ? 99.9   0.072 ? ? 5.8 3075 ? ? ? ? 7  1 
2.02 2.31  ? 99.7   0.066 ? ? 5.9 3067 ? ? ? ? 8  1 
2.31 2.91  ? 98.8   0.054 ? ? 5.9 3065 ? ? ? ? 9  1 
2.91 30.00 ? 94.2   0.044 ? ? 5.8 3047 ? ? ? ? 10 1 
# 
_refine.entry_id                                 4LPL 
_refine.ls_d_res_high                            1.35 
_refine.ls_d_res_low                             23.6370 
_refine.pdbx_ls_sigma_F                          0.100 
_refine.pdbx_data_cutoff_high_absF               ? 
_refine.pdbx_data_cutoff_low_absF                ? 
_refine.ls_percent_reflns_obs                    95.7600 
_refine.ls_number_reflns_obs                     29352 
_refine.ls_number_reflns_all                     ? 
_refine.pdbx_ls_cross_valid_method               ? 
_refine.pdbx_R_Free_selection_details            ? 
_refine.details                                  ? 
_refine.ls_R_factor_all                          ? 
_refine.ls_R_factor_obs                          0.1888 
_refine.ls_R_factor_R_work                       0.1878 
_refine.ls_wR_factor_R_work                      ? 
_refine.ls_R_factor_R_free                       0.2073 
_refine.ls_wR_factor_R_free                      ? 
_refine.ls_percent_reflns_R_free                 5.0600 
_refine.ls_number_reflns_R_free                  1485 
_refine.ls_R_factor_R_free_error                 ? 
_refine.B_iso_mean                               16.0366 
_refine.solvent_model_param_bsol                 40.4740 
_refine.solvent_model_param_ksol                 0.3990 
_refine.pdbx_isotropic_thermal_model             ? 
_refine.aniso_B[1][1]                            4.4380 
_refine.aniso_B[2][2]                            -2.8207 
_refine.aniso_B[3][3]                            -1.6173 
_refine.aniso_B[1][2]                            -0.0000 
_refine.aniso_B[1][3]                            -0.0000 
_refine.aniso_B[2][3]                            0.0000 
_refine.correlation_coeff_Fo_to_Fc               ? 
_refine.correlation_coeff_Fo_to_Fc_free          ? 
_refine.overall_SU_R_Cruickshank_DPI             ? 
_refine.overall_SU_R_free                        ? 
_refine.pdbx_overall_ESU_R                       ? 
_refine.pdbx_overall_ESU_R_Free                  ? 
_refine.overall_SU_ML                            0.1200 
_refine.overall_SU_B                             ? 
_refine.solvent_model_details                    'FLAT BULK SOLVENT MODEL' 
_refine.pdbx_solvent_vdw_probe_radii             1.1100 
_refine.pdbx_solvent_ion_probe_radii             ? 
_refine.pdbx_solvent_shrinkage_radii             0.9000 
_refine.ls_number_parameters                     ? 
_refine.ls_number_restraints                     ? 
_refine.pdbx_starting_model                      'PDB ENTRY 2J1A' 
_refine.pdbx_method_to_determine_struct          'MOLECULAR REPLACEMENT' 
_refine.pdbx_stereochemistry_target_values       ML 
_refine.pdbx_stereochem_target_val_spec_case     ? 
_refine.overall_FOM_work_R_set                   ? 
_refine.B_iso_max                                43.800 
_refine.B_iso_min                                6.370 
_refine.pdbx_overall_phase_error                 19.8500 
_refine.occupancy_max                            1.000 
_refine.occupancy_min                            0.010 
_refine.pdbx_ls_sigma_I                          ? 
_refine.ls_redundancy_reflns_obs                 ? 
_refine.ls_R_factor_R_free_error_details         ? 
_refine.pdbx_data_cutoff_high_rms_absF           ? 
_refine.overall_FOM_free_R_set                   ? 
_refine.pdbx_diffrn_id                           1 
_refine.pdbx_refine_id                           'X-RAY DIFFRACTION' 
_refine.pdbx_TLS_residual_ADP_flag               ? 
_refine.pdbx_overall_SU_R_free_Cruickshank_DPI   ? 
_refine.pdbx_overall_SU_R_Blow_DPI               ? 
_refine.pdbx_overall_SU_R_free_Blow_DPI          ? 
# 
_refine_hist.pdbx_refine_id                   'X-RAY DIFFRACTION' 
_refine_hist.cycle_id                         LAST 
_refine_hist.pdbx_number_atoms_protein        1146 
_refine_hist.pdbx_number_atoms_nucleic_acid   0 
_refine_hist.pdbx_number_atoms_ligand         2 
_refine_hist.number_atoms_solvent             114 
_refine_hist.number_atoms_total               1262 
_refine_hist.d_res_high                       1.35 
_refine_hist.d_res_low                        23.6370 
# 
loop_
_refine_ls_restr.type 
_refine_ls_restr.dev_ideal 
_refine_ls_restr.dev_ideal_target 
_refine_ls_restr.number 
_refine_ls_restr.weight 
_refine_ls_restr.pdbx_restraint_function 
_refine_ls_restr.pdbx_refine_id 
f_bond_d           0.006   ? ? ? ? 'X-RAY DIFFRACTION' 
f_angle_d          1.066   ? ? ? ? 'X-RAY DIFFRACTION' 
f_chiral_restr     0.076   ? ? ? ? 'X-RAY DIFFRACTION' 
f_plane_restr      0.004   ? ? ? ? 'X-RAY DIFFRACTION' 
f_dihedral_angle_d 12.7424 ? ? ? ? 'X-RAY DIFFRACTION' 
# 
loop_
_refine_ls_shell.d_res_high 
_refine_ls_shell.d_res_low 
_refine_ls_shell.number_reflns_obs 
_refine_ls_shell.number_reflns_R_free 
_refine_ls_shell.R_factor_R_work 
_refine_ls_shell.R_factor_R_free 
_refine_ls_shell.R_factor_R_free_error 
_refine_ls_shell.percent_reflns_obs 
_refine_ls_shell.percent_reflns_R_free 
_refine_ls_shell.pdbx_total_number_of_bins_used 
_refine_ls_shell.number_reflns_R_work 
_refine_ls_shell.redundancy_reflns_obs 
_refine_ls_shell.number_reflns_all 
_refine_ls_shell.R_factor_all 
_refine_ls_shell.pdbx_refine_id 
1.35 1.40  . 123 0.2272 0.2690 . 87  . . . . . . 'X-RAY DIFFRACTION' 
1.40 1.45  . 127 0.2033 0.2470 . 91  . . . . . . 'X-RAY DIFFRACTION' 
1.45 1.52  . 120 0.1909 0.2281 . 96  . . . . . . 'X-RAY DIFFRACTION' 
1.52 1.60  . 110 0.1862 0.2037 . 97  . . . . . . 'X-RAY DIFFRACTION' 
1.60 1.70  . 155 0.1763 0.2079 . 98  . . . . . . 'X-RAY DIFFRACTION' 
1.70 1.83  . 144 0.1862 0.2145 . 99  . . . . . . 'X-RAY DIFFRACTION' 
1.83 2.02  . 124 0.1750 0.1937 . 100 . . . . . . 'X-RAY DIFFRACTION' 
2.02 2.31  . 156 0.1744 0.2060 . 99  . . . . . . 'X-RAY DIFFRACTION' 
2.31 2.91  . 143 0.1991 0.2013 . 99  . . . . . . 'X-RAY DIFFRACTION' 
2.91 30.00 . 143 0.1838 0.1952 . 94  . . . . . . 'X-RAY DIFFRACTION' 
# 
_struct.entry_id                  4LPL 
_struct.title                     'Structure of CBM32-1 from a family 31 glycoside hydrolase from Clostridium perfringens' 
_struct.pdbx_model_details        ? 
_struct.pdbx_CASP_flag            ? 
_struct.pdbx_model_type_details   ? 
# 
_struct_keywords.entry_id        4LPL 
_struct_keywords.pdbx_keywords   'SUGAR BINDING PROTEIN' 
_struct_keywords.text            'B-sandwich, carbohydrate-binding, SUGAR BINDING PROTEIN' 
# 
loop_
_struct_asym.id 
_struct_asym.pdbx_blank_PDB_chainid_flag 
_struct_asym.pdbx_modified 
_struct_asym.entity_id 
_struct_asym.details 
A N N 1 ? 
B N N 2 ? 
C N N 3 ? 
D N N 4 ? 
# 
_struct_biol.id        1 
_struct_biol.details   ? 
# 
loop_
_struct_conf.conf_type_id 
_struct_conf.id 
_struct_conf.pdbx_PDB_helix_id 
_struct_conf.beg_label_comp_id 
_struct_conf.beg_label_asym_id 
_struct_conf.beg_label_seq_id 
_struct_conf.pdbx_beg_PDB_ins_code 
_struct_conf.end_label_comp_id 
_struct_conf.end_label_asym_id 
_struct_conf.end_label_seq_id 
_struct_conf.pdbx_end_PDB_ins_code 
_struct_conf.beg_auth_comp_id 
_struct_conf.beg_auth_asym_id 
_struct_conf.beg_auth_seq_id 
_struct_conf.end_auth_comp_id 
_struct_conf.end_auth_asym_id 
_struct_conf.end_auth_seq_id 
_struct_conf.pdbx_PDB_helix_class 
_struct_conf.details 
_struct_conf.pdbx_PDB_helix_length 
HELX_P HELX_P1 1 GLU A 63  ? VAL A 68  ? GLU A 976  VAL A 981  5 ? 6 
HELX_P HELX_P2 2 GLY A 170 ? PHE A 172 ? GLY A 1083 PHE A 1085 5 ? 3 
# 
_struct_conf_type.id          HELX_P 
_struct_conf_type.criteria    ? 
_struct_conf_type.reference   ? 
# 
loop_
_struct_conn.id 
_struct_conn.conn_type_id 
_struct_conn.pdbx_leaving_atom_flag 
_struct_conn.pdbx_PDB_id 
_struct_conn.ptnr1_label_asym_id 
_struct_conn.ptnr1_label_comp_id 
_struct_conn.ptnr1_label_seq_id 
_struct_conn.ptnr1_label_atom_id 
_struct_conn.pdbx_ptnr1_label_alt_id 
_struct_conn.pdbx_ptnr1_PDB_ins_code 
_struct_conn.pdbx_ptnr1_standard_comp_id 
_struct_conn.ptnr1_symmetry 
_struct_conn.ptnr2_label_asym_id 
_struct_conn.ptnr2_label_comp_id 
_struct_conn.ptnr2_label_seq_id 
_struct_conn.ptnr2_label_atom_id 
_struct_conn.pdbx_ptnr2_label_alt_id 
_struct_conn.pdbx_ptnr2_PDB_ins_code 
_struct_conn.ptnr1_auth_asym_id 
_struct_conn.ptnr1_auth_comp_id 
_struct_conn.ptnr1_auth_seq_id 
_struct_conn.ptnr2_auth_asym_id 
_struct_conn.ptnr2_auth_comp_id 
_struct_conn.ptnr2_auth_seq_id 
_struct_conn.ptnr2_symmetry 
_struct_conn.pdbx_ptnr3_label_atom_id 
_struct_conn.pdbx_ptnr3_label_seq_id 
_struct_conn.pdbx_ptnr3_label_comp_id 
_struct_conn.pdbx_ptnr3_label_asym_id 
_struct_conn.pdbx_ptnr3_label_alt_id 
_struct_conn.pdbx_ptnr3_PDB_ins_code 
_struct_conn.details 
_struct_conn.pdbx_dist_value 
_struct_conn.pdbx_value_order 
_struct_conn.pdbx_role 
metalc1  metalc ? ? A LYS 66  O   ? ? ? 1_555 B CA  . CA ? ? A LYS 979  A CA  1101 1_555 ? ? ? ? ? ? ? 2.290 ? ? 
metalc2  metalc ? ? A ASP 69  OD1 ? ? ? 1_555 B CA  . CA ? ? A ASP 982  A CA  1101 1_555 ? ? ? ? ? ? ? 2.448 ? ? 
metalc3  metalc ? ? A ASP 71  O   ? ? ? 1_555 B CA  . CA ? ? A ASP 984  A CA  1101 1_555 ? ? ? ? ? ? ? 2.310 ? ? 
metalc4  metalc ? ? A SER 74  O   ? ? ? 1_555 B CA  . CA ? ? A SER 987  A CA  1101 1_555 ? ? ? ? ? ? ? 2.442 ? ? 
metalc5  metalc ? ? A SER 74  OG  ? ? ? 1_555 B CA  . CA ? ? A SER 987  A CA  1101 1_555 ? ? ? ? ? ? ? 2.538 ? ? 
metalc6  metalc ? ? A THR 96  O   ? ? ? 1_555 C MG  . MG ? ? A THR 1009 A MG  1102 1_555 ? ? ? ? ? ? ? 2.058 ? ? 
metalc7  metalc ? ? A THR 96  OG1 ? ? ? 1_555 C MG  . MG ? ? A THR 1009 A MG  1102 1_555 ? ? ? ? ? ? ? 2.173 ? ? 
metalc8  metalc ? ? A ARG 176 O   ? ? ? 1_555 B CA  . CA ? ? A ARG 1089 A CA  1101 1_555 ? ? ? ? ? ? ? 2.353 ? ? 
metalc9  metalc ? ? A GLU 177 OE2 ? ? ? 1_555 B CA  . CA ? ? A GLU 1090 A CA  1101 1_555 ? ? ? ? ? ? ? 2.329 ? ? 
metalc10 metalc ? ? A LYS 182 O   ? ? ? 1_555 C MG  . MG ? ? A LYS 1095 A MG  1102 1_555 ? ? ? ? ? ? ? 2.082 ? ? 
metalc11 metalc ? ? C MG  .   MG  ? ? ? 1_555 D HOH . O  ? ? A MG  1102 A HOH 1263 1_555 ? ? ? ? ? ? ? 2.045 ? ? 
# 
_struct_conn_type.id          metalc 
_struct_conn_type.criteria    ? 
_struct_conn_type.reference   ? 
# 
loop_
_struct_sheet.id 
_struct_sheet.type 
_struct_sheet.number_strands 
_struct_sheet.details 
A ? 4 ? 
B ? 5 ? 
# 
loop_
_struct_sheet_order.sheet_id 
_struct_sheet_order.range_id_1 
_struct_sheet_order.range_id_2 
_struct_sheet_order.offset 
_struct_sheet_order.sense 
A 1 2 ? anti-parallel 
A 2 3 ? anti-parallel 
A 3 4 ? anti-parallel 
B 1 2 ? anti-parallel 
B 2 3 ? anti-parallel 
B 3 4 ? anti-parallel 
B 4 5 ? anti-parallel 
# 
loop_
_struct_sheet_range.sheet_id 
_struct_sheet_range.id 
_struct_sheet_range.beg_label_comp_id 
_struct_sheet_range.beg_label_asym_id 
_struct_sheet_range.beg_label_seq_id 
_struct_sheet_range.pdbx_beg_PDB_ins_code 
_struct_sheet_range.end_label_comp_id 
_struct_sheet_range.end_label_asym_id 
_struct_sheet_range.end_label_seq_id 
_struct_sheet_range.pdbx_end_PDB_ins_code 
_struct_sheet_range.beg_auth_comp_id 
_struct_sheet_range.beg_auth_asym_id 
_struct_sheet_range.beg_auth_seq_id 
_struct_sheet_range.end_auth_comp_id 
_struct_sheet_range.end_auth_asym_id 
_struct_sheet_range.end_auth_seq_id 
A 1 LYS A 51  ? GLU A 53  ? LYS A 964  GLU A 966  
A 2 PRO A 86  ? PHE A 104 ? PRO A 999  PHE A 1017 
A 3 ALA A 174 ? TYR A 181 ? ALA A 1087 TYR A 1094 
A 4 PHE A 76  ? HIS A 77  ? PHE A 989  HIS A 990  
B 1 LYS A 51  ? GLU A 53  ? LYS A 964  GLU A 966  
B 2 PRO A 86  ? PHE A 104 ? PRO A 999  PHE A 1017 
B 3 LYS A 148 ? SER A 168 ? LYS A 1061 SER A 1081 
B 4 VAL A 112 ? SER A 120 ? VAL A 1025 SER A 1033 
B 5 GLU A 127 ? SER A 131 ? GLU A 1040 SER A 1044 
# 
loop_
_pdbx_struct_sheet_hbond.sheet_id 
_pdbx_struct_sheet_hbond.range_id_1 
_pdbx_struct_sheet_hbond.range_id_2 
_pdbx_struct_sheet_hbond.range_1_label_atom_id 
_pdbx_struct_sheet_hbond.range_1_label_comp_id 
_pdbx_struct_sheet_hbond.range_1_label_asym_id 
_pdbx_struct_sheet_hbond.range_1_label_seq_id 
_pdbx_struct_sheet_hbond.range_1_PDB_ins_code 
_pdbx_struct_sheet_hbond.range_1_auth_atom_id 
_pdbx_struct_sheet_hbond.range_1_auth_comp_id 
_pdbx_struct_sheet_hbond.range_1_auth_asym_id 
_pdbx_struct_sheet_hbond.range_1_auth_seq_id 
_pdbx_struct_sheet_hbond.range_2_label_atom_id 
_pdbx_struct_sheet_hbond.range_2_label_comp_id 
_pdbx_struct_sheet_hbond.range_2_label_asym_id 
_pdbx_struct_sheet_hbond.range_2_label_seq_id 
_pdbx_struct_sheet_hbond.range_2_PDB_ins_code 
_pdbx_struct_sheet_hbond.range_2_auth_atom_id 
_pdbx_struct_sheet_hbond.range_2_auth_comp_id 
_pdbx_struct_sheet_hbond.range_2_auth_asym_id 
_pdbx_struct_sheet_hbond.range_2_auth_seq_id 
A 1 2 N LYS A 51  ? N LYS A 964  O ASP A 90  ? O ASP A 1003 
A 2 3 N GLU A 98  ? N GLU A 1011 O TYR A 181 ? O TYR A 1094 
A 3 4 O MET A 175 ? O MET A 1088 N PHE A 76  ? N PHE A 989  
B 1 2 N LYS A 51  ? N LYS A 964  O ASP A 90  ? O ASP A 1003 
B 2 3 N LEU A 102 ? N LEU A 1015 O LYS A 148 ? O LYS A 1061 
B 3 4 O VAL A 164 ? O VAL A 1077 N GLU A 116 ? N GLU A 1029 
B 4 5 N ILE A 117 ? N ILE A 1030 O VAL A 129 ? O VAL A 1042 
# 
loop_
_struct_site.id 
_struct_site.pdbx_evidence_code 
_struct_site.pdbx_auth_asym_id 
_struct_site.pdbx_auth_comp_id 
_struct_site.pdbx_auth_seq_id 
_struct_site.pdbx_auth_ins_code 
_struct_site.pdbx_num_residues 
_struct_site.details 
AC1 Software A CA 1101 ? 6 'BINDING SITE FOR RESIDUE CA A 1101' 
AC2 Software A MG 1102 ? 5 'BINDING SITE FOR RESIDUE MG A 1102' 
# 
loop_
_struct_site_gen.id 
_struct_site_gen.site_id 
_struct_site_gen.pdbx_num_res 
_struct_site_gen.label_comp_id 
_struct_site_gen.label_asym_id 
_struct_site_gen.label_seq_id 
_struct_site_gen.pdbx_auth_ins_code 
_struct_site_gen.auth_comp_id 
_struct_site_gen.auth_asym_id 
_struct_site_gen.auth_seq_id 
_struct_site_gen.label_atom_id 
_struct_site_gen.label_alt_id 
_struct_site_gen.symmetry 
_struct_site_gen.details 
1  AC1 6 LYS A 66  ? LYS A 979  . ? 1_555 ? 
2  AC1 6 ASP A 69  ? ASP A 982  . ? 1_555 ? 
3  AC1 6 ASP A 71  ? ASP A 984  . ? 1_555 ? 
4  AC1 6 SER A 74  ? SER A 987  . ? 1_555 ? 
5  AC1 6 ARG A 176 ? ARG A 1089 . ? 1_555 ? 
6  AC1 6 GLU A 177 ? GLU A 1090 . ? 1_555 ? 
7  AC2 5 THR A 96  ? THR A 1009 . ? 1_555 ? 
8  AC2 5 GLU A 146 ? GLU A 1059 . ? 7_454 ? 
9  AC2 5 LYS A 182 ? LYS A 1095 . ? 1_555 ? 
10 AC2 5 HOH D .   ? HOH A 1263 . ? 1_555 ? 
11 AC2 5 HOH D .   ? HOH A 1264 . ? 7_454 ? 
# 
_atom_sites.entry_id                    4LPL 
_atom_sites.fract_transf_matrix[1][1]   0.01500511 
_atom_sites.fract_transf_matrix[1][2]   0.00690721 
_atom_sites.fract_transf_matrix[1][3]   0.00709801 
_atom_sites.fract_transf_matrix[2][1]   -0.00103957 
_atom_sites.fract_transf_matrix[2][2]   -0.01170395 
_atom_sites.fract_transf_matrix[2][3]   0.01358698 
_atom_sites.fract_transf_matrix[3][1]   0.00617615 
_atom_sites.fract_transf_matrix[3][2]   -0.00737457 
_atom_sites.fract_transf_matrix[3][3]   -0.00587997 
_atom_sites.fract_transf_vector[1]      -0.295655 
_atom_sites.fract_transf_vector[2]      -0.201627 
_atom_sites.fract_transf_vector[3]      -0.125794 
# 
loop_
_atom_type.symbol 
C  
CA 
MG 
N  
O  
S  
# 
loop_
_atom_site.group_PDB 
_atom_site.id 
_atom_site.type_symbol 
_atom_site.label_atom_id 
_atom_site.label_alt_id 
_atom_site.label_comp_id 
_atom_site.label_asym_id 
_atom_site.label_entity_id 
_atom_site.label_seq_id 
_atom_site.pdbx_PDB_ins_code 
_atom_site.Cartn_x 
_atom_site.Cartn_y 
_atom_site.Cartn_z 
_atom_site.occupancy 
_atom_site.B_iso_or_equiv 
_atom_site.pdbx_formal_charge 
_atom_site.auth_seq_id 
_atom_site.auth_comp_id 
_atom_site.auth_asym_id 
_atom_site.auth_atom_id 
_atom_site.pdbx_PDB_model_num 
ATOM   1    N  N   . ASP A 1 41  ? 0.372   15.441  16.688  1.00 37.91 ? 954  ASP A N   1 
ATOM   2    C  CA  . ASP A 1 41  ? 0.755   15.385  15.281  1.00 31.74 ? 954  ASP A CA  1 
ATOM   3    C  C   . ASP A 1 41  ? -0.245  14.540  14.495  1.00 29.13 ? 954  ASP A C   1 
ATOM   4    O  O   . ASP A 1 41  ? -0.880  13.648  15.058  1.00 26.25 ? 954  ASP A O   1 
ATOM   5    C  CB  . ASP A 1 41  ? 2.174   14.825  15.131  1.00 37.14 ? 954  ASP A CB  1 
ATOM   6    C  CG  . ASP A 1 41  ? 2.311   13.424  15.686  1.00 31.58 ? 954  ASP A CG  1 
ATOM   7    O  OD1 . ASP A 1 41  ? 1.841   13.182  16.818  1.00 42.20 ? 954  ASP A OD1 1 
ATOM   8    O  OD2 . ASP A 1 41  ? 2.884   12.565  14.985  1.00 38.66 ? 954  ASP A OD2 1 
ATOM   9    N  N   . PRO A 1 42  ? -0.390  14.819  13.189  1.00 27.14 ? 955  PRO A N   1 
ATOM   10   C  CA  . PRO A 1 42  ? -1.401  14.128  12.378  1.00 27.91 ? 955  PRO A CA  1 
ATOM   11   C  C   . PRO A 1 42  ? -1.172  12.621  12.257  1.00 22.79 ? 955  PRO A C   1 
ATOM   12   O  O   . PRO A 1 42  ? -2.107  11.894  11.923  1.00 20.64 ? 955  PRO A O   1 
ATOM   13   C  CB  . PRO A 1 42  ? -1.263  14.795  11.003  1.00 27.91 ? 955  PRO A CB  1 
ATOM   14   C  CG  . PRO A 1 42  ? 0.120   15.362  10.991  1.00 28.74 ? 955  PRO A CG  1 
ATOM   15   C  CD  . PRO A 1 42  ? 0.357   15.813  12.396  1.00 32.73 ? 955  PRO A CD  1 
ATOM   16   N  N   . TYR A 1 43  ? 0.045   12.158  12.528  1.00 18.90 ? 956  TYR A N   1 
ATOM   17   C  CA  . TYR A 1 43  ? 0.381   10.756  12.324  1.00 16.26 ? 956  TYR A CA  1 
ATOM   18   C  C   . TYR A 1 43  ? 0.569   10.013  13.638  1.00 17.81 ? 956  TYR A C   1 
ATOM   19   O  O   . TYR A 1 43  ? 1.162   8.943   13.674  1.00 15.84 ? 956  TYR A O   1 
ATOM   20   C  CB  . TYR A 1 43  ? 1.638   10.635  11.455  1.00 20.37 ? 956  TYR A CB  1 
ATOM   21   C  CG  . TYR A 1 43  ? 1.510   11.328  10.117  1.00 21.34 ? 956  TYR A CG  1 
ATOM   22   C  CD1 . TYR A 1 43  ? 0.366   11.178  9.343   1.00 20.27 ? 956  TYR A CD1 1 
ATOM   23   C  CD2 . TYR A 1 43  ? 2.525   12.144  9.634   1.00 24.59 ? 956  TYR A CD2 1 
ATOM   24   C  CE1 . TYR A 1 43  ? 0.237   11.816  8.123   1.00 18.59 ? 956  TYR A CE1 1 
ATOM   25   C  CE2 . TYR A 1 43  ? 2.402   12.787  8.417   1.00 22.93 ? 956  TYR A CE2 1 
ATOM   26   C  CZ  . TYR A 1 43  ? 1.259   12.617  7.666   1.00 24.04 ? 956  TYR A CZ  1 
ATOM   27   O  OH  . TYR A 1 43  ? 1.136   13.257  6.448   1.00 26.15 ? 956  TYR A OH  1 
ATOM   28   N  N   . ARG A 1 44  ? 0.038   10.575  14.717  1.00 16.56 ? 957  ARG A N   1 
ATOM   29   C  CA  . ARG A 1 44  ? 0.212   9.988   16.041  1.00 18.02 ? 957  ARG A CA  1 
ATOM   30   C  C   . ARG A 1 44  ? -0.317  8.555   16.114  1.00 16.31 ? 957  ARG A C   1 
ATOM   31   O  O   . ARG A 1 44  ? 0.199   7.736   16.872  1.00 20.25 ? 957  ARG A O   1 
ATOM   32   C  CB  . ARG A 1 44  ? -0.464  10.860  17.109  1.00 22.42 ? 957  ARG A CB  1 
ATOM   33   C  CG  . ARG A 1 44  ? -1.968  11.008  16.939  1.00 24.59 ? 957  ARG A CG  1 
ATOM   34   C  CD  . ARG A 1 44  ? -2.559  12.006  17.934  1.00 27.37 ? 957  ARG A CD  1 
ATOM   35   N  NE  . ARG A 1 44  ? -3.995  12.177  17.723  1.00 31.48 ? 957  ARG A NE  1 
ATOM   36   C  CZ  . ARG A 1 44  ? -4.523  12.936  16.767  1.00 30.63 ? 957  ARG A CZ  1 
ATOM   37   N  NH1 . ARG A 1 44  ? -3.738  13.603  15.930  1.00 32.32 ? 957  ARG A NH1 1 
ATOM   38   N  NH2 . ARG A 1 44  ? -5.841  13.030  16.647  1.00 43.39 ? 957  ARG A NH2 1 
ATOM   39   N  N   . ASN A 1 45  ? -1.340  8.259   15.317  1.00 14.40 ? 958  ASN A N   1 
ATOM   40   C  CA  . ASN A 1 45  ? -1.981  6.947   15.353  1.00 13.62 ? 958  ASN A CA  1 
ATOM   41   C  C   . ASN A 1 45  ? -1.511  5.993   14.261  1.00 12.07 ? 958  ASN A C   1 
ATOM   42   O  O   . ASN A 1 45  ? -2.113  4.945   14.038  1.00 12.66 ? 958  ASN A O   1 
ATOM   43   C  CB  . ASN A 1 45  ? -3.502  7.095   15.295  1.00 14.76 ? 958  ASN A CB  1 
ATOM   44   C  CG  . ASN A 1 45  ? -4.081  7.600   16.600  1.00 19.55 ? 958  ASN A CG  1 
ATOM   45   O  OD1 . ASN A 1 45  ? -3.495  7.415   17.673  1.00 20.73 ? 958  ASN A OD1 1 
ATOM   46   N  ND2 . ASN A 1 45  ? -5.240  8.241   16.519  1.00 21.64 ? 958  ASN A ND2 1 
ATOM   47   N  N   . VAL A 1 46  ? -0.428  6.357   13.581  1.00 12.11 ? 959  VAL A N   1 
ATOM   48   C  CA  . VAL A 1 46  ? 0.162   5.473   12.587  1.00 12.80 ? 959  VAL A CA  1 
ATOM   49   C  C   . VAL A 1 46  ? 1.195   4.608   13.295  1.00 15.79 ? 959  VAL A C   1 
ATOM   50   O  O   . VAL A 1 46  ? 2.060   5.135   13.992  1.00 16.01 ? 959  VAL A O   1 
ATOM   51   C  CB  . VAL A 1 46  ? 0.834   6.273   11.455  1.00 13.41 ? 959  VAL A CB  1 
ATOM   52   C  CG1 . VAL A 1 46  ? 1.468   5.323   10.427  1.00 15.02 ? 959  VAL A CG1 1 
ATOM   53   C  CG2 . VAL A 1 46  ? -0.174  7.210   10.786  1.00 13.67 ? 959  VAL A CG2 1 
ATOM   54   N  N   . PRO A 1 47  ? 1.098   3.276   13.143  1.00 14.04 ? 960  PRO A N   1 
ATOM   55   C  CA  . PRO A 1 47  ? 2.028   2.382   13.841  1.00 17.02 ? 960  PRO A CA  1 
ATOM   56   C  C   . PRO A 1 47  ? 3.472   2.697   13.515  1.00 21.71 ? 960  PRO A C   1 
ATOM   57   O  O   . PRO A 1 47  ? 3.802   3.039   12.377  1.00 21.49 ? 960  PRO A O   1 
ATOM   58   C  CB  . PRO A 1 47  ? 1.669   1.001   13.287  1.00 17.56 ? 960  PRO A CB  1 
ATOM   59   C  CG  . PRO A 1 47  ? 0.233   1.122   12.926  1.00 17.32 ? 960  PRO A CG  1 
ATOM   60   C  CD  . PRO A 1 47  ? 0.093   2.518   12.380  1.00 13.64 ? 960  PRO A CD  1 
ATOM   61   N  N   . LYS A 1 48  ? 4.321   2.586   14.529  1.00 25.75 ? 961  LYS A N   1 
ATOM   62   C  CA  . LYS A 1 48  ? 5.741   2.812   14.354  1.00 26.67 ? 961  LYS A CA  1 
ATOM   63   C  C   . LYS A 1 48  ? 6.402   1.490   14.017  1.00 24.55 ? 961  LYS A C   1 
ATOM   64   O  O   . LYS A 1 48  ? 5.892   0.424   14.370  1.00 29.64 ? 961  LYS A O   1 
ATOM   65   C  CB  . LYS A 1 48  ? 6.349   3.399   15.630  1.00 29.71 ? 961  LYS A CB  1 
ATOM   66   N  N   . ASP A 1 49  ? 7.529   1.569   13.323  1.00 29.20 ? 962  ASP A N   1 
ATOM   67   C  CA  . ASP A 1 49  ? 8.343   0.393   13.034  1.00 27.16 ? 962  ASP A CA  1 
ATOM   68   C  C   . ASP A 1 49  ? 7.597   -0.703  12.270  1.00 24.09 ? 962  ASP A C   1 
ATOM   69   O  O   . ASP A 1 49  ? 7.724   -1.885  12.589  1.00 24.71 ? 962  ASP A O   1 
ATOM   70   C  CB  . ASP A 1 49  ? 8.941   -0.179  14.323  1.00 34.23 ? 962  ASP A CB  1 
ATOM   71   N  N   . MET A 1 50  ? 6.813   -0.308  11.271  1.00 15.76 ? 963  MET A N   1 
ATOM   72   C  CA  . MET A 1 50  ? 6.260   -1.279  10.335  1.00 13.55 ? 963  MET A CA  1 
ATOM   73   C  C   . MET A 1 50  ? 7.388   -1.894  9.520   1.00 12.66 ? 963  MET A C   1 
ATOM   74   O  O   . MET A 1 50  ? 8.390   -1.235  9.222   1.00 15.49 ? 963  MET A O   1 
ATOM   75   C  CB  . MET A 1 50  ? 5.246   -0.613  9.402   1.00 13.20 ? 963  MET A CB  1 
ATOM   76   C  CG  . MET A 1 50  ? 4.007   -0.128  10.132  1.00 12.11 ? 963  MET A CG  1 
ATOM   77   S  SD  . MET A 1 50  ? 2.709   0.512   9.058   1.00 14.41 ? 963  MET A SD  1 
ATOM   78   C  CE  . MET A 1 50  ? 3.342   2.145   8.674   1.00 13.34 ? 963  MET A CE  1 
ATOM   79   N  N   . LYS A 1 51  ? 7.216   -3.152  9.146   1.00 12.28 ? 964  LYS A N   1 
ATOM   80   C  CA  . LYS A 1 51  ? 8.200   -3.833  8.320   1.00 12.93 ? 964  LYS A CA  1 
ATOM   81   C  C   . LYS A 1 51  ? 7.545   -4.249  7.017   1.00 13.72 ? 964  LYS A C   1 
ATOM   82   O  O   . LYS A 1 51  ? 6.324   -4.335  6.929   1.00 16.36 ? 964  LYS A O   1 
ATOM   83   C  CB  . LYS A 1 51  ? 8.802   -5.019  9.079   1.00 16.90 ? 964  LYS A CB  1 
ATOM   84   C  CG  . LYS A 1 51  ? 9.612   -4.561  10.287  1.00 23.29 ? 964  LYS A CG  1 
ATOM   85   C  CD  . LYS A 1 51  ? 10.257  -5.698  11.049  1.00 33.17 ? 964  LYS A CD  1 
ATOM   86   C  CE  . LYS A 1 51  ? 11.086  -5.147  12.208  1.00 35.14 ? 964  LYS A CE  1 
ATOM   87   N  NZ  . LYS A 1 51  ? 11.694  -6.227  13.033  1.00 34.92 ? 964  LYS A NZ  1 
ATOM   88   N  N   . THR A 1 52  ? 8.348   -4.455  5.987   1.00 12.43 ? 965  THR A N   1 
ATOM   89   C  CA  . THR A 1 52  ? 7.817   -4.798  4.677   1.00 12.49 ? 965  THR A CA  1 
ATOM   90   C  C   . THR A 1 52  ? 8.384   -6.118  4.184   1.00 13.18 ? 965  THR A C   1 
ATOM   91   O  O   . THR A 1 52  ? 9.418   -6.587  4.679   1.00 17.96 ? 965  THR A O   1 
ATOM   92   C  CB  . THR A 1 52  ? 8.145   -3.716  3.638   1.00 12.86 ? 965  THR A CB  1 
ATOM   93   O  OG1 . THR A 1 52  ? 9.569   -3.588  3.512   1.00 16.97 ? 965  THR A OG1 1 
ATOM   94   C  CG2 . THR A 1 52  ? 7.560   -2.383  4.049   1.00 13.89 ? 965  THR A CG2 1 
ATOM   95   N  N   . GLU A 1 53  ? 7.692   -6.723  3.224   1.00 12.46 ? 966  GLU A N   1 
ATOM   96   C  CA  . GLU A 1 53  ? 8.138   -7.960  2.587   1.00 15.01 ? 966  GLU A CA  1 
ATOM   97   C  C   . GLU A 1 53  ? 7.844   -7.863  1.096   1.00 14.41 ? 966  GLU A C   1 
ATOM   98   O  O   . GLU A 1 53  ? 6.685   -7.774  0.691   1.00 14.17 ? 966  GLU A O   1 
ATOM   99   C  CB  . GLU A 1 53  ? 7.416   -9.166  3.200   1.00 15.04 ? 966  GLU A CB  1 
ATOM   100  C  CG  . GLU A 1 53  ? 7.753   -10.530 2.587   1.00 21.80 ? 966  GLU A CG  1 
ATOM   101  C  CD  . GLU A 1 53  ? 6.961   -11.671 3.232   1.00 32.49 ? 966  GLU A CD  1 
ATOM   102  O  OE1 . GLU A 1 53  ? 6.607   -11.565 4.428   1.00 34.65 ? 966  GLU A OE1 1 
ATOM   103  O  OE2 . GLU A 1 53  ? 6.679   -12.677 2.544   1.00 38.26 ? 966  GLU A OE2 1 
ATOM   104  N  N   . TRP A 1 54  ? 8.898   -7.846  0.285   1.00 13.94 ? 967  TRP A N   1 
ATOM   105  C  CA  . TRP A 1 54  ? 8.784   -7.822  -1.166  1.00 11.73 ? 967  TRP A CA  1 
ATOM   106  C  C   . TRP A 1 54  ? 9.892   -8.711  -1.708  1.00 14.59 ? 967  TRP A C   1 
ATOM   107  O  O   . TRP A 1 54  ? 11.047  -8.539  -1.331  1.00 17.80 ? 967  TRP A O   1 
ATOM   108  C  CB  . TRP A 1 54  ? 8.975   -6.405  -1.696  1.00 13.30 ? 967  TRP A CB  1 
ATOM   109  C  CG  . TRP A 1 54  ? 8.940   -6.303  -3.184  1.00 11.06 ? 967  TRP A CG  1 
ATOM   110  C  CD1 . TRP A 1 54  ? 10.009  -6.096  -4.030  1.00 11.80 ? 967  TRP A CD1 1 
ATOM   111  C  CD2 . TRP A 1 54  ? 7.784   -6.389  -4.028  1.00 11.79 ? 967  TRP A CD2 1 
ATOM   112  N  NE1 . TRP A 1 54  ? 9.580   -6.052  -5.332  1.00 12.68 ? 967  TRP A NE1 1 
ATOM   113  C  CE2 . TRP A 1 54  ? 8.219   -6.222  -5.359  1.00 10.79 ? 967  TRP A CE2 1 
ATOM   114  C  CE3 . TRP A 1 54  ? 6.416   -6.590  -3.786  1.00 12.07 ? 967  TRP A CE3 1 
ATOM   115  C  CZ2 . TRP A 1 54  ? 7.349   -6.258  -6.438  1.00 11.06 ? 967  TRP A CZ2 1 
ATOM   116  C  CZ3 . TRP A 1 54  ? 5.547   -6.607  -4.865  1.00 11.05 ? 967  TRP A CZ3 1 
ATOM   117  C  CH2 . TRP A 1 54  ? 6.020   -6.447  -6.180  1.00 11.79 ? 967  TRP A CH2 1 
ATOM   118  N  N   . LYS A 1 55  ? 9.544   -9.636  -2.596  1.00 12.27 ? 968  LYS A N   1 
ATOM   119  C  CA  . LYS A 1 55  ? 10.486  -10.685 -3.012  1.00 12.64 ? 968  LYS A CA  1 
ATOM   120  C  C   . LYS A 1 55  ? 11.058  -10.497 -4.409  1.00 16.03 ? 968  LYS A C   1 
ATOM   121  O  O   . LYS A 1 55  ? 11.847  -11.331 -4.864  1.00 18.94 ? 968  LYS A O   1 
ATOM   122  C  CB  . LYS A 1 55  ? 9.800   -12.055 -2.968  1.00 16.01 ? 968  LYS A CB  1 
ATOM   123  C  CG  . LYS A 1 55  ? 9.548   -12.593 -1.581  1.00 19.12 ? 968  LYS A CG  1 
ATOM   124  C  CD  . LYS A 1 55  ? 8.816   -13.933 -1.652  1.00 18.36 ? 968  LYS A CD  1 
ATOM   125  C  CE  . LYS A 1 55  ? 8.876   -14.680 -0.331  1.00 24.24 ? 968  LYS A CE  1 
ATOM   126  N  NZ  . LYS A 1 55  ? 8.395   -13.840 0.801   1.00 24.64 ? 968  LYS A NZ  1 
ATOM   127  N  N   . TRP A 1 56  ? 10.675  -9.426  -5.097  1.00 12.10 ? 969  TRP A N   1 
ATOM   128  C  CA  . TRP A 1 56  ? 10.966  -9.315  -6.523  1.00 15.09 ? 969  TRP A CA  1 
ATOM   129  C  C   . TRP A 1 56  ? 11.868  -8.154  -6.923  1.00 12.01 ? 969  TRP A C   1 
ATOM   130  O  O   . TRP A 1 56  ? 11.926  -7.790  -8.089  1.00 14.55 ? 969  TRP A O   1 
ATOM   131  C  CB  . TRP A 1 56  ? 9.663   -9.348  -7.327  1.00 13.54 ? 969  TRP A CB  1 
ATOM   132  C  CG  . TRP A 1 56  ? 8.934   -10.587 -6.970  1.00 12.52 ? 969  TRP A CG  1 
ATOM   133  C  CD1 . TRP A 1 56  ? 9.138   -11.834 -7.494  1.00 15.59 ? 969  TRP A CD1 1 
ATOM   134  C  CD2 . TRP A 1 56  ? 7.958   -10.740 -5.938  1.00 12.38 ? 969  TRP A CD2 1 
ATOM   135  N  NE1 . TRP A 1 56  ? 8.318   -12.741 -6.875  1.00 16.35 ? 969  TRP A NE1 1 
ATOM   136  C  CE2 . TRP A 1 56  ? 7.583   -12.094 -5.916  1.00 12.78 ? 969  TRP A CE2 1 
ATOM   137  C  CE3 . TRP A 1 56  ? 7.345   -9.855  -5.043  1.00 13.80 ? 969  TRP A CE3 1 
ATOM   138  C  CZ2 . TRP A 1 56  ? 6.639   -12.592 -5.032  1.00 14.02 ? 969  TRP A CZ2 1 
ATOM   139  C  CZ3 . TRP A 1 56  ? 6.393   -10.351 -4.164  1.00 14.73 ? 969  TRP A CZ3 1 
ATOM   140  C  CH2 . TRP A 1 56  ? 6.050   -11.710 -4.168  1.00 13.67 ? 969  TRP A CH2 1 
ATOM   141  N  N   . GLY A 1 57  ? 12.606  -7.629  -5.954  1.00 12.95 ? 970  GLY A N   1 
ATOM   142  C  CA  . GLY A 1 57  ? 13.624  -6.637  -6.245  1.00 14.99 ? 970  GLY A CA  1 
ATOM   143  C  C   . GLY A 1 57  ? 13.127  -5.210  -6.352  1.00 14.94 ? 970  GLY A C   1 
ATOM   144  O  O   . GLY A 1 57  ? 11.932  -4.951  -6.527  1.00 13.26 ? 970  GLY A O   1 
ATOM   145  N  N   . GLN A 1 58  ? 14.072  -4.284  -6.258  1.00 14.72 ? 971  GLN A N   1 
ATOM   146  C  CA  . GLN A 1 58  ? 13.772  -2.863  -6.270  1.00 14.46 ? 971  GLN A CA  1 
ATOM   147  C  C   . GLN A 1 58  ? 14.523  -2.182  -7.404  1.00 13.86 ? 971  GLN A C   1 
ATOM   148  O  O   . GLN A 1 58  ? 15.508  -2.718  -7.933  1.00 16.05 ? 971  GLN A O   1 
ATOM   149  C  CB  . GLN A 1 58  ? 14.235  -2.237  -4.967  1.00 15.60 ? 971  GLN A CB  1 
ATOM   150  C  CG  . GLN A 1 58  ? 15.761  -2.187  -4.867  1.00 17.60 ? 971  GLN A CG  1 
ATOM   151  C  CD  . GLN A 1 58  ? 16.243  -1.989  -3.459  1.00 15.42 ? 971  GLN A CD  1 
ATOM   152  O  OE1 . GLN A 1 58  ? 15.774  -2.655  -2.540  1.00 18.65 ? 971  GLN A OE1 1 
ATOM   153  N  NE2 . GLN A 1 58  ? 17.176  -1.066  -3.272  1.00 17.67 ? 971  GLN A NE2 1 
ATOM   154  N  N   . TYR A 1 59  ? 14.061  -0.998  -7.779  1.00 14.17 ? 972  TYR A N   1 
ATOM   155  C  CA  . TYR A 1 59  ? 14.792  -0.142  -8.692  1.00 13.47 ? 972  TYR A CA  1 
ATOM   156  C  C   . TYR A 1 59  ? 15.743  0.732   -7.897  1.00 15.30 ? 972  TYR A C   1 
ATOM   157  O  O   . TYR A 1 59  ? 15.336  1.379   -6.927  1.00 14.52 ? 972  TYR A O   1 
ATOM   158  C  CB  . TYR A 1 59  ? 13.821  0.740   -9.460  1.00 14.81 ? 972  TYR A CB  1 
ATOM   159  C  CG  . TYR A 1 59  ? 14.504  1.862   -10.200 1.00 16.36 ? 972  TYR A CG  1 
ATOM   160  C  CD1 . TYR A 1 59  ? 15.305  1.601   -11.307 1.00 21.53 ? 972  TYR A CD1 1 
ATOM   161  C  CD2 . TYR A 1 59  ? 14.353  3.180   -9.795  1.00 18.03 ? 972  TYR A CD2 1 
ATOM   162  C  CE1 . TYR A 1 59  ? 15.929  2.625   -11.990 1.00 25.48 ? 972  TYR A CE1 1 
ATOM   163  C  CE2 . TYR A 1 59  ? 14.977  4.212   -10.472 1.00 24.15 ? 972  TYR A CE2 1 
ATOM   164  C  CZ  . TYR A 1 59  ? 15.763  3.926   -11.567 1.00 21.52 ? 972  TYR A CZ  1 
ATOM   165  O  OH  . TYR A 1 59  ? 16.388  4.946   -12.249 1.00 30.21 ? 972  TYR A OH  1 
ATOM   166  N  N   . SER A 1 60  ? 17.011  0.749   -8.304  1.00 16.62 ? 973  SER A N   1 
ATOM   167  C  CA  . SER A 1 60  ? 17.982  1.662   -7.714  1.00 16.92 ? 973  SER A CA  1 
ATOM   168  C  C   . SER A 1 60  ? 17.993  1.545   -6.180  1.00 14.65 ? 973  SER A C   1 
ATOM   169  O  O   . SER A 1 60  ? 18.052  0.436   -5.643  1.00 15.62 ? 973  SER A O   1 
ATOM   170  C  CB  . SER A 1 60  ? 17.678  3.089   -8.184  1.00 17.87 ? 973  SER A CB  1 
ATOM   171  O  OG  . SER A 1 60  ? 18.620  4.027   -7.696  1.00 21.25 ? 973  SER A OG  1 
ATOM   172  N  N   . SER A 1 61  ? 17.906  2.678   -5.484  1.00 15.60 ? 974  SER A N   1 
ATOM   173  C  CA  . SER A 1 61  ? 17.910  2.697   -4.022  1.00 14.67 ? 974  SER A CA  1 
ATOM   174  C  C   . SER A 1 61  ? 16.506  2.787   -3.417  1.00 13.09 ? 974  SER A C   1 
ATOM   175  O  O   . SER A 1 61  ? 16.361  3.022   -2.220  1.00 14.18 ? 974  SER A O   1 
ATOM   176  C  CB  . SER A 1 61  ? 18.750  3.867   -3.515  1.00 16.04 ? 974  SER A CB  1 
ATOM   177  O  OG  . SER A 1 61  ? 18.366  5.067   -4.166  1.00 18.42 ? 974  SER A OG  1 
ATOM   178  N  N   . ASP A 1 62  ? 15.488  2.597   -4.251  1.00 13.59 ? 975  ASP A N   1 
ATOM   179  C  CA  . ASP A 1 62  ? 14.106  2.732   -3.796  1.00 11.30 ? 975  ASP A CA  1 
ATOM   180  C  C   . ASP A 1 62  ? 13.609  1.454   -3.108  1.00 12.36 ? 975  ASP A C   1 
ATOM   181  O  O   . ASP A 1 62  ? 12.756  0.730   -3.640  1.00 12.73 ? 975  ASP A O   1 
ATOM   182  C  CB  . ASP A 1 62  ? 13.202  3.110   -4.969  1.00 12.22 ? 975  ASP A CB  1 
ATOM   183  C  CG  . ASP A 1 62  ? 13.429  4.540   -5.463  1.00 12.60 ? 975  ASP A CG  1 
ATOM   184  O  OD1 . ASP A 1 62  ? 14.112  5.322   -4.770  1.00 15.00 ? 975  ASP A OD1 1 
ATOM   185  O  OD2 . ASP A 1 62  ? 12.895  4.872   -6.540  1.00 16.17 ? 975  ASP A OD2 1 
ATOM   186  N  N   . GLU A 1 63  ? 14.145  1.180   -1.923  1.00 13.37 ? 976  GLU A N   1 
ATOM   187  C  CA  . GLU A 1 63  ? 13.910  -0.108  -1.272  1.00 13.90 ? 976  GLU A CA  1 
ATOM   188  C  C   . GLU A 1 63  ? 12.528  -0.193  -0.615  1.00 13.07 ? 976  GLU A C   1 
ATOM   189  O  O   . GLU A 1 63  ? 11.907  0.837   -0.329  1.00 12.15 ? 976  GLU A O   1 
ATOM   190  C  CB  . GLU A 1 63  ? 15.027  -0.410  -0.267  1.00 20.68 ? 976  GLU A CB  1 
ATOM   191  C  CG  . GLU A 1 63  ? 15.164  0.588   0.860   1.00 19.96 ? 976  GLU A CG  1 
ATOM   192  C  CD  . GLU A 1 63  ? 16.259  0.187   1.844   1.00 27.02 ? 976  GLU A CD  1 
ATOM   193  O  OE1 . GLU A 1 63  ? 17.423  0.030   1.421   1.00 34.94 ? 976  GLU A OE1 1 
ATOM   194  O  OE2 . GLU A 1 63  ? 15.950  0.010   3.038   1.00 32.70 ? 976  GLU A OE2 1 
ATOM   195  N  N   . PRO A 1 64  ? 12.042  -1.430  -0.385  1.00 12.76 ? 977  PRO A N   1 
ATOM   196  C  CA  . PRO A 1 64  ? 10.713  -1.627  0.214   1.00 10.84 ? 977  PRO A CA  1 
ATOM   197  C  C   . PRO A 1 64  ? 10.496  -0.817  1.495   1.00 12.15 ? 977  PRO A C   1 
ATOM   198  O  O   . PRO A 1 64  ? 9.410   -0.263  1.678   1.00 11.72 ? 977  PRO A O   1 
ATOM   199  C  CB  . PRO A 1 64  ? 10.694  -3.134  0.503   1.00 12.46 ? 977  PRO A CB  1 
ATOM   200  C  CG  . PRO A 1 64  ? 11.514  -3.701  -0.612  1.00 12.37 ? 977  PRO A CG  1 
ATOM   201  C  CD  . PRO A 1 64  ? 12.634  -2.709  -0.831  1.00 13.05 ? 977  PRO A CD  1 
ATOM   202  N  N   . SER A 1 65  ? 11.507  -0.721  2.354   1.00 10.99 ? 978  SER A N   1 
ATOM   203  C  CA  . SER A 1 65  ? 11.360  -0.002  3.625   1.00 12.35 ? 978  SER A CA  1 
ATOM   204  C  C   . SER A 1 65  ? 10.994  1.469   3.443   1.00 12.07 ? 978  SER A C   1 
ATOM   205  O  O   . SER A 1 65  ? 10.448  2.101   4.350   1.00 13.01 ? 978  SER A O   1 
ATOM   206  C  CB  . SER A 1 65  ? 12.633  -0.118  4.477   1.00 16.21 ? 978  SER A CB  1 
ATOM   207  O  OG  . SER A 1 65  ? 13.726  0.526   3.844   1.00 19.23 ? 978  SER A OG  1 
ATOM   208  N  N   . LYS A 1 66  ? 11.286  2.020   2.271   1.00 10.91 ? 979  LYS A N   1 
ATOM   209  C  CA  . LYS A 1 66  ? 10.986  3.429   2.034   1.00 13.05 ? 979  LYS A CA  1 
ATOM   210  C  C   . LYS A 1 66  ? 9.487   3.701   1.847   1.00 12.28 ? 979  LYS A C   1 
ATOM   211  O  O   . LYS A 1 66  ? 9.070   4.848   1.822   1.00 12.32 ? 979  LYS A O   1 
ATOM   212  C  CB  . LYS A 1 66  ? 11.822  3.984   0.876   1.00 14.75 ? 979  LYS A CB  1 
ATOM   213  C  CG  . LYS A 1 66  ? 13.299  4.128   1.251   1.00 14.41 ? 979  LYS A CG  1 
ATOM   214  C  CD  . LYS A 1 66  ? 14.165  4.601   0.104   1.00 15.50 ? 979  LYS A CD  1 
ATOM   215  C  CE  . LYS A 1 66  ? 15.605  4.684   0.572   1.00 21.68 ? 979  LYS A CE  1 
ATOM   216  N  NZ  . LYS A 1 66  ? 16.502  5.325   -0.432  1.00 20.00 ? 979  LYS A NZ  1 
ATOM   217  N  N   . ALA A 1 67  ? 8.681   2.645   1.750   1.00 10.94 ? 980  ALA A N   1 
ATOM   218  C  CA  . ALA A 1 67  ? 7.228   2.807   1.711   1.00 10.30 ? 980  ALA A CA  1 
ATOM   219  C  C   . ALA A 1 67  ? 6.626   3.062   3.089   1.00 11.08 ? 980  ALA A C   1 
ATOM   220  O  O   . ALA A 1 67  ? 5.464   3.434   3.181   1.00 11.01 ? 980  ALA A O   1 
ATOM   221  C  CB  . ALA A 1 67  ? 6.574   1.600   1.077   1.00 12.06 ? 980  ALA A CB  1 
ATOM   222  N  N   . VAL A 1 68  ? 7.399   2.859   4.154   1.00 10.18 ? 981  VAL A N   1 
ATOM   223  C  CA  . VAL A 1 68  ? 6.881   3.010   5.513   1.00 11.80 ? 981  VAL A CA  1 
ATOM   224  C  C   . VAL A 1 68  ? 7.854   3.768   6.412   1.00 13.59 ? 981  VAL A C   1 
ATOM   225  O  O   . VAL A 1 68  ? 7.877   3.563   7.625   1.00 15.40 ? 981  VAL A O   1 
ATOM   226  C  CB  . VAL A 1 68  ? 6.514   1.647   6.159   1.00 13.28 ? 981  VAL A CB  1 
ATOM   227  C  CG1 . VAL A 1 68  ? 5.356   0.989   5.417   1.00 13.63 ? 981  VAL A CG1 1 
ATOM   228  C  CG2 . VAL A 1 68  ? 7.714   0.711   6.185   1.00 12.75 ? 981  VAL A CG2 1 
ATOM   229  N  N   . ASP A 1 69  ? 8.655   4.645   5.816   1.00 14.16 ? 982  ASP A N   1 
ATOM   230  C  CA  . ASP A 1 69  ? 9.657   5.381   6.590   1.00 14.12 ? 982  ASP A CA  1 
ATOM   231  C  C   . ASP A 1 69  ? 9.211   6.764   7.082   1.00 14.63 ? 982  ASP A C   1 
ATOM   232  O  O   . ASP A 1 69  ? 9.992   7.476   7.717   1.00 17.83 ? 982  ASP A O   1 
ATOM   233  C  CB  . ASP A 1 69  ? 10.976  5.474   5.812   1.00 14.46 ? 982  ASP A CB  1 
ATOM   234  C  CG  . ASP A 1 69  ? 10.854  6.284   4.532   1.00 14.80 ? 982  ASP A CG  1 
ATOM   235  O  OD1 . ASP A 1 69  ? 9.743   6.732   4.179   1.00 12.82 ? 982  ASP A OD1 1 
ATOM   236  O  OD2 . ASP A 1 69  ? 11.887  6.477   3.861   1.00 15.71 ? 982  ASP A OD2 1 
ATOM   237  N  N   . GLY A 1 70  ? 7.963   7.142   6.808   1.00 14.17 ? 983  GLY A N   1 
ATOM   238  C  CA  . GLY A 1 70  ? 7.429   8.413   7.282   1.00 15.81 ? 983  GLY A CA  1 
ATOM   239  C  C   . GLY A 1 70  ? 7.889   9.605   6.462   1.00 16.55 ? 983  GLY A C   1 
ATOM   240  O  O   . GLY A 1 70  ? 7.685   10.752  6.857   1.00 20.60 ? 983  GLY A O   1 
ATOM   241  N  N   . ASP A 1 71  ? 8.507   9.328   5.320   1.00 14.24 ? 984  ASP A N   1 
ATOM   242  C  CA  . ASP A 1 71  ? 9.007   10.365  4.421   1.00 15.02 ? 984  ASP A CA  1 
ATOM   243  C  C   . ASP A 1 71  ? 8.214   10.313  3.120   1.00 13.43 ? 984  ASP A C   1 
ATOM   244  O  O   . ASP A 1 71  ? 8.311   9.345   2.368   1.00 13.33 ? 984  ASP A O   1 
ATOM   245  C  CB  . ASP A 1 71  ? 10.494  10.119  4.147   1.00 14.90 ? 984  ASP A CB  1 
ATOM   246  C  CG  . ASP A 1 71  ? 11.140  11.200  3.296   1.00 18.93 ? 984  ASP A CG  1 
ATOM   247  O  OD1 . ASP A 1 71  ? 10.434  11.983  2.631   1.00 19.99 ? 984  ASP A OD1 1 
ATOM   248  O  OD2 . ASP A 1 71  ? 12.390  11.247  3.267   1.00 27.84 ? 984  ASP A OD2 1 
ATOM   249  N  N   . ASP A 1 72  ? 7.441   11.359  2.852   1.00 12.99 ? 985  ASP A N   1 
ATOM   250  C  CA  . ASP A 1 72  ? 6.585   11.402  1.669   1.00 13.36 ? 985  ASP A CA  1 
ATOM   251  C  C   . ASP A 1 72  ? 7.350   11.419  0.352   1.00 12.68 ? 985  ASP A C   1 
ATOM   252  O  O   . ASP A 1 72  ? 6.783   11.119  -0.696  1.00 14.32 ? 985  ASP A O   1 
ATOM   253  C  CB  . ASP A 1 72  ? 5.682   12.632  1.714   1.00 13.68 ? 985  ASP A CB  1 
ATOM   254  C  CG  . ASP A 1 72  ? 4.502   12.462  2.638   1.00 17.16 ? 985  ASP A CG  1 
ATOM   255  O  OD1 . ASP A 1 72  ? 4.396   11.407  3.291   1.00 18.14 ? 985  ASP A OD1 1 
ATOM   256  O  OD2 . ASP A 1 72  ? 3.671   13.397  2.712   1.00 18.72 ? 985  ASP A OD2 1 
ATOM   257  N  N   . SER A 1 73  ? 8.625   11.799  0.405   1.00 13.07 ? 986  SER A N   1 
ATOM   258  C  CA  . SER A 1 73  ? 9.442   11.908  -0.795  1.00 14.72 ? 986  SER A CA  1 
ATOM   259  C  C   . SER A 1 73  ? 10.131  10.596  -1.165  1.00 15.44 ? 986  SER A C   1 
ATOM   260  O  O   . SER A 1 73  ? 10.311  10.303  -2.346  1.00 20.10 ? 986  SER A O   1 
ATOM   261  C  CB  . SER A 1 73  ? 10.463  13.039  -0.648  1.00 17.52 ? 986  SER A CB  1 
ATOM   262  O  OG  . SER A 1 73  ? 9.793   14.284  -0.532  1.00 26.26 ? 986  SER A OG  1 
ATOM   263  N  N   . SER A 1 74  ? 10.510  9.806   -0.166  1.00 13.19 ? 987  SER A N   1 
ATOM   264  C  CA  . SER A 1 74  ? 11.166  8.527   -0.431  1.00 13.01 ? 987  SER A CA  1 
ATOM   265  C  C   . SER A 1 74  ? 10.136  7.478   -0.823  1.00 11.43 ? 987  SER A C   1 
ATOM   266  O  O   . SER A 1 74  ? 9.015   7.478   -0.308  1.00 10.69 ? 987  SER A O   1 
ATOM   267  C  CB  . SER A 1 74  ? 11.931  8.057   0.797   1.00 13.29 ? 987  SER A CB  1 
ATOM   268  O  OG  . SER A 1 74  ? 11.023  7.672   1.814   1.00 13.14 ? 987  SER A OG  1 
ATOM   269  N  N   . GLN A 1 75  ? 10.509  6.569   -1.713  1.00 12.34 ? 988  GLN A N   1 
ATOM   270  C  CA  . GLN A 1 75  ? 9.568   5.557   -2.169  1.00 11.85 ? 988  GLN A CA  1 
ATOM   271  C  C   . GLN A 1 75  ? 10.216  4.198   -2.347  1.00 12.60 ? 988  GLN A C   1 
ATOM   272  O  O   . GLN A 1 75  ? 11.429  4.082   -2.605  1.00 12.19 ? 988  GLN A O   1 
ATOM   273  C  CB  . GLN A 1 75  ? 8.979   5.969   -3.513  1.00 11.56 ? 988  GLN A CB  1 
ATOM   274  C  CG  . GLN A 1 75  ? 10.021  5.936   -4.629  1.00 11.53 ? 988  GLN A CG  1 
ATOM   275  C  CD  . GLN A 1 75  ? 9.481   6.427   -5.942  1.00 13.27 ? 988  GLN A CD  1 
ATOM   276  O  OE1 . GLN A 1 75  ? 8.391   6.993   -6.003  1.00 14.23 ? 988  GLN A OE1 1 
ATOM   277  N  NE2 . GLN A 1 75  ? 10.237  6.213   -7.007  1.00 14.98 ? 988  GLN A NE2 1 
ATOM   278  N  N   . PHE A 1 76  ? 9.396   3.162   -2.211  1.00 10.45 ? 989  PHE A N   1 
ATOM   279  C  CA  . PHE A 1 76  ? 9.700   1.882   -2.819  1.00 10.44 ? 989  PHE A CA  1 
ATOM   280  C  C   . PHE A 1 76  ? 9.354   1.946   -4.309  1.00 10.75 ? 989  PHE A C   1 
ATOM   281  O  O   . PHE A 1 76  ? 8.323   2.487   -4.686  1.00 10.88 ? 989  PHE A O   1 
ATOM   282  C  CB  . PHE A 1 76  ? 8.867   0.789   -2.162  1.00 10.43 ? 989  PHE A CB  1 
ATOM   283  C  CG  . PHE A 1 76  ? 8.799   -0.468  -2.967  1.00 10.36 ? 989  PHE A CG  1 
ATOM   284  C  CD1 . PHE A 1 76  ? 9.936   -1.245  -3.146  1.00 10.19 ? 989  PHE A CD1 1 
ATOM   285  C  CD2 . PHE A 1 76  ? 7.621   -0.862  -3.571  1.00 10.27 ? 989  PHE A CD2 1 
ATOM   286  C  CE1 . PHE A 1 76  ? 9.892   -2.406  -3.905  1.00 10.22 ? 989  PHE A CE1 1 
ATOM   287  C  CE2 . PHE A 1 76  ? 7.564   -2.023  -4.335  1.00 11.89 ? 989  PHE A CE2 1 
ATOM   288  C  CZ  . PHE A 1 76  ? 8.705   -2.798  -4.490  1.00 10.80 ? 989  PHE A CZ  1 
ATOM   289  N  N   . HIS A 1 77  ? 10.208  1.386   -5.162  1.00 9.92  ? 990  HIS A N   1 
ATOM   290  C  CA  . HIS A 1 77  ? 9.892   1.250   -6.585  1.00 11.27 ? 990  HIS A CA  1 
ATOM   291  C  C   . HIS A 1 77  ? 10.293  -0.160  -6.984  1.00 11.72 ? 990  HIS A C   1 
ATOM   292  O  O   . HIS A 1 77  ? 11.449  -0.547  -6.813  1.00 12.13 ? 990  HIS A O   1 
ATOM   293  C  CB  . HIS A 1 77  ? 10.707  2.280   -7.373  1.00 11.03 ? 990  HIS A CB  1 
ATOM   294  C  CG  . HIS A 1 77  ? 10.380  2.378   -8.835  1.00 12.47 ? 990  HIS A CG  1 
ATOM   295  N  ND1 . HIS A 1 77  ? 10.275  1.283   -9.673  1.00 12.69 ? 990  HIS A ND1 1 
ATOM   296  C  CD2 . HIS A 1 77  ? 10.204  3.467   -9.622  1.00 14.68 ? 990  HIS A CD2 1 
ATOM   297  C  CE1 . HIS A 1 77  ? 10.031  1.698   -10.905 1.00 14.12 ? 990  HIS A CE1 1 
ATOM   298  N  NE2 . HIS A 1 77  ? 9.975   3.019   -10.901 1.00 15.63 ? 990  HIS A NE2 1 
ATOM   299  N  N   . SER A 1 78  ? 9.349   -0.943  -7.494  1.00 11.44 ? 991  SER A N   1 
ATOM   300  C  CA  . SER A 1 78  ? 9.659   -2.326  -7.855  1.00 11.93 ? 991  SER A CA  1 
ATOM   301  C  C   . SER A 1 78  ? 10.644  -2.356  -9.015  1.00 12.62 ? 991  SER A C   1 
ATOM   302  O  O   . SER A 1 78  ? 10.693  -1.433  -9.826  1.00 13.02 ? 991  SER A O   1 
ATOM   303  C  CB  . SER A 1 78  ? 8.388   -3.096  -8.206  1.00 11.31 ? 991  SER A CB  1 
ATOM   304  O  OG  . SER A 1 78  ? 7.732   -2.529  -9.319  1.00 12.13 ? 991  SER A OG  1 
ATOM   305  N  N   . GLN A 1 79  ? 11.436  -3.417  -9.086  1.00 12.31 ? 992  GLN A N   1 
ATOM   306  C  CA  . GLN A 1 79  ? 12.403  -3.555  -10.171 1.00 14.19 ? 992  GLN A CA  1 
ATOM   307  C  C   . GLN A 1 79  ? 11.699  -3.882  -11.480 1.00 13.45 ? 992  GLN A C   1 
ATOM   308  O  O   . GLN A 1 79  ? 12.099  -3.412  -12.551 1.00 16.25 ? 992  GLN A O   1 
ATOM   309  C  CB  . GLN A 1 79  ? 13.421  -4.648  -9.839  1.00 16.09 ? 992  GLN A CB  1 
ATOM   310  C  CG  . GLN A 1 79  ? 14.493  -4.806  -10.914 1.00 19.50 ? 992  GLN A CG  1 
ATOM   311  C  CD  . GLN A 1 79  ? 15.394  -6.003  -10.682 1.00 29.73 ? 992  GLN A CD  1 
ATOM   312  O  OE1 . GLN A 1 79  ? 15.771  -6.302  -9.549  1.00 29.28 ? 992  GLN A OE1 1 
ATOM   313  N  NE2 . GLN A 1 79  ? 15.743  -6.694  -11.760 1.00 34.46 ? 992  GLN A NE2 1 
ATOM   314  N  N   . ASP A 1 80  ? 10.647  -4.690  -11.388 1.00 14.52 ? 993  ASP A N   1 
ATOM   315  C  CA  . ASP A 1 80  ? 9.908   -5.154  -12.549 1.00 16.89 ? 993  ASP A CA  1 
ATOM   316  C  C   . ASP A 1 80  ? 8.408   -5.076  -12.287 1.00 16.99 ? 993  ASP A C   1 
ATOM   317  O  O   . ASP A 1 80  ? 7.972   -4.388  -11.365 1.00 15.72 ? 993  ASP A O   1 
ATOM   318  C  CB  . ASP A 1 80  ? 10.320  -6.590  -12.889 1.00 21.78 ? 993  ASP A CB  1 
ATOM   319  C  CG  . ASP A 1 80  ? 11.784  -6.703  -13.277 1.00 29.51 ? 993  ASP A CG  1 
ATOM   320  O  OD1 . ASP A 1 80  ? 12.174  -6.109  -14.308 1.00 35.86 ? 993  ASP A OD1 1 
ATOM   321  O  OD2 . ASP A 1 80  ? 12.543  -7.384  -12.556 1.00 36.02 ? 993  ASP A OD2 1 
ATOM   322  N  N   . SER A 1 81  ? 7.615   -5.772  -13.092 1.00 15.76 ? 994  SER A N   1 
ATOM   323  C  CA  . SER A 1 81  ? 6.165   -5.702  -12.956 1.00 14.65 ? 994  SER A CA  1 
ATOM   324  C  C   . SER A 1 81  ? 5.692   -6.160  -11.587 1.00 14.93 ? 994  SER A C   1 
ATOM   325  O  O   . SER A 1 81  ? 6.048   -7.247  -11.120 1.00 17.10 ? 994  SER A O   1 
ATOM   326  C  CB  . SER A 1 81  ? 5.466   -6.535  -14.023 1.00 18.74 ? 994  SER A CB  1 
ATOM   327  O  OG  . SER A 1 81  ? 4.070   -6.554  -13.784 1.00 17.21 ? 994  SER A OG  1 
ATOM   328  N  N   . ALA A 1 82  ? 4.879   -5.322  -10.950 1.00 13.11 ? 995  ALA A N   1 
ATOM   329  C  CA  . ALA A 1 82  ? 4.309   -5.627  -9.646  1.00 11.88 ? 995  ALA A CA  1 
ATOM   330  C  C   . ALA A 1 82  ? 2.882   -6.148  -9.749  1.00 11.68 ? 995  ALA A C   1 
ATOM   331  O  O   . ALA A 1 82  ? 2.238   -6.423  -8.735  1.00 12.28 ? 995  ALA A O   1 
ATOM   332  C  CB  . ALA A 1 82  ? 4.340   -4.388  -8.763  1.00 12.17 ? 995  ALA A CB  1 
ATOM   333  N  N   . ILE A 1 83  ? 2.376   -6.276  -10.971 1.00 12.17 ? 996  ILE A N   1 
ATOM   334  C  CA  . ILE A 1 83  ? 0.993   -6.682  -11.157 1.00 12.89 ? 996  ILE A CA  1 
ATOM   335  C  C   . ILE A 1 83  ? 0.789   -8.079  -10.574 1.00 14.33 ? 996  ILE A C   1 
ATOM   336  O  O   . ILE A 1 83  ? 1.571   -9.000  -10.848 1.00 13.21 ? 996  ILE A O   1 
ATOM   337  C  CB  . ILE A 1 83  ? 0.586   -6.656  -12.642 1.00 14.12 ? 996  ILE A CB  1 
ATOM   338  C  CG1 . ILE A 1 83  ? 0.851   -5.274  -13.253 1.00 15.55 ? 996  ILE A CG1 1 
ATOM   339  C  CG2 . ILE A 1 83  ? -0.869  -7.068  -12.798 1.00 16.25 ? 996  ILE A CG2 1 
ATOM   340  C  CD1 . ILE A 1 83  ? 0.108   -4.150  -12.571 1.00 18.02 ? 996  ILE A CD1 1 
ATOM   341  N  N   . ASP A 1 84  ? -0.229  -8.211  -9.729  1.00 12.56 ? 997  ASP A N   1 
ATOM   342  C  CA  . ASP A 1 84  ? -0.579  -9.486  -9.104  1.00 12.06 ? 997  ASP A CA  1 
ATOM   343  C  C   . ASP A 1 84  ? 0.496   -10.038 -8.184  1.00 14.35 ? 997  ASP A C   1 
ATOM   344  O  O   . ASP A 1 84  ? 0.494   -11.226 -7.868  1.00 18.32 ? 997  ASP A O   1 
ATOM   345  C  CB  . ASP A 1 84  ? -0.975  -10.527 -10.161 1.00 15.17 ? 997  ASP A CB  1 
ATOM   346  C  CG  . ASP A 1 84  ? -2.300  -10.211 -10.817 1.00 18.12 ? 997  ASP A CG  1 
ATOM   347  O  OD1 . ASP A 1 84  ? -3.171  -9.624  -10.144 1.00 19.90 ? 997  ASP A OD1 1 
ATOM   348  O  OD2 . ASP A 1 84  ? -2.479  -10.554 -12.004 1.00 21.57 ? 997  ASP A OD2 1 
ATOM   349  N  N   . LYS A 1 85  ? 1.413   -9.185  -7.747  1.00 11.92 ? 998  LYS A N   1 
ATOM   350  C  CA  . LYS A 1 85  ? 2.391   -9.567  -6.736  1.00 12.91 ? 998  LYS A CA  1 
ATOM   351  C  C   . LYS A 1 85  ? 2.078   -8.876  -5.418  1.00 14.02 ? 998  LYS A C   1 
ATOM   352  O  O   . LYS A 1 85  ? 1.727   -7.700  -5.404  1.00 14.49 ? 998  LYS A O   1 
ATOM   353  C  CB  . LYS A 1 85  ? 3.804   -9.217  -7.197  1.00 14.33 ? 998  LYS A CB  1 
ATOM   354  C  CG  . LYS A 1 85  ? 4.312   -10.166 -8.282  1.00 21.76 ? 998  LYS A CG  1 
ATOM   355  C  CD  . LYS A 1 85  ? 5.666   -9.753  -8.846  1.00 22.36 ? 998  LYS A CD  1 
ATOM   356  C  CE  . LYS A 1 85  ? 6.253   -10.878 -9.698  1.00 27.21 ? 998  LYS A CE  1 
ATOM   357  N  NZ  . LYS A 1 85  ? 5.228   -11.435 -10.628 1.00 27.47 ? 998  LYS A NZ  1 
ATOM   358  N  N   . PRO A 1 86  ? 2.194   -9.601  -4.304  1.00 9.96  ? 999  PRO A N   1 
ATOM   359  C  CA  . PRO A 1 86  ? 1.838   -9.031  -2.999  1.00 10.82 ? 999  PRO A CA  1 
ATOM   360  C  C   . PRO A 1 86  ? 2.971   -8.211  -2.391  1.00 11.19 ? 999  PRO A C   1 
ATOM   361  O  O   . PRO A 1 86  ? 4.092   -8.707  -2.247  1.00 11.90 ? 999  PRO A O   1 
ATOM   362  C  CB  . PRO A 1 86  ? 1.578   -10.275 -2.139  1.00 11.40 ? 999  PRO A CB  1 
ATOM   363  C  CG  . PRO A 1 86  ? 2.458   -11.327 -2.749  1.00 13.46 ? 999  PRO A CG  1 
ATOM   364  C  CD  . PRO A 1 86  ? 2.465   -11.050 -4.223  1.00 13.04 ? 999  PRO A CD  1 
ATOM   365  N  N   . PHE A 1 87  ? 2.680   -6.960  -2.050  1.00 9.78  ? 1000 PHE A N   1 
ATOM   366  C  CA  . PHE A 1 87  ? 3.578   -6.158  -1.230  1.00 9.47  ? 1000 PHE A CA  1 
ATOM   367  C  C   . PHE A 1 87  ? 2.996   -6.206  0.175   1.00 9.34  ? 1000 PHE A C   1 
ATOM   368  O  O   . PHE A 1 87  ? 1.869   -5.755  0.396   1.00 10.28 ? 1000 PHE A O   1 
ATOM   369  C  CB  . PHE A 1 87  ? 3.663   -4.710  -1.743  1.00 10.06 ? 1000 PHE A CB  1 
ATOM   370  C  CG  . PHE A 1 87  ? 4.705   -3.877  -1.036  1.00 9.30  ? 1000 PHE A CG  1 
ATOM   371  C  CD1 . PHE A 1 87  ? 5.967   -3.712  -1.579  1.00 10.39 ? 1000 PHE A CD1 1 
ATOM   372  C  CD2 . PHE A 1 87  ? 4.431   -3.292  0.192   1.00 11.61 ? 1000 PHE A CD2 1 
ATOM   373  C  CE1 . PHE A 1 87  ? 6.928   -2.964  -0.927  1.00 10.46 ? 1000 PHE A CE1 1 
ATOM   374  C  CE2 . PHE A 1 87  ? 5.385   -2.535  0.851   1.00 12.04 ? 1000 PHE A CE2 1 
ATOM   375  C  CZ  . PHE A 1 87  ? 6.640   -2.369  0.288   1.00 12.41 ? 1000 PHE A CZ  1 
ATOM   376  N  N   . ILE A 1 88  ? 3.749   -6.759  1.118   1.00 9.42  ? 1001 ILE A N   1 
ATOM   377  C  CA  . ILE A 1 88  ? 3.217   -7.021  2.449   1.00 10.54 ? 1001 ILE A CA  1 
ATOM   378  C  C   . ILE A 1 88  ? 3.795   -6.062  3.473   1.00 11.42 ? 1001 ILE A C   1 
ATOM   379  O  O   . ILE A 1 88  ? 5.000   -5.801  3.495   1.00 13.02 ? 1001 ILE A O   1 
ATOM   380  C  CB  . ILE A 1 88  ? 3.442   -8.504  2.858   1.00 12.23 ? 1001 ILE A CB  1 
ATOM   381  C  CG1 . ILE A 1 88  ? 2.626   -9.415  1.928   1.00 16.40 ? 1001 ILE A CG1 1 
ATOM   382  C  CG2 . ILE A 1 88  ? 3.068   -8.729  4.321   1.00 13.90 ? 1001 ILE A CG2 1 
ATOM   383  C  CD1 . ILE A 1 88  ? 2.981   -10.881 2.003   1.00 19.61 ? 1001 ILE A CD1 1 
ATOM   384  N  N   . ILE A 1 89  ? 2.914   -5.508  4.300   1.00 11.21 ? 1002 ILE A N   1 
ATOM   385  C  CA  . ILE A 1 89  ? 3.325   -4.660  5.399   1.00 11.96 ? 1002 ILE A CA  1 
ATOM   386  C  C   . ILE A 1 89  ? 2.916   -5.338  6.698   1.00 11.11 ? 1002 ILE A C   1 
ATOM   387  O  O   . ILE A 1 89  ? 1.749   -5.686  6.888   1.00 11.44 ? 1002 ILE A O   1 
ATOM   388  C  CB  . ILE A 1 89  ? 2.684   -3.265  5.310   1.00 12.78 ? 1002 ILE A CB  1 
ATOM   389  C  CG1 . ILE A 1 89  ? 3.067   -2.593  3.990   1.00 16.20 ? 1002 ILE A CG1 1 
ATOM   390  C  CG2 . ILE A 1 89  ? 3.098   -2.403  6.496   1.00 12.56 ? 1002 ILE A CG2 1 
ATOM   391  C  CD1 . ILE A 1 89  ? 1.930   -2.560  2.968   1.00 19.59 ? 1002 ILE A CD1 1 
ATOM   392  N  N   . ASP A 1 90  ? 3.888   -5.561  7.576   1.00 10.48 ? 1003 ASP A N   1 
ATOM   393  C  CA  . ASP A 1 90  ? 3.658   -6.163  8.881   1.00 10.33 ? 1003 ASP A CA  1 
ATOM   394  C  C   . ASP A 1 90  ? 3.748   -5.075  9.932   1.00 13.33 ? 1003 ASP A C   1 
ATOM   395  O  O   . ASP A 1 90  ? 4.802   -4.463  10.115  1.00 13.27 ? 1003 ASP A O   1 
ATOM   396  C  CB  . ASP A 1 90  ? 4.718   -7.246  9.127   1.00 12.53 ? 1003 ASP A CB  1 
ATOM   397  C  CG  . ASP A 1 90  ? 4.565   -7.925  10.478  1.00 17.34 ? 1003 ASP A CG  1 
ATOM   398  O  OD1 . ASP A 1 90  ? 3.590   -7.642  11.209  1.00 14.09 ? 1003 ASP A OD1 1 
ATOM   399  O  OD2 . ASP A 1 90  ? 5.419   -8.777  10.812  1.00 17.34 ? 1003 ASP A OD2 1 
ATOM   400  N  N   . MET A 1 91  ? 2.637   -4.810  10.611  1.00 11.23 ? 1004 MET A N   1 
ATOM   401  C  CA  . MET A 1 91  ? 2.631   -3.791  11.646  1.00 11.85 ? 1004 MET A CA  1 
ATOM   402  C  C   . MET A 1 91  ? 3.240   -4.255  12.968  1.00 13.87 ? 1004 MET A C   1 
ATOM   403  O  O   . MET A 1 91  ? 3.299   -3.469  13.908  1.00 18.53 ? 1004 MET A O   1 
ATOM   404  C  CB  . MET A 1 91  ? 1.212   -3.266  11.894  1.00 10.35 ? 1004 MET A CB  1 
ATOM   405  C  CG  . MET A 1 91  ? 0.583   -2.584  10.674  1.00 10.29 ? 1004 MET A CG  1 
ATOM   406  S  SD  . MET A 1 91  ? -1.044  -1.877  10.994  1.00 11.56 ? 1004 MET A SD  1 
ATOM   407  C  CE  . MET A 1 91  ? -1.988  -3.327  11.433  1.00 10.82 ? 1004 MET A CE  1 
ATOM   408  N  N   . GLN A 1 92  ? 3.684   -5.516  13.020  1.00 14.32 ? 1005 GLN A N   1 
ATOM   409  C  CA  . GLN A 1 92  ? 4.363   -6.131  14.186  1.00 17.31 ? 1005 GLN A CA  1 
ATOM   410  C  C   . GLN A 1 92  ? 3.401   -6.608  15.263  1.00 17.19 ? 1005 GLN A C   1 
ATOM   411  O  O   . GLN A 1 92  ? 3.758   -7.437  16.103  1.00 20.04 ? 1005 GLN A O   1 
ATOM   412  C  CB  . GLN A 1 92  ? 5.387   -5.198  14.851  1.00 21.52 ? 1005 GLN A CB  1 
ATOM   413  C  CG  . GLN A 1 92  ? 6.349   -4.511  13.918  1.00 24.77 ? 1005 GLN A CG  1 
ATOM   414  C  CD  . GLN A 1 92  ? 7.298   -5.478  13.289  1.00 26.87 ? 1005 GLN A CD  1 
ATOM   415  O  OE1 . GLN A 1 92  ? 7.077   -5.938  12.169  1.00 32.87 ? 1005 GLN A OE1 1 
ATOM   416  N  NE2 . GLN A 1 92  ? 8.364   -5.814  14.007  1.00 27.83 ? 1005 GLN A NE2 1 
ATOM   417  N  N   . LYS A 1 93  ? 2.188   -6.071  15.243  1.00 14.99 ? 1006 LYS A N   1 
ATOM   418  C  CA  . LYS A 1 93  ? 1.209   -6.291  16.285  1.00 16.91 ? 1006 LYS A CA  1 
ATOM   419  C  C   . LYS A 1 93  ? -0.147  -6.065  15.639  1.00 13.38 ? 1006 LYS A C   1 
ATOM   420  O  O   . LYS A 1 93  ? -0.236  -5.359  14.637  1.00 12.71 ? 1006 LYS A O   1 
ATOM   421  C  CB  . LYS A 1 93  ? 1.444   -5.262  17.391  1.00 21.39 ? 1006 LYS A CB  1 
ATOM   422  C  CG  . LYS A 1 93  ? 0.582   -5.407  18.614  1.00 28.35 ? 1006 LYS A CG  1 
ATOM   423  C  CD  . LYS A 1 93  ? 0.948   -4.341  19.636  1.00 24.83 ? 1006 LYS A CD  1 
ATOM   424  C  CE  . LYS A 1 93  ? 0.018   -4.396  20.830  1.00 32.88 ? 1006 LYS A CE  1 
ATOM   425  N  NZ  . LYS A 1 93  ? -1.404  -4.265  20.395  1.00 36.10 ? 1006 LYS A NZ  1 
ATOM   426  N  N   . ALA A 1 94  ? -1.195  -6.665  16.195  1.00 13.01 ? 1007 ALA A N   1 
ATOM   427  C  CA  . ALA A 1 94  ? -2.547  -6.426  15.708  1.00 12.30 ? 1007 ALA A CA  1 
ATOM   428  C  C   . ALA A 1 94  ? -3.098  -5.133  16.287  1.00 12.47 ? 1007 ALA A C   1 
ATOM   429  O  O   . ALA A 1 94  ? -2.922  -4.840  17.471  1.00 14.47 ? 1007 ALA A O   1 
ATOM   430  C  CB  . ALA A 1 94  ? -3.449  -7.581  16.076  1.00 14.11 ? 1007 ALA A CB  1 
ATOM   431  N  N   . TYR A 1 95  ? -3.751  -4.350  15.437  1.00 10.63 ? 1008 TYR A N   1 
ATOM   432  C  CA  . TYR A 1 95  ? -4.424  -3.118  15.855  1.00 9.89  ? 1008 TYR A CA  1 
ATOM   433  C  C   . TYR A 1 95  ? -5.786  -3.045  15.197  1.00 9.59  ? 1008 TYR A C   1 
ATOM   434  O  O   . TYR A 1 95  ? -6.002  -3.650  14.151  1.00 10.42 ? 1008 TYR A O   1 
ATOM   435  C  CB  . TYR A 1 95  ? -3.639  -1.878  15.429  1.00 10.73 ? 1008 TYR A CB  1 
ATOM   436  C  CG  . TYR A 1 95  ? -2.281  -1.743  16.066  1.00 11.13 ? 1008 TYR A CG  1 
ATOM   437  C  CD1 . TYR A 1 95  ? -2.159  -1.433  17.412  1.00 13.80 ? 1008 TYR A CD1 1 
ATOM   438  C  CD2 . TYR A 1 95  ? -1.123  -1.913  15.320  1.00 11.84 ? 1008 TYR A CD2 1 
ATOM   439  C  CE1 . TYR A 1 95  ? -0.921  -1.308  18.008  1.00 17.64 ? 1008 TYR A CE1 1 
ATOM   440  C  CE2 . TYR A 1 95  ? 0.124   -1.781  15.907  1.00 14.07 ? 1008 TYR A CE2 1 
ATOM   441  C  CZ  . TYR A 1 95  ? 0.216   -1.475  17.245  1.00 17.48 ? 1008 TYR A CZ  1 
ATOM   442  O  OH  . TYR A 1 95  ? 1.455   -1.342  17.834  1.00 23.38 ? 1008 TYR A OH  1 
ATOM   443  N  N   . THR A 1 96  ? -6.696  -2.278  15.788  1.00 9.60  ? 1009 THR A N   1 
ATOM   444  C  CA  . THR A 1 96  ? -7.947  -1.972  15.103  1.00 9.48  ? 1009 THR A CA  1 
ATOM   445  C  C   . THR A 1 96  ? -7.715  -0.755  14.204  1.00 9.11  ? 1009 THR A C   1 
ATOM   446  O  O   . THR A 1 96  ? -7.576  0.375   14.666  1.00 9.72  ? 1009 THR A O   1 
ATOM   447  C  CB  . THR A 1 96  ? -9.090  -1.718  16.078  1.00 8.68  ? 1009 THR A CB  1 
ATOM   448  O  OG1 . THR A 1 96  ? -8.687  -0.736  17.039  1.00 9.52  ? 1009 THR A OG1 1 
ATOM   449  C  CG2 . THR A 1 96  ? -9.454  -3.009  16.808  1.00 11.64 ? 1009 THR A CG2 1 
ATOM   450  N  N   . ILE A 1 97  ? -7.636  -1.020  12.909  1.00 9.07  ? 1010 ILE A N   1 
ATOM   451  C  CA  . ILE A 1 97  ? -7.332  0.017   11.936  1.00 8.52  ? 1010 ILE A CA  1 
ATOM   452  C  C   . ILE A 1 97  ? -8.617  0.620   11.387  1.00 9.51  ? 1010 ILE A C   1 
ATOM   453  O  O   . ILE A 1 97  ? -9.555  -0.103  11.042  1.00 10.12 ? 1010 ILE A O   1 
ATOM   454  C  CB  . ILE A 1 97  ? -6.444  -0.557  10.803  1.00 8.13  ? 1010 ILE A CB  1 
ATOM   455  C  CG1 . ILE A 1 97  ? -5.108  -1.071  11.381  1.00 8.41  ? 1010 ILE A CG1 1 
ATOM   456  C  CG2 . ILE A 1 97  ? -6.224  0.468   9.723   1.00 8.10  ? 1010 ILE A CG2 1 
ATOM   457  C  CD1 . ILE A 1 97  ? -4.278  -0.026  12.129  1.00 10.34 ? 1010 ILE A CD1 1 
ATOM   458  N  N   . GLU A 1 98  ? -8.645  1.944   11.340  1.00 9.65  ? 1011 GLU A N   1 
ATOM   459  C  CA  . GLU A 1 98  ? -9.840  2.677   10.925  1.00 10.08 ? 1011 GLU A CA  1 
ATOM   460  C  C   . GLU A 1 98  ? -9.801  3.187   9.489   1.00 10.30 ? 1011 GLU A C   1 
ATOM   461  O  O   . GLU A 1 98  ? -10.844 3.386   8.869   1.00 11.23 ? 1011 GLU A O   1 
ATOM   462  C  CB  . GLU A 1 98  ? -10.049 3.882   11.827  1.00 15.15 ? 1011 GLU A CB  1 
ATOM   463  C  CG  . GLU A 1 98  ? -9.978  3.545   13.281  1.00 19.28 ? 1011 GLU A CG  1 
ATOM   464  C  CD  . GLU A 1 98  ? -11.106 4.156   14.047  1.00 18.28 ? 1011 GLU A CD  1 
ATOM   465  O  OE1 . GLU A 1 98  ? -11.811 5.021   13.475  1.00 23.98 ? 1011 GLU A OE1 1 
ATOM   466  O  OE2 . GLU A 1 98  ? -11.287 3.775   15.216  1.00 15.28 ? 1011 GLU A OE2 1 
ATOM   467  N  N   . LYS A 1 99  ? -8.599  3.413   8.970   1.00 8.61  ? 1012 LYS A N   1 
ATOM   468  C  CA  . LYS A 1 99  ? -8.443  3.938   7.623   1.00 9.01  ? 1012 LYS A CA  1 
ATOM   469  C  C   . LYS A 1 99  ? -7.022  3.725   7.151   1.00 10.09 ? 1012 LYS A C   1 
ATOM   470  O  O   . LYS A 1 99  ? -6.115  3.474   7.950   1.00 9.05  ? 1012 LYS A O   1 
ATOM   471  C  CB  . LYS A 1 99  ? -8.824  5.420   7.556   1.00 13.27 ? 1012 LYS A CB  1 
ATOM   472  C  CG  . LYS A 1 99  ? -7.858  6.357   8.245   1.00 14.64 ? 1012 LYS A CG  1 
ATOM   473  C  CD  . LYS A 1 99  ? -8.181  7.816   7.887   1.00 17.75 ? 1012 LYS A CD  1 
ATOM   474  C  CE  . LYS A 1 99  ? -7.142  8.769   8.456   1.00 18.24 ? 1012 LYS A CE  1 
ATOM   475  N  NZ  . LYS A 1 99  ? -7.311  10.165  7.955   1.00 27.47 ? 1012 LYS A NZ  1 
ATOM   476  N  N   . LEU A 1 100 ? -6.852  3.816   5.836   1.00 9.06  ? 1013 LEU A N   1 
ATOM   477  C  CA  . LEU A 1 100 ? -5.540  3.758   5.211   1.00 8.71  ? 1013 LEU A CA  1 
ATOM   478  C  C   . LEU A 1 100 ? -5.316  4.995   4.368   1.00 9.38  ? 1013 LEU A C   1 
ATOM   479  O  O   . LEU A 1 100 ? -6.254  5.495   3.727   1.00 10.90 ? 1013 LEU A O   1 
ATOM   480  C  CB  . LEU A 1 100 ? -5.434  2.550   4.274   1.00 10.70 ? 1013 LEU A CB  1 
ATOM   481  C  CG  . LEU A 1 100 ? -5.793  1.187   4.838   1.00 8.91  ? 1013 LEU A CG  1 
ATOM   482  C  CD1 . LEU A 1 100 ? -5.723  0.118   3.754   1.00 11.78 ? 1013 LEU A CD1 1 
ATOM   483  C  CD2 . LEU A 1 100 ? -4.860  0.836   5.982   1.00 12.42 ? 1013 LEU A CD2 1 
ATOM   484  N  N   . GLU A 1 101 ? -4.080  5.481   4.353   1.00 8.89  ? 1014 GLU A N   1 
ATOM   485  C  CA  . GLU A 1 101 ? -3.658  6.471   3.370   1.00 8.05  ? 1014 GLU A CA  1 
ATOM   486  C  C   . GLU A 1 101 ? -2.528  5.878   2.555   1.00 9.72  ? 1014 GLU A C   1 
ATOM   487  O  O   . GLU A 1 101 ? -1.581  5.304   3.108   1.00 10.61 ? 1014 GLU A O   1 
ATOM   488  C  CB  . GLU A 1 101 ? -3.199  7.762   4.040   1.00 10.91 ? 1014 GLU A CB  1 
ATOM   489  C  CG  . GLU A 1 101 ? -4.333  8.567   4.615   1.00 12.20 ? 1014 GLU A CG  1 
ATOM   490  C  CD  . GLU A 1 101 ? -3.870  9.807   5.339   1.00 18.74 ? 1014 GLU A CD  1 
ATOM   491  O  OE1 . GLU A 1 101 ? -2.649  9.959   5.557   1.00 20.50 ? 1014 GLU A OE1 1 
ATOM   492  O  OE2 . GLU A 1 101 ? -4.738  10.628  5.701   1.00 20.85 ? 1014 GLU A OE2 1 
ATOM   493  N  N   . LEU A 1 102 ? -2.645  5.991   1.236   1.00 9.40  ? 1015 LEU A N   1 
ATOM   494  C  CA  . LEU A 1 102 ? -1.622  5.533   0.297   1.00 9.40  ? 1015 LEU A CA  1 
ATOM   495  C  C   . LEU A 1 102 ? -1.138  6.693   -0.555  1.00 9.73  ? 1015 LEU A C   1 
ATOM   496  O  O   . LEU A 1 102 ? -1.927  7.540   -0.992  1.00 10.38 ? 1015 LEU A O   1 
ATOM   497  C  CB  . LEU A 1 102 ? -2.156  4.419   -0.605  1.00 12.38 ? 1015 LEU A CB  1 
ATOM   498  C  CG  . LEU A 1 102 ? -2.604  3.158   0.151   1.00 14.61 ? 1015 LEU A CG  1 
ATOM   499  C  CD1 . LEU A 1 102 ? -4.095  3.218   0.413   1.00 18.66 ? 1015 LEU A CD1 1 
ATOM   500  C  CD2 . LEU A 1 102 ? -2.239  1.892   -0.602  1.00 15.86 ? 1015 LEU A CD2 1 
ATOM   501  N  N   . LEU A 1 103 ? 0.168   6.736   -0.769  1.00 9.07  ? 1016 LEU A N   1 
ATOM   502  C  CA  . LEU A 1 103 ? 0.775   7.808   -1.538  1.00 9.77  ? 1016 LEU A CA  1 
ATOM   503  C  C   . LEU A 1 103 ? 1.669   7.160   -2.574  1.00 9.01  ? 1016 LEU A C   1 
ATOM   504  O  O   . LEU A 1 103 ? 2.612   6.440   -2.219  1.00 9.71  ? 1016 LEU A O   1 
ATOM   505  C  CB  . LEU A 1 103 ? 1.600   8.702   -0.618  1.00 10.20 ? 1016 LEU A CB  1 
ATOM   506  C  CG  . LEU A 1 103 ? 2.148   10.012  -1.170  1.00 13.25 ? 1016 LEU A CG  1 
ATOM   507  C  CD1 . LEU A 1 103 ? 1.003   10.943  -1.562  1.00 12.76 ? 1016 LEU A CD1 1 
ATOM   508  C  CD2 . LEU A 1 103 ? 3.032   10.675  -0.128  1.00 16.42 ? 1016 LEU A CD2 1 
ATOM   509  N  N   . PHE A 1 104 ? 1.357   7.404   -3.844  1.00 9.36  ? 1017 PHE A N   1 
ATOM   510  C  CA  . PHE A 1 104 ? 2.097   6.816   -4.954  1.00 9.71  ? 1017 PHE A CA  1 
ATOM   511  C  C   . PHE A 1 104 ? 2.871   7.874   -5.722  1.00 10.74 ? 1017 PHE A C   1 
ATOM   512  O  O   . PHE A 1 104 ? 2.595   9.075   -5.619  1.00 10.40 ? 1017 PHE A O   1 
ATOM   513  C  CB  . PHE A 1 104 ? 1.143   6.100   -5.916  1.00 10.14 ? 1017 PHE A CB  1 
ATOM   514  C  CG  . PHE A 1 104 ? 0.315   5.033   -5.263  1.00 9.28  ? 1017 PHE A CG  1 
ATOM   515  C  CD1 . PHE A 1 104 ? 0.899   3.833   -4.875  1.00 9.95  ? 1017 PHE A CD1 1 
ATOM   516  C  CD2 . PHE A 1 104 ? -1.041  5.223   -5.036  1.00 10.41 ? 1017 PHE A CD2 1 
ATOM   517  C  CE1 . PHE A 1 104 ? 0.148   2.840   -4.252  1.00 10.24 ? 1017 PHE A CE1 1 
ATOM   518  C  CE2 . PHE A 1 104 ? -1.799  4.229   -4.427  1.00 11.41 ? 1017 PHE A CE2 1 
ATOM   519  C  CZ  . PHE A 1 104 ? -1.200  3.034   -4.043  1.00 9.63  ? 1017 PHE A CZ  1 
ATOM   520  N  N   . ARG A 1 105 ? 3.824   7.419   -6.525  1.00 10.25 ? 1018 ARG A N   1 
ATOM   521  C  CA  . ARG A 1 105 ? 4.534   8.297   -7.439  1.00 10.98 ? 1018 ARG A CA  1 
ATOM   522  C  C   . ARG A 1 105 ? 3.560   9.102   -8.286  1.00 11.13 ? 1018 ARG A C   1 
ATOM   523  O  O   . ARG A 1 105 ? 2.489   8.618   -8.663  1.00 11.15 ? 1018 ARG A O   1 
ATOM   524  C  CB  . ARG A 1 105 ? 5.443   7.471   -8.346  1.00 12.75 ? 1018 ARG A CB  1 
ATOM   525  C  CG  . ARG A 1 105 ? 6.342   8.316   -9.228  1.00 14.41 ? 1018 ARG A CG  1 
ATOM   526  C  CD  . ARG A 1 105 ? 7.205   7.443   -10.087 1.00 15.03 ? 1018 ARG A CD  1 
ATOM   527  N  NE  . ARG A 1 105 ? 8.033   8.221   -11.003 1.00 17.74 ? 1018 ARG A NE  1 
ATOM   528  C  CZ  . ARG A 1 105 ? 8.952   7.677   -11.787 1.00 21.23 ? 1018 ARG A CZ  1 
ATOM   529  N  NH1 . ARG A 1 105 ? 9.148   6.365   -11.755 1.00 18.41 ? 1018 ARG A NH1 1 
ATOM   530  N  NH2 . ARG A 1 105 ? 9.675   8.440   -12.593 1.00 22.37 ? 1018 ARG A NH2 1 
ATOM   531  N  N   . LYS A 1 106 ? 3.941   10.343  -8.575  1.00 11.57 ? 1019 LYS A N   1 
ATOM   532  C  CA  . LYS A 1 106 ? 3.173   11.215  -9.448  1.00 14.09 ? 1019 LYS A CA  1 
ATOM   533  C  C   . LYS A 1 106 ? 3.548   10.990  -10.908 1.00 14.35 ? 1019 LYS A C   1 
ATOM   534  O  O   . LYS A 1 106 ? 4.718   11.072  -11.271 1.00 16.86 ? 1019 LYS A O   1 
ATOM   535  C  CB  . LYS A 1 106 ? 3.442   12.672  -9.072  1.00 14.05 ? 1019 LYS A CB  1 
ATOM   536  C  CG  . LYS A 1 106 ? 2.649   13.685  -9.878  1.00 14.33 ? 1019 LYS A CG  1 
ATOM   537  C  CD  . LYS A 1 106 ? 2.765   15.077  -9.261  1.00 15.71 ? 1019 LYS A CD  1 
ATOM   538  C  CE  . LYS A 1 106 ? 1.982   16.134  -10.038 1.00 17.25 ? 1019 LYS A CE  1 
ATOM   539  N  NZ  . LYS A 1 106 ? 0.519   15.861  -10.079 1.00 16.72 ? 1019 LYS A NZ  1 
ATOM   540  N  N   . ASN A 1 107 ? 2.548   10.685  -11.725 1.00 14.04 ? 1020 ASN A N   1 
ATOM   541  C  CA  . ASN A 1 107 ? 2.693   10.631  -13.181 1.00 17.41 ? 1020 ASN A CA  1 
ATOM   542  C  C   . ASN A 1 107 ? 3.968   10.005  -13.762 1.00 23.64 ? 1020 ASN A C   1 
ATOM   543  O  O   . ASN A 1 107 ? 4.678   10.639  -14.538 1.00 21.60 ? 1020 ASN A O   1 
ATOM   544  C  CB  . ASN A 1 107 ? 2.518   12.033  -13.739 1.00 23.58 ? 1020 ASN A CB  1 
ATOM   545  C  CG  . ASN A 1 107 ? 1.293   12.156  -14.591 1.00 33.20 ? 1020 ASN A CG  1 
ATOM   546  O  OD1 . ASN A 1 107 ? 0.167   12.033  -14.099 1.00 30.13 ? 1020 ASN A OD1 1 
ATOM   547  N  ND2 . ASN A 1 107 ? 1.494   12.391  -15.883 1.00 38.15 ? 1020 ASN A ND2 1 
ATOM   548  N  N   . GLY A 1 108 ? 4.251   8.761   -13.394 1.00 18.15 ? 1021 GLY A N   1 
ATOM   549  C  CA  . GLY A 1 108 ? 5.393   8.046   -13.940 1.00 16.66 ? 1021 GLY A CA  1 
ATOM   550  C  C   . GLY A 1 108 ? 5.335   6.575   -13.592 1.00 14.48 ? 1021 GLY A C   1 
ATOM   551  O  O   . GLY A 1 108 ? 4.365   6.114   -12.982 1.00 13.04 ? 1021 GLY A O   1 
ATOM   552  N  N   . ASN A 1 109 ? 6.366   5.836   -13.985 1.00 15.44 ? 1022 ASN A N   1 
ATOM   553  C  CA  . ASN A 1 109 ? 6.427   4.409   -13.700 1.00 13.39 ? 1022 ASN A CA  1 
ATOM   554  C  C   . ASN A 1 109 ? 6.108   4.105   -12.246 1.00 12.29 ? 1022 ASN A C   1 
ATOM   555  O  O   . ASN A 1 109 ? 6.759   4.622   -11.330 1.00 13.83 ? 1022 ASN A O   1 
ATOM   556  C  CB  . ASN A 1 109 ? 7.807   3.846   -14.024 1.00 13.86 ? 1022 ASN A CB  1 
ATOM   557  C  CG  . ASN A 1 109 ? 7.985   3.532   -15.500 1.00 15.24 ? 1022 ASN A CG  1 
ATOM   558  O  OD1 . ASN A 1 109 ? 7.019   3.262   -16.215 1.00 15.99 ? 1022 ASN A OD1 1 
ATOM   559  N  ND2 . ASN A 1 109 ? 9.231   3.545   -15.950 1.00 21.03 ? 1022 ASN A ND2 1 
ATOM   560  N  N   . GLY A 1 110 ? 5.100   3.270   -12.041 1.00 11.37 ? 1023 GLY A N   1 
ATOM   561  C  CA  . GLY A 1 110 ? 4.740   2.876   -10.693 1.00 12.06 ? 1023 GLY A CA  1 
ATOM   562  C  C   . GLY A 1 110 ? 3.565   3.614   -10.080 1.00 11.67 ? 1023 GLY A C   1 
ATOM   563  O  O   . GLY A 1 110 ? 3.126   3.262   -8.983  1.00 10.76 ? 1023 GLY A O   1 
ATOM   564  N  N   A SER A 1 111 ? 3.066   4.648   -10.756 0.73 11.61 ? 1024 SER A N   1 
ATOM   565  N  N   B SER A 1 111 ? 3.045   4.622   -10.772 0.27 11.62 ? 1024 SER A N   1 
ATOM   566  C  CA  A SER A 1 111 ? 1.852   5.327   -10.308 0.73 10.44 ? 1024 SER A CA  1 
ATOM   567  C  CA  B SER A 1 111 ? 1.865   5.324   -10.287 0.27 10.53 ? 1024 SER A CA  1 
ATOM   568  C  C   A SER A 1 111 ? 0.701   4.343   -10.397 0.73 11.36 ? 1024 SER A C   1 
ATOM   569  C  C   B SER A 1 111 ? 0.644   4.418   -10.409 0.27 11.35 ? 1024 SER A C   1 
ATOM   570  O  O   A SER A 1 111 ? 0.407   3.825   -11.470 0.73 12.17 ? 1024 SER A O   1 
ATOM   571  O  O   B SER A 1 111 ? 0.244   4.044   -11.512 0.27 12.15 ? 1024 SER A O   1 
ATOM   572  C  CB  A SER A 1 111 ? 1.545   6.541   -11.192 0.73 11.61 ? 1024 SER A CB  1 
ATOM   573  C  CB  B SER A 1 111 ? 1.649   6.617   -11.065 0.27 11.71 ? 1024 SER A CB  1 
ATOM   574  O  OG  A SER A 1 111 ? 2.573   7.513   -11.138 0.73 11.83 ? 1024 SER A OG  1 
ATOM   575  O  OG  B SER A 1 111 ? 0.761   7.468   -10.367 0.27 12.59 ? 1024 SER A OG  1 
ATOM   576  N  N   . VAL A 1 112 ? 0.053   4.071   -9.272  1.00 10.41 ? 1025 VAL A N   1 
ATOM   577  C  CA  . VAL A 1 112 ? -0.976  3.034   -9.230  1.00 10.94 ? 1025 VAL A CA  1 
ATOM   578  C  C   . VAL A 1 112 ? -2.366  3.583   -9.507  1.00 10.88 ? 1025 VAL A C   1 
ATOM   579  O  O   . VAL A 1 112 ? -2.789  4.567   -8.887  1.00 12.57 ? 1025 VAL A O   1 
ATOM   580  C  CB  . VAL A 1 112 ? -0.970  2.322   -7.865  1.00 10.54 ? 1025 VAL A CB  1 
ATOM   581  C  CG1 . VAL A 1 112 ? -2.139  1.343   -7.757  1.00 11.35 ? 1025 VAL A CG1 1 
ATOM   582  C  CG2 . VAL A 1 112 ? 0.363   1.625   -7.644  1.00 10.77 ? 1025 VAL A CG2 1 
ATOM   583  N  N   . LYS A 1 113 ? -3.081  2.942   -10.427 1.00 11.76 ? 1026 LYS A N   1 
ATOM   584  C  CA  . LYS A 1 113 ? -4.456  3.312   -10.751 1.00 11.45 ? 1026 LYS A CA  1 
ATOM   585  C  C   . LYS A 1 113 ? -5.451  2.382   -10.053 1.00 11.03 ? 1026 LYS A C   1 
ATOM   586  O  O   . LYS A 1 113 ? -6.504  2.816   -9.594  1.00 11.92 ? 1026 LYS A O   1 
ATOM   587  C  CB  . LYS A 1 113 ? -4.683  3.248   -12.265 1.00 15.56 ? 1026 LYS A CB  1 
ATOM   588  C  CG  . LYS A 1 113 ? -3.794  4.186   -13.070 1.00 14.55 ? 1026 LYS A CG  1 
ATOM   589  C  CD  . LYS A 1 113 ? -4.025  4.012   -14.566 1.00 18.80 ? 1026 LYS A CD  1 
ATOM   590  C  CE  . LYS A 1 113 ? -3.221  5.022   -15.358 1.00 24.23 ? 1026 LYS A CE  1 
ATOM   591  N  NZ  . LYS A 1 113 ? -3.351  4.814   -16.830 1.00 26.23 ? 1026 LYS A NZ  1 
ATOM   592  N  N   . ARG A 1 114 ? -5.115  1.096   -9.982  1.00 11.75 ? 1027 ARG A N   1 
ATOM   593  C  CA  . ARG A 1 114 ? -6.012  0.108   -9.389  1.00 12.39 ? 1027 ARG A CA  1 
ATOM   594  C  C   . ARG A 1 114 ? -5.229  -0.885  -8.555  1.00 11.03 ? 1027 ARG A C   1 
ATOM   595  O  O   . ARG A 1 114 ? -4.150  -1.328  -8.953  1.00 11.71 ? 1027 ARG A O   1 
ATOM   596  C  CB  . ARG A 1 114 ? -6.758  -0.666  -10.472 1.00 12.92 ? 1027 ARG A CB  1 
ATOM   597  C  CG  . ARG A 1 114 ? -7.608  0.186   -11.395 1.00 13.33 ? 1027 ARG A CG  1 
ATOM   598  C  CD  . ARG A 1 114 ? -8.346  -0.704  -12.385 1.00 15.83 ? 1027 ARG A CD  1 
ATOM   599  N  NE  . ARG A 1 114 ? -9.098  0.062   -13.375 1.00 16.04 ? 1027 ARG A NE  1 
ATOM   600  C  CZ  . ARG A 1 114 ? -10.357 0.462   -13.228 1.00 17.39 ? 1027 ARG A CZ  1 
ATOM   601  N  NH1 . ARG A 1 114 ? -11.036 0.182   -12.124 1.00 19.67 ? 1027 ARG A NH1 1 
ATOM   602  N  NH2 . ARG A 1 114 ? -10.946 1.156   -14.199 1.00 24.84 ? 1027 ARG A NH2 1 
ATOM   603  N  N   . ALA A 1 115 ? -5.784  -1.234  -7.400  1.00 10.81 ? 1028 ALA A N   1 
ATOM   604  C  CA  . ALA A 1 115 ? -5.172  -2.221  -6.524  1.00 10.83 ? 1028 ALA A CA  1 
ATOM   605  C  C   . ALA A 1 115 ? -6.228  -2.919  -5.693  1.00 10.98 ? 1028 ALA A C   1 
ATOM   606  O  O   . ALA A 1 115 ? -7.337  -2.414  -5.507  1.00 10.74 ? 1028 ALA A O   1 
ATOM   607  C  CB  . ALA A 1 115 ? -4.166  -1.559  -5.607  1.00 12.05 ? 1028 ALA A CB  1 
ATOM   608  N  N   . GLU A 1 116 ? -5.865  -4.085  -5.176  1.00 11.46 ? 1029 GLU A N   1 
ATOM   609  C  CA  . GLU A 1 116 ? -6.657  -4.740  -4.150  1.00 11.16 ? 1029 GLU A CA  1 
ATOM   610  C  C   . GLU A 1 116 ? -5.838  -4.733  -2.880  1.00 10.37 ? 1029 GLU A C   1 
ATOM   611  O  O   . GLU A 1 116 ? -4.619  -4.903  -2.926  1.00 11.26 ? 1029 GLU A O   1 
ATOM   612  C  CB  . GLU A 1 116 ? -6.933  -6.191  -4.534  1.00 12.59 ? 1029 GLU A CB  1 
ATOM   613  C  CG  . GLU A 1 116 ? -7.770  -6.397  -5.787  1.00 17.32 ? 1029 GLU A CG  1 
ATOM   614  C  CD  . GLU A 1 116 ? -7.881  -7.876  -6.154  1.00 20.00 ? 1029 GLU A CD  1 
ATOM   615  O  OE1 . GLU A 1 116 ? -7.025  -8.672  -5.705  1.00 27.44 ? 1029 GLU A OE1 1 
ATOM   616  O  OE2 . GLU A 1 116 ? -8.821  -8.239  -6.881  1.00 27.25 ? 1029 GLU A OE2 1 
ATOM   617  N  N   . ILE A 1 117 ? -6.504  -4.540  -1.746  1.00 9.34  ? 1030 ILE A N   1 
ATOM   618  C  CA  . ILE A 1 117 ? -5.836  -4.583  -0.454  1.00 9.41  ? 1030 ILE A CA  1 
ATOM   619  C  C   . ILE A 1 117 ? -6.501  -5.628  0.421   1.00 9.83  ? 1030 ILE A C   1 
ATOM   620  O  O   . ILE A 1 117 ? -7.734  -5.690  0.495   1.00 9.93  ? 1030 ILE A O   1 
ATOM   621  C  CB  . ILE A 1 117 ? -5.829  -3.197  0.232   1.00 10.08 ? 1030 ILE A CB  1 
ATOM   622  C  CG1 . ILE A 1 117 ? -5.131  -2.187  -0.680  1.00 11.70 ? 1030 ILE A CG1 1 
ATOM   623  C  CG2 . ILE A 1 117 ? -5.132  -3.265  1.580   1.00 12.07 ? 1030 ILE A CG2 1 
ATOM   624  C  CD1 . ILE A 1 117 ? -5.173  -0.768  -0.155  1.00 15.72 ? 1030 ILE A CD1 1 
ATOM   625  N  N   . TYR A 1 118 ? -5.674  -6.437  1.078   1.00 9.00  ? 1031 TYR A N   1 
ATOM   626  C  CA  . TYR A 1 118 ? -6.125  -7.518  1.942   1.00 9.00  ? 1031 TYR A CA  1 
ATOM   627  C  C   . TYR A 1 118 ? -5.547  -7.323  3.321   1.00 10.10 ? 1031 TYR A C   1 
ATOM   628  O  O   . TYR A 1 118 ? -4.494  -6.694  3.481   1.00 10.73 ? 1031 TYR A O   1 
ATOM   629  C  CB  . TYR A 1 118 ? -5.632  -8.869  1.415   1.00 12.09 ? 1031 TYR A CB  1 
ATOM   630  C  CG  . TYR A 1 118 ? -6.108  -9.236  0.031   1.00 12.12 ? 1031 TYR A CG  1 
ATOM   631  C  CD1 . TYR A 1 118 ? -7.138  -10.149 -0.143  1.00 12.53 ? 1031 TYR A CD1 1 
ATOM   632  C  CD2 . TYR A 1 118 ? -5.521  -8.685  -1.102  1.00 12.33 ? 1031 TYR A CD2 1 
ATOM   633  C  CE1 . TYR A 1 118 ? -7.574  -10.500 -1.404  1.00 14.65 ? 1031 TYR A CE1 1 
ATOM   634  C  CE2 . TYR A 1 118 ? -5.952  -9.032  -2.373  1.00 14.45 ? 1031 TYR A CE2 1 
ATOM   635  C  CZ  . TYR A 1 118 ? -6.985  -9.938  -2.511  1.00 14.63 ? 1031 TYR A CZ  1 
ATOM   636  O  OH  . TYR A 1 118 ? -7.429  -10.298 -3.764  1.00 19.41 ? 1031 TYR A OH  1 
ATOM   637  N  N   . SER A 1 119 ? -6.234  -7.876  4.318   1.00 9.52  ? 1032 SER A N   1 
ATOM   638  C  CA  . SER A 1 119 ? -5.766  -7.832  5.701   1.00 10.14 ? 1032 SER A CA  1 
ATOM   639  C  C   . SER A 1 119 ? -5.647  -9.237  6.275   1.00 10.84 ? 1032 SER A C   1 
ATOM   640  O  O   . SER A 1 119 ? -6.337  -10.159 5.831   1.00 11.58 ? 1032 SER A O   1 
ATOM   641  C  CB  . SER A 1 119 ? -6.721  -7.008  6.570   1.00 11.91 ? 1032 SER A CB  1 
ATOM   642  O  OG  . SER A 1 119 ? -7.999  -7.613  6.632   1.00 13.54 ? 1032 SER A OG  1 
ATOM   643  N  N   . SER A 1 120 ? -4.789  -9.395  7.278   1.00 9.06  ? 1033 SER A N   1 
ATOM   644  C  CA  . SER A 1 120 ? -4.672  -10.672 7.972   1.00 10.10 ? 1033 SER A CA  1 
ATOM   645  C  C   . SER A 1 120 ? -4.248  -10.451 9.409   1.00 9.16  ? 1033 SER A C   1 
ATOM   646  O  O   . SER A 1 120 ? -3.509  -9.517  9.713   1.00 9.59  ? 1033 SER A O   1 
ATOM   647  C  CB  . SER A 1 120 ? -3.629  -11.560 7.276   1.00 10.44 ? 1033 SER A CB  1 
ATOM   648  O  OG  . SER A 1 120 ? -3.526  -12.820 7.932   1.00 11.19 ? 1033 SER A OG  1 
ATOM   649  N  N   . LEU A 1 121 ? -4.714  -11.327 10.296  1.00 10.81 ? 1034 LEU A N   1 
ATOM   650  C  CA  . LEU A 1 121 ? -4.196  -11.388 11.660  1.00 11.69 ? 1034 LEU A CA  1 
ATOM   651  C  C   . LEU A 1 121 ? -3.025  -12.355 11.810  1.00 15.34 ? 1034 LEU A C   1 
ATOM   652  O  O   . LEU A 1 121 ? -2.105  -12.102 12.590  1.00 18.01 ? 1034 LEU A O   1 
ATOM   653  C  CB  . LEU A 1 121 ? -5.310  -11.766 12.643  1.00 15.70 ? 1034 LEU A CB  1 
ATOM   654  C  CG  . LEU A 1 121 ? -6.286  -10.650 12.989  1.00 17.49 ? 1034 LEU A CG  1 
ATOM   655  C  CD1 . LEU A 1 121 ? -7.419  -11.210 13.831  1.00 21.25 ? 1034 LEU A CD1 1 
ATOM   656  C  CD2 . LEU A 1 121 ? -5.570  -9.543  13.737  1.00 18.07 ? 1034 LEU A CD2 1 
ATOM   657  N  N   . ASP A 1 122 ? -3.054  -13.453 11.063  1.00 17.70 ? 1035 ASP A N   1 
ATOM   658  C  CA  . ASP A 1 122 ? -2.037  -14.496 11.242  1.00 19.20 ? 1035 ASP A CA  1 
ATOM   659  C  C   . ASP A 1 122 ? -0.957  -14.566 10.161  1.00 24.43 ? 1035 ASP A C   1 
ATOM   660  O  O   . ASP A 1 122 ? 0.037   -15.278 10.313  1.00 25.74 ? 1035 ASP A O   1 
ATOM   661  C  CB  . ASP A 1 122 ? -2.676  -15.875 11.474  1.00 22.17 ? 1035 ASP A CB  1 
ATOM   662  C  CG  . ASP A 1 122 ? -3.415  -16.417 10.253  1.00 23.01 ? 1035 ASP A CG  1 
ATOM   663  O  OD1 . ASP A 1 122 ? -3.425  -15.771 9.184   1.00 18.19 ? 1035 ASP A OD1 1 
ATOM   664  O  OD2 . ASP A 1 122 ? -3.987  -17.522 10.362  1.00 27.67 ? 1035 ASP A OD2 1 
ATOM   665  N  N   . GLY A 1 123 ? -1.144  -13.831 9.074   1.00 15.05 ? 1036 GLY A N   1 
ATOM   666  C  CA  . GLY A 1 123 ? -0.188  -13.835 7.985   1.00 17.65 ? 1036 GLY A CA  1 
ATOM   667  C  C   . GLY A 1 123 ? -0.336  -15.005 7.025   1.00 15.27 ? 1036 GLY A C   1 
ATOM   668  O  O   . GLY A 1 123 ? 0.498   -15.188 6.146   1.00 19.28 ? 1036 GLY A O   1 
ATOM   669  N  N   . VAL A 1 124 ? -1.393  -15.795 7.184   1.00 17.40 ? 1037 VAL A N   1 
ATOM   670  C  CA  . VAL A 1 124 ? -1.670  -16.891 6.253   1.00 17.64 ? 1037 VAL A CA  1 
ATOM   671  C  C   . VAL A 1 124 ? -2.978  -16.647 5.515   1.00 15.49 ? 1037 VAL A C   1 
ATOM   672  O  O   . VAL A 1 124 ? -3.019  -16.643 4.285   1.00 17.54 ? 1037 VAL A O   1 
ATOM   673  C  CB  . VAL A 1 124 ? -1.777  -18.258 6.963   1.00 20.48 ? 1037 VAL A CB  1 
ATOM   674  C  CG1 . VAL A 1 124 ? -2.085  -19.357 5.955   1.00 21.30 ? 1037 VAL A CG1 1 
ATOM   675  C  CG2 . VAL A 1 124 ? -0.512  -18.573 7.706   1.00 23.80 ? 1037 VAL A CG2 1 
ATOM   676  N  N   . THR A 1 125 ? -4.041  -16.442 6.286   1.00 16.24 ? 1038 THR A N   1 
ATOM   677  C  CA  . THR A 1 125 ? -5.368  -16.202 5.734   1.00 15.25 ? 1038 THR A CA  1 
ATOM   678  C  C   . THR A 1 125 ? -5.598  -14.702 5.585   1.00 13.89 ? 1038 THR A C   1 
ATOM   679  O  O   . THR A 1 125 ? -5.568  -13.965 6.568   1.00 15.20 ? 1038 THR A O   1 
ATOM   680  C  CB  . THR A 1 125 ? -6.464  -16.784 6.642   1.00 18.67 ? 1038 THR A CB  1 
ATOM   681  O  OG1 . THR A 1 125 ? -6.279  -18.200 6.762   1.00 23.06 ? 1038 THR A OG1 1 
ATOM   682  C  CG2 . THR A 1 125 ? -7.842  -16.503 6.069   1.00 24.66 ? 1038 THR A CG2 1 
ATOM   683  N  N   . TYR A 1 126 ? -5.817  -14.272 4.349   1.00 13.17 ? 1039 TYR A N   1 
ATOM   684  C  CA  . TYR A 1 126 ? -6.063  -12.859 4.055   1.00 12.90 ? 1039 TYR A CA  1 
ATOM   685  C  C   . TYR A 1 126 ? -7.498  -12.650 3.599   1.00 15.57 ? 1039 TYR A C   1 
ATOM   686  O  O   . TYR A 1 126 ? -8.051  -13.485 2.885   1.00 19.53 ? 1039 TYR A O   1 
ATOM   687  C  CB  . TYR A 1 126 ? -5.101  -12.362 2.979   1.00 13.98 ? 1039 TYR A CB  1 
ATOM   688  C  CG  . TYR A 1 126 ? -3.724  -12.037 3.491   1.00 12.34 ? 1039 TYR A CG  1 
ATOM   689  C  CD1 . TYR A 1 126 ? -3.383  -10.733 3.828   1.00 11.19 ? 1039 TYR A CD1 1 
ATOM   690  C  CD2 . TYR A 1 126 ? -2.761  -13.031 3.652   1.00 12.59 ? 1039 TYR A CD2 1 
ATOM   691  C  CE1 . TYR A 1 126 ? -2.132  -10.422 4.299   1.00 10.24 ? 1039 TYR A CE1 1 
ATOM   692  C  CE2 . TYR A 1 126 ? -1.502  -12.727 4.130   1.00 12.35 ? 1039 TYR A CE2 1 
ATOM   693  C  CZ  . TYR A 1 126 ? -1.189  -11.415 4.438   1.00 12.49 ? 1039 TYR A CZ  1 
ATOM   694  O  OH  . TYR A 1 126 ? 0.051   -11.082 4.922   1.00 13.50 ? 1039 TYR A OH  1 
ATOM   695  N  N   . GLU A 1 127 ? -8.098  -11.535 4.013   1.00 12.40 ? 1040 GLU A N   1 
ATOM   696  C  CA  . GLU A 1 127 ? -9.436  -11.168 3.555   1.00 13.10 ? 1040 GLU A CA  1 
ATOM   697  C  C   . GLU A 1 127 ? -9.352  -9.846  2.798   1.00 11.89 ? 1040 GLU A C   1 
ATOM   698  O  O   . GLU A 1 127 ? -8.620  -8.937  3.196   1.00 12.29 ? 1040 GLU A O   1 
ATOM   699  C  CB  . GLU A 1 127 ? -10.383 -11.040 4.747   1.00 16.20 ? 1040 GLU A CB  1 
ATOM   700  C  CG  . GLU A 1 127 ? -10.638 -12.348 5.471   1.00 23.04 ? 1040 GLU A CG  1 
ATOM   701  C  CD  . GLU A 1 127 ? -11.556 -12.186 6.671   1.00 28.02 ? 1040 GLU A CD  1 
ATOM   702  O  OE1 . GLU A 1 127 ? -11.567 -11.090 7.269   1.00 38.94 ? 1040 GLU A OE1 1 
ATOM   703  O  OE2 . GLU A 1 127 ? -12.264 -13.157 7.017   1.00 40.92 ? 1040 GLU A OE2 1 
ATOM   704  N  N   . LYS A 1 128 ? -10.093 -9.729  1.701   1.00 13.41 ? 1041 LYS A N   1 
ATOM   705  C  CA  . LYS A 1 128 ? -10.043 -8.504  0.903   1.00 12.28 ? 1041 LYS A CA  1 
ATOM   706  C  C   . LYS A 1 128 ? -10.803 -7.387  1.610   1.00 13.85 ? 1041 LYS A C   1 
ATOM   707  O  O   . LYS A 1 128 ? -11.959 -7.564  2.000   1.00 18.31 ? 1041 LYS A O   1 
ATOM   708  C  CB  . LYS A 1 128 ? -10.617 -8.743  -0.502  1.00 15.38 ? 1041 LYS A CB  1 
ATOM   709  C  CG  . LYS A 1 128 ? -10.402 -7.586  -1.486  1.00 18.81 ? 1041 LYS A CG  1 
ATOM   710  C  CD  . LYS A 1 128 ? -11.010 -7.893  -2.858  1.00 19.86 ? 1041 LYS A CD  1 
ATOM   711  C  CE  . LYS A 1 128 ? -10.351 -9.094  -3.507  1.00 24.93 ? 1041 LYS A CE  1 
ATOM   712  N  NZ  . LYS A 1 128 ? -10.869 -9.329  -4.885  1.00 30.87 ? 1041 LYS A NZ  1 
ATOM   713  N  N   . VAL A 1 129 ? -10.152 -6.243  1.796   1.00 10.57 ? 1042 VAL A N   1 
ATOM   714  C  CA  . VAL A 1 129 ? -10.806 -5.118  2.449   1.00 11.59 ? 1042 VAL A CA  1 
ATOM   715  C  C   . VAL A 1 129 ? -10.995 -3.923  1.519   1.00 9.89  ? 1042 VAL A C   1 
ATOM   716  O  O   . VAL A 1 129 ? -11.735 -2.992  1.853   1.00 11.30 ? 1042 VAL A O   1 
ATOM   717  C  CB  . VAL A 1 129 ? -10.074 -4.678  3.730   1.00 14.70 ? 1042 VAL A CB  1 
ATOM   718  C  CG1 . VAL A 1 129 ? -10.101 -5.793  4.765   1.00 15.17 ? 1042 VAL A CG1 1 
ATOM   719  C  CG2 . VAL A 1 129 ? -8.648  -4.261  3.404   1.00 15.11 ? 1042 VAL A CG2 1 
ATOM   720  N  N   . PHE A 1 130 ? -10.364 -3.934  0.351   1.00 9.91  ? 1043 PHE A N   1 
ATOM   721  C  CA  . PHE A 1 130 ? -10.566 -2.862  -0.612  1.00 10.01 ? 1043 PHE A CA  1 
ATOM   722  C  C   . PHE A 1 130 ? -10.253 -3.350  -2.001  1.00 11.27 ? 1043 PHE A C   1 
ATOM   723  O  O   . PHE A 1 130 ? -9.315  -4.120  -2.192  1.00 10.70 ? 1043 PHE A O   1 
ATOM   724  C  CB  . PHE A 1 130 ? -9.681  -1.642  -0.302  1.00 11.57 ? 1043 PHE A CB  1 
ATOM   725  C  CG  . PHE A 1 130 ? -9.704  -0.580  -1.382  1.00 12.49 ? 1043 PHE A CG  1 
ATOM   726  C  CD1 . PHE A 1 130 ? -10.677 0.407   -1.386  1.00 13.69 ? 1043 PHE A CD1 1 
ATOM   727  C  CD2 . PHE A 1 130 ? -8.764  -0.592  -2.411  1.00 10.85 ? 1043 PHE A CD2 1 
ATOM   728  C  CE1 . PHE A 1 130 ? -10.698 1.378   -2.385  1.00 13.89 ? 1043 PHE A CE1 1 
ATOM   729  C  CE2 . PHE A 1 130 ? -8.786  0.364   -3.412  1.00 14.28 ? 1043 PHE A CE2 1 
ATOM   730  C  CZ  . PHE A 1 130 ? -9.755  1.354   -3.392  1.00 15.47 ? 1043 PHE A CZ  1 
ATOM   731  N  N   . SER A 1 131 ? -11.016 -2.884  -2.981  1.00 12.83 ? 1044 SER A N   1 
ATOM   732  C  CA  . SER A 1 131 ? -10.648 -3.091  -4.373  1.00 12.52 ? 1044 SER A CA  1 
ATOM   733  C  C   . SER A 1 131 ? -11.215 -2.002  -5.262  1.00 12.82 ? 1044 SER A C   1 
ATOM   734  O  O   . SER A 1 131 ? -12.406 -1.683  -5.174  1.00 14.85 ? 1044 SER A O   1 
ATOM   735  C  CB  . SER A 1 131 ? -11.142 -4.449  -4.877  1.00 13.57 ? 1044 SER A CB  1 
ATOM   736  O  OG  . SER A 1 131 ? -10.929 -4.560  -6.274  1.00 14.95 ? 1044 SER A OG  1 
ATOM   737  N  N   . ASN A 1 132 ? -10.359 -1.425  -6.102  1.00 12.83 ? 1045 ASN A N   1 
ATOM   738  C  CA  . ASN A 1 132 ? -10.842 -0.648  -7.239  1.00 13.64 ? 1045 ASN A CA  1 
ATOM   739  C  C   . ASN A 1 132 ? -10.353 -1.263  -8.553  1.00 15.93 ? 1045 ASN A C   1 
ATOM   740  O  O   . ASN A 1 132 ? -10.105 -0.563  -9.547  1.00 15.61 ? 1045 ASN A O   1 
ATOM   741  C  CB  . ASN A 1 132 ? -10.531 0.853   -7.109  1.00 14.05 ? 1045 ASN A CB  1 
ATOM   742  C  CG  . ASN A 1 132 ? -9.048  1.154   -7.106  1.00 13.32 ? 1045 ASN A CG  1 
ATOM   743  O  OD1 . ASN A 1 132 ? -8.222  0.252   -7.047  1.00 12.35 ? 1045 ASN A OD1 1 
ATOM   744  N  ND2 . ASN A 1 132 ? -8.705  2.440   -7.158  1.00 12.94 ? 1045 ASN A ND2 1 
ATOM   745  N  N   . ALA A 1 133 ? -10.223 -2.589  -8.549  1.00 13.96 ? 1046 ALA A N   1 
ATOM   746  C  CA  . ALA A 1 133 ? -9.940  -3.338  -9.763  1.00 16.36 ? 1046 ALA A CA  1 
ATOM   747  C  C   . ALA A 1 133 ? -11.124 -3.219  -10.712 1.00 21.21 ? 1046 ALA A C   1 
ATOM   748  O  O   . ALA A 1 133 ? -12.211 -2.821  -10.308 1.00 21.58 ? 1046 ALA A O   1 
ATOM   749  C  CB  . ALA A 1 133 ? -9.679  -4.791  -9.433  1.00 17.58 ? 1046 ALA A CB  1 
ATOM   750  N  N   . GLU A 1 134 ? -10.914 -3.573  -11.975 1.00 22.51 ? 1047 GLU A N   1 
ATOM   751  C  CA  . GLU A 1 134 ? -12.002 -3.558  -12.947 1.00 27.05 ? 1047 GLU A CA  1 
ATOM   752  C  C   . GLU A 1 134 ? -13.147 -4.438  -12.462 1.00 28.92 ? 1047 GLU A C   1 
ATOM   753  O  O   . GLU A 1 134 ? -12.928 -5.562  -12.025 1.00 25.91 ? 1047 GLU A O   1 
ATOM   754  C  CB  . GLU A 1 134 ? -11.513 -4.038  -14.316 1.00 24.90 ? 1047 GLU A CB  1 
ATOM   755  C  CG  . GLU A 1 134 ? -10.616 -3.050  -15.032 1.00 27.30 ? 1047 GLU A CG  1 
ATOM   756  C  CD  . GLU A 1 134 ? -10.235 -3.521  -16.419 1.00 33.99 ? 1047 GLU A CD  1 
ATOM   757  O  OE1 . GLU A 1 134 ? -10.726 -4.593  -16.837 1.00 30.19 ? 1047 GLU A OE1 1 
ATOM   758  O  OE2 . GLU A 1 134 ? -9.440  -2.824  -17.088 1.00 33.66 ? 1047 GLU A OE2 1 
ATOM   759  N  N   . GLY A 1 135 ? -14.366 -3.911  -12.512 1.00 32.91 ? 1048 GLY A N   1 
ATOM   760  C  CA  . GLY A 1 135 ? -15.524 -4.660  -12.066 1.00 30.35 ? 1048 GLY A CA  1 
ATOM   761  C  C   . GLY A 1 135 ? -16.039 -4.212  -10.713 1.00 37.70 ? 1048 GLY A C   1 
ATOM   762  O  O   . GLY A 1 135 ? -17.190 -4.469  -10.360 1.00 37.51 ? 1048 GLY A O   1 
ATOM   763  N  N   . SER A 1 136 ? -15.188 -3.542  -9.946  1.00 32.52 ? 1049 SER A N   1 
ATOM   764  C  CA  . SER A 1 136 ? -15.603 -3.031  -8.648  1.00 30.47 ? 1049 SER A CA  1 
ATOM   765  C  C   . SER A 1 136 ? -16.405 -1.754  -8.856  1.00 34.88 ? 1049 SER A C   1 
ATOM   766  O  O   . SER A 1 136 ? -16.432 -1.205  -9.958  1.00 37.51 ? 1049 SER A O   1 
ATOM   767  C  CB  . SER A 1 136 ? -14.384 -2.733  -7.783  1.00 28.21 ? 1049 SER A CB  1 
ATOM   768  O  OG  . SER A 1 136 ? -13.714 -1.592  -8.278  1.00 26.78 ? 1049 SER A OG  1 
ATOM   769  N  N   . ASP A 1 137 ? -17.046 -1.278  -7.796  1.00 35.92 ? 1050 ASP A N   1 
ATOM   770  C  CA  . ASP A 1 137 ? -17.867 -0.075  -7.882  1.00 35.00 ? 1050 ASP A CA  1 
ATOM   771  C  C   . ASP A 1 137 ? -17.070 1.166   -7.508  1.00 32.34 ? 1050 ASP A C   1 
ATOM   772  O  O   . ASP A 1 137 ? -17.632 2.248   -7.349  1.00 32.65 ? 1050 ASP A O   1 
ATOM   773  C  CB  . ASP A 1 137 ? -19.090 -0.190  -6.967  1.00 32.97 ? 1050 ASP A CB  1 
ATOM   774  C  CG  . ASP A 1 137 ? -19.833 -1.498  -7.145  1.00 36.98 ? 1050 ASP A CG  1 
ATOM   775  O  OD1 . ASP A 1 137 ? -20.353 -1.738  -8.256  1.00 43.96 ? 1050 ASP A OD1 1 
ATOM   776  O  OD2 . ASP A 1 137 ? -19.907 -2.281  -6.171  1.00 38.15 ? 1050 ASP A OD2 1 
ATOM   777  N  N   . ILE A 1 138 ? -15.761 0.999   -7.356  1.00 27.09 ? 1051 ILE A N   1 
ATOM   778  C  CA  . ILE A 1 138 ? -14.895 2.091   -6.946  1.00 23.67 ? 1051 ILE A CA  1 
ATOM   779  C  C   . ILE A 1 138 ? -14.003 2.517   -8.104  1.00 23.75 ? 1051 ILE A C   1 
ATOM   780  O  O   . ILE A 1 138 ? -13.370 1.684   -8.752  1.00 21.81 ? 1051 ILE A O   1 
ATOM   781  C  CB  . ILE A 1 138 ? -14.029 1.690   -5.741  1.00 22.39 ? 1051 ILE A CB  1 
ATOM   782  C  CG1 . ILE A 1 138 ? -14.921 1.300   -4.561  1.00 29.05 ? 1051 ILE A CG1 1 
ATOM   783  C  CG2 . ILE A 1 138 ? -13.085 2.819   -5.357  1.00 22.47 ? 1051 ILE A CG2 1 
ATOM   784  C  CD1 . ILE A 1 138 ? -14.168 0.717   -3.396  1.00 30.18 ? 1051 ILE A CD1 1 
ATOM   785  N  N   . ALA A 1 139 ? -13.968 3.819   -8.359  1.00 22.79 ? 1052 ALA A N   1 
ATOM   786  C  CA  . ALA A 1 139 ? -13.215 4.371   -9.477  1.00 19.35 ? 1052 ALA A CA  1 
ATOM   787  C  C   . ALA A 1 139 ? -11.717 4.128   -9.338  1.00 20.32 ? 1052 ALA A C   1 
ATOM   788  O  O   . ALA A 1 139 ? -11.204 4.019   -8.221  1.00 17.85 ? 1052 ALA A O   1 
ATOM   789  C  CB  . ALA A 1 139 ? -13.491 5.861   -9.604  1.00 22.18 ? 1052 ALA A CB  1 
ATOM   790  N  N   . PRO A 1 140 ? -11.007 4.041   -10.470 1.00 16.97 ? 1053 PRO A N   1 
ATOM   791  C  CA  . PRO A 1 140 ? -9.542  3.989   -10.412 1.00 17.06 ? 1053 PRO A CA  1 
ATOM   792  C  C   . PRO A 1 140 ? -8.993  5.309   -9.891  1.00 14.17 ? 1053 PRO A C   1 
ATOM   793  O  O   . PRO A 1 140 ? -9.663  6.339   -9.986  1.00 17.12 ? 1053 PRO A O   1 
ATOM   794  C  CB  . PRO A 1 140 ? -9.134  3.782   -11.872 1.00 15.90 ? 1053 PRO A CB  1 
ATOM   795  C  CG  . PRO A 1 140 ? -10.272 4.384   -12.658 1.00 20.04 ? 1053 PRO A CG  1 
ATOM   796  C  CD  . PRO A 1 140 ? -11.503 4.036   -11.860 1.00 19.16 ? 1053 PRO A CD  1 
ATOM   797  N  N   . TRP A 1 141 ? -7.784  5.271   -9.345  1.00 12.98 ? 1054 TRP A N   1 
ATOM   798  C  CA  . TRP A 1 141 ? -7.141  6.461   -8.809  1.00 12.44 ? 1054 TRP A CA  1 
ATOM   799  C  C   . TRP A 1 141 ? -6.478  7.260   -9.915  1.00 12.21 ? 1054 TRP A C   1 
ATOM   800  O  O   . TRP A 1 141 ? -5.911  6.690   -10.847 1.00 14.63 ? 1054 TRP A O   1 
ATOM   801  C  CB  . TRP A 1 141 ? -6.067  6.072   -7.793  1.00 12.95 ? 1054 TRP A CB  1 
ATOM   802  C  CG  . TRP A 1 141 ? -6.591  5.493   -6.523  1.00 12.59 ? 1054 TRP A CG  1 
ATOM   803  C  CD1 . TRP A 1 141 ? -7.614  5.967   -5.764  1.00 14.43 ? 1054 TRP A CD1 1 
ATOM   804  C  CD2 . TRP A 1 141 ? -6.091  4.331   -5.845  1.00 11.96 ? 1054 TRP A CD2 1 
ATOM   805  N  NE1 . TRP A 1 141 ? -7.790  5.168   -4.651  1.00 13.47 ? 1054 TRP A NE1 1 
ATOM   806  C  CE2 . TRP A 1 141 ? -6.864  4.158   -4.682  1.00 13.25 ? 1054 TRP A CE2 1 
ATOM   807  C  CE3 . TRP A 1 141 ? -5.061  3.428   -6.109  1.00 12.92 ? 1054 TRP A CE3 1 
ATOM   808  C  CZ2 . TRP A 1 141 ? -6.642  3.112   -3.785  1.00 13.86 ? 1054 TRP A CZ2 1 
ATOM   809  C  CZ3 . TRP A 1 141 ? -4.842  2.388   -5.224  1.00 14.24 ? 1054 TRP A CZ3 1 
ATOM   810  C  CH2 . TRP A 1 141 ? -5.629  2.239   -4.077  1.00 14.09 ? 1054 TRP A CH2 1 
ATOM   811  N  N   . ALA A 1 142 ? -6.545  8.586   -9.807  1.00 13.57 ? 1055 ALA A N   1 
ATOM   812  C  CA  . ALA A 1 142 ? -5.745  9.443   -10.673 1.00 12.60 ? 1055 ALA A CA  1 
ATOM   813  C  C   . ALA A 1 142 ? -4.279  9.275   -10.308 1.00 12.12 ? 1055 ALA A C   1 
ATOM   814  O  O   . ALA A 1 142 ? -3.943  9.021   -9.149  1.00 12.82 ? 1055 ALA A O   1 
ATOM   815  C  CB  . ALA A 1 142 ? -6.159  10.895  -10.522 1.00 15.83 ? 1055 ALA A CB  1 
ATOM   816  N  N   . THR A 1 143 ? -3.400  9.431   -11.289 1.00 11.55 ? 1056 THR A N   1 
ATOM   817  C  CA  . THR A 1 143 ? -1.969  9.291   -11.065 1.00 13.43 ? 1056 THR A CA  1 
ATOM   818  C  C   . THR A 1 143 ? -1.339  10.631  -10.685 1.00 12.73 ? 1056 THR A C   1 
ATOM   819  O  O   . THR A 1 143 ? -0.264  10.990  -11.174 1.00 14.31 ? 1056 THR A O   1 
ATOM   820  C  CB  . THR A 1 143 ? -1.285  8.687   -12.304 1.00 12.42 ? 1056 THR A CB  1 
ATOM   821  O  OG1 . THR A 1 143 ? -1.569  9.501   -13.454 1.00 16.24 ? 1056 THR A OG1 1 
ATOM   822  C  CG2 . THR A 1 143 ? -1.808  7.278   -12.548 1.00 17.81 ? 1056 THR A CG2 1 
ATOM   823  N  N   . ASP A 1 144 ? -2.015  11.349  -9.795  1.00 11.02 ? 1057 ASP A N   1 
ATOM   824  C  CA  . ASP A 1 144 ? -1.656  12.730  -9.486  1.00 11.33 ? 1057 ASP A CA  1 
ATOM   825  C  C   . ASP A 1 144 ? -0.725  12.916  -8.281  1.00 10.52 ? 1057 ASP A C   1 
ATOM   826  O  O   . ASP A 1 144 ? -0.419  14.043  -7.912  1.00 10.69 ? 1057 ASP A O   1 
ATOM   827  C  CB  . ASP A 1 144 ? -2.919  13.577  -9.299  1.00 12.44 ? 1057 ASP A CB  1 
ATOM   828  C  CG  . ASP A 1 144 ? -3.836  13.039  -8.211  1.00 12.92 ? 1057 ASP A CG  1 
ATOM   829  O  OD1 . ASP A 1 144 ? -3.411  12.143  -7.437  1.00 12.52 ? 1057 ASP A OD1 1 
ATOM   830  O  OD2 . ASP A 1 144 ? -4.984  13.522  -8.128  1.00 14.40 ? 1057 ASP A OD2 1 
ATOM   831  N  N   . GLY A 1 145 ? -0.291  11.828  -7.656  1.00 9.75  ? 1058 GLY A N   1 
ATOM   832  C  CA  . GLY A 1 145 ? 0.610   11.925  -6.525  1.00 9.51  ? 1058 GLY A CA  1 
ATOM   833  C  C   . GLY A 1 145 ? -0.021  12.410  -5.227  1.00 7.83  ? 1058 GLY A C   1 
ATOM   834  O  O   . GLY A 1 145 ? 0.702   12.678  -4.273  1.00 9.62  ? 1058 GLY A O   1 
ATOM   835  N  N   . GLU A 1 146 ? -1.350  12.538  -5.190  1.00 8.27  ? 1059 GLU A N   1 
ATOM   836  C  CA  . GLU A 1 146 ? -2.035  13.000  -3.981  1.00 9.16  ? 1059 GLU A CA  1 
ATOM   837  C  C   . GLU A 1 146 ? -2.420  11.801  -3.107  1.00 8.75  ? 1059 GLU A C   1 
ATOM   838  O  O   . GLU A 1 146 ? -2.491  10.674  -3.593  1.00 9.95  ? 1059 GLU A O   1 
ATOM   839  C  CB  . GLU A 1 146 ? -3.281  13.819  -4.338  1.00 10.20 ? 1059 GLU A CB  1 
ATOM   840  C  CG  . GLU A 1 146 ? -3.012  15.042  -5.219  1.00 9.09  ? 1059 GLU A CG  1 
ATOM   841  C  CD  . GLU A 1 146 ? -2.215  16.140  -4.542  1.00 9.39  ? 1059 GLU A CD  1 
ATOM   842  O  OE1 . GLU A 1 146 ? -2.251  16.259  -3.302  1.00 9.77  ? 1059 GLU A OE1 1 
ATOM   843  O  OE2 . GLU A 1 146 ? -1.578  16.923  -5.294  1.00 10.72 ? 1059 GLU A OE2 1 
ATOM   844  N  N   . VAL A 1 147 ? -2.679  12.051  -1.834  1.00 9.86  ? 1060 VAL A N   1 
ATOM   845  C  CA  . VAL A 1 147 ? -3.010  10.971  -0.909  1.00 9.12  ? 1060 VAL A CA  1 
ATOM   846  C  C   . VAL A 1 147 ? -4.308  10.302  -1.325  1.00 10.09 ? 1060 VAL A C   1 
ATOM   847  O  O   . VAL A 1 147 ? -5.290  10.973  -1.622  1.00 10.78 ? 1060 VAL A O   1 
ATOM   848  C  CB  . VAL A 1 147 ? -3.159  11.516  0.519   1.00 10.97 ? 1060 VAL A CB  1 
ATOM   849  C  CG1 . VAL A 1 147 ? -3.742  10.446  1.464   1.00 13.59 ? 1060 VAL A CG1 1 
ATOM   850  C  CG2 . VAL A 1 147 ? -1.822  12.018  1.042   1.00 13.16 ? 1060 VAL A CG2 1 
ATOM   851  N  N   . LYS A 1 148 ? -4.304  8.972   -1.352  1.00 9.59  ? 1061 LYS A N   1 
ATOM   852  C  CA  . LYS A 1 148 ? -5.519  8.204   -1.593  1.00 9.45  ? 1061 LYS A CA  1 
ATOM   853  C  C   . LYS A 1 148 ? -5.960  7.647   -0.246  1.00 10.77 ? 1061 LYS A C   1 
ATOM   854  O  O   . LYS A 1 148 ? -5.185  6.971   0.439   1.00 11.06 ? 1061 LYS A O   1 
ATOM   855  C  CB  . LYS A 1 148 ? -5.280  7.083   -2.610  1.00 11.84 ? 1061 LYS A CB  1 
ATOM   856  C  CG  . LYS A 1 148 ? -4.607  7.547   -3.903  1.00 11.26 ? 1061 LYS A CG  1 
ATOM   857  C  CD  . LYS A 1 148 ? -5.385  8.680   -4.545  1.00 12.45 ? 1061 LYS A CD  1 
ATOM   858  C  CE  . LYS A 1 148 ? -4.581  9.352   -5.656  1.00 13.28 ? 1061 LYS A CE  1 
ATOM   859  N  NZ  . LYS A 1 148 ? -5.253  10.597  -6.144  1.00 13.01 ? 1061 LYS A NZ  1 
ATOM   860  N  N   . THR A 1 149 ? -7.197  7.937   0.143   1.00 11.40 ? 1062 THR A N   1 
ATOM   861  C  CA  . THR A 1 149 ? -7.696  7.524   1.451   1.00 10.64 ? 1062 THR A CA  1 
ATOM   862  C  C   . THR A 1 149 ? -8.742  6.432   1.319   1.00 12.31 ? 1062 THR A C   1 
ATOM   863  O  O   . THR A 1 149 ? -9.633  6.505   0.475   1.00 13.43 ? 1062 THR A O   1 
ATOM   864  C  CB  . THR A 1 149 ? -8.299  8.704   2.224   1.00 14.68 ? 1062 THR A CB  1 
ATOM   865  O  OG1 . THR A 1 149 ? -7.309  9.729   2.383   1.00 16.75 ? 1062 THR A OG1 1 
ATOM   866  C  CG2 . THR A 1 149 ? -8.772  8.260   3.596   1.00 16.25 ? 1062 THR A CG2 1 
ATOM   867  N  N   . ILE A 1 150 ? -8.616  5.410   2.152   1.00 11.40 ? 1063 ILE A N   1 
ATOM   868  C  CA  . ILE A 1 150 ? -9.628  4.380   2.258   1.00 12.62 ? 1063 ILE A CA  1 
ATOM   869  C  C   . ILE A 1 150 ? -10.134 4.406   3.682   1.00 12.36 ? 1063 ILE A C   1 
ATOM   870  O  O   . ILE A 1 150 ? -9.409  4.029   4.601   1.00 11.49 ? 1063 ILE A O   1 
ATOM   871  C  CB  . ILE A 1 150 ? -9.035  3.013   1.963   1.00 11.46 ? 1063 ILE A CB  1 
ATOM   872  C  CG1 . ILE A 1 150 ? -8.492  2.989   0.537   1.00 13.21 ? 1063 ILE A CG1 1 
ATOM   873  C  CG2 . ILE A 1 150 ? -10.078 1.924   2.155   1.00 14.33 ? 1063 ILE A CG2 1 
ATOM   874  C  CD1 . ILE A 1 150 ? -7.549  1.859   0.280   1.00 14.66 ? 1063 ILE A CD1 1 
ATOM   875  N  N   . ASN A 1 151 ? -11.358 4.888   3.871   1.00 12.61 ? 1064 ASN A N   1 
ATOM   876  C  CA  . ASN A 1 151 ? -11.974 4.934   5.188   1.00 12.80 ? 1064 ASN A CA  1 
ATOM   877  C  C   . ASN A 1 151 ? -12.816 3.704   5.397   1.00 15.09 ? 1064 ASN A C   1 
ATOM   878  O  O   . ASN A 1 151 ? -13.787 3.486   4.675   1.00 17.74 ? 1064 ASN A O   1 
ATOM   879  C  CB  . ASN A 1 151 ? -12.847 6.179   5.323   1.00 16.64 ? 1064 ASN A CB  1 
ATOM   880  C  CG  . ASN A 1 151 ? -12.083 7.439   5.040   1.00 20.88 ? 1064 ASN A CG  1 
ATOM   881  O  OD1 . ASN A 1 151 ? -12.213 8.035   3.968   1.00 31.44 ? 1064 ASN A OD1 1 
ATOM   882  N  ND2 . ASN A 1 151 ? -11.252 7.841   5.984   1.00 19.11 ? 1064 ASN A ND2 1 
ATOM   883  N  N   . PHE A 1 152 ? -12.446 2.892   6.374   1.00 12.33 ? 1065 PHE A N   1 
ATOM   884  C  CA  . PHE A 1 152 ? -13.190 1.675   6.623   1.00 11.44 ? 1065 PHE A CA  1 
ATOM   885  C  C   . PHE A 1 152 ? -14.552 1.995   7.241   1.00 11.70 ? 1065 PHE A C   1 
ATOM   886  O  O   . PHE A 1 152 ? -14.689 2.884   8.092   1.00 13.41 ? 1065 PHE A O   1 
ATOM   887  C  CB  . PHE A 1 152 ? -12.420 0.746   7.558   1.00 9.12  ? 1065 PHE A CB  1 
ATOM   888  C  CG  . PHE A 1 152 ? -11.123 0.218   6.995   1.00 9.99  ? 1065 PHE A CG  1 
ATOM   889  C  CD1 . PHE A 1 152 ? -10.905 0.124   5.630   1.00 12.49 ? 1065 PHE A CD1 1 
ATOM   890  C  CD2 . PHE A 1 152 ? -10.140 -0.230  7.856   1.00 12.58 ? 1065 PHE A CD2 1 
ATOM   891  C  CE1 . PHE A 1 152 ? -9.699  -0.388  5.143   1.00 13.28 ? 1065 PHE A CE1 1 
ATOM   892  C  CE2 . PHE A 1 152 ? -8.953  -0.729  7.382   1.00 13.63 ? 1065 PHE A CE2 1 
ATOM   893  C  CZ  . PHE A 1 152 ? -8.730  -0.807  6.031   1.00 13.74 ? 1065 PHE A CZ  1 
ATOM   894  N  N   . ASN A 1 153 ? -15.560 1.247   6.826   1.00 10.61 ? 1066 ASN A N   1 
ATOM   895  C  CA  . ASN A 1 153 ? -16.898 1.437   7.371   1.00 11.37 ? 1066 ASN A CA  1 
ATOM   896  C  C   . ASN A 1 153 ? -16.978 1.042   8.838   1.00 14.08 ? 1066 ASN A C   1 
ATOM   897  O  O   . ASN A 1 153 ? -17.811 1.551   9.578   1.00 17.44 ? 1066 ASN A O   1 
ATOM   898  C  CB  . ASN A 1 153 ? -17.919 0.700   6.515   1.00 11.78 ? 1066 ASN A CB  1 
ATOM   899  C  CG  . ASN A 1 153 ? -17.845 1.135   5.060   1.00 17.90 ? 1066 ASN A CG  1 
ATOM   900  O  OD1 . ASN A 1 153 ? -18.427 2.147   4.663   1.00 19.70 ? 1066 ASN A OD1 1 
ATOM   901  N  ND2 . ASN A 1 153 ? -17.089 0.403   4.268   1.00 18.39 ? 1066 ASN A ND2 1 
ATOM   902  N  N   . LYS A 1 154 ? -16.106 0.141   9.263   1.00 14.85 ? 1067 LYS A N   1 
ATOM   903  C  CA  . LYS A 1 154 ? -15.893 -0.077  10.687  1.00 18.24 ? 1067 LYS A CA  1 
ATOM   904  C  C   . LYS A 1 154 ? -14.466 -0.552  10.872  1.00 16.24 ? 1067 LYS A C   1 
ATOM   905  O  O   . LYS A 1 154 ? -13.883 -1.118  9.947   1.00 19.14 ? 1067 LYS A O   1 
ATOM   906  C  CB  . LYS A 1 154 ? -16.890 -1.080  11.264  1.00 22.88 ? 1067 LYS A CB  1 
ATOM   907  C  CG  . LYS A 1 154 ? -16.771 -2.488  10.723  1.00 26.05 ? 1067 LYS A CG  1 
ATOM   908  C  CD  . LYS A 1 154 ? -17.458 -3.462  11.671  1.00 28.42 ? 1067 LYS A CD  1 
ATOM   909  C  CE  . LYS A 1 154 ? -18.762 -2.879  12.200  1.00 29.52 ? 1067 LYS A CE  1 
ATOM   910  N  NZ  . LYS A 1 154 ? -19.388 -3.713  13.265  1.00 40.54 ? 1067 LYS A NZ  1 
ATOM   911  N  N   . PRO A 1 155 ? -13.886 -0.287  12.054  1.00 13.96 ? 1068 PRO A N   1 
ATOM   912  C  CA  . PRO A 1 155 ? -12.484 -0.676  12.245  1.00 14.40 ? 1068 PRO A CA  1 
ATOM   913  C  C   . PRO A 1 155 ? -12.282 -2.181  12.080  1.00 15.25 ? 1068 PRO A C   1 
ATOM   914  O  O   . PRO A 1 155 ? -13.160 -2.993  12.376  1.00 15.27 ? 1068 PRO A O   1 
ATOM   915  C  CB  . PRO A 1 155 ? -12.195 -0.234  13.679  1.00 15.68 ? 1068 PRO A CB  1 
ATOM   916  C  CG  . PRO A 1 155 ? -13.183 0.865   13.947  1.00 21.02 ? 1068 PRO A CG  1 
ATOM   917  C  CD  . PRO A 1 155 ? -14.423 0.440   13.216  1.00 20.47 ? 1068 PRO A CD  1 
ATOM   918  N  N   . ILE A 1 156 ? -11.117 -2.543  11.572  1.00 12.96 ? 1069 ILE A N   1 
ATOM   919  C  CA  . ILE A 1 156 ? -10.794 -3.929  11.337  1.00 13.00 ? 1069 ILE A CA  1 
ATOM   920  C  C   . ILE A 1 156 ? -9.555  -4.284  12.147  1.00 12.49 ? 1069 ILE A C   1 
ATOM   921  O  O   . ILE A 1 156 ? -8.580  -3.533  12.157  1.00 12.04 ? 1069 ILE A O   1 
ATOM   922  C  CB  . ILE A 1 156 ? -10.559 -4.162  9.829   1.00 18.58 ? 1069 ILE A CB  1 
ATOM   923  C  CG1 . ILE A 1 156 ? -11.792 -3.692  9.039   1.00 20.28 ? 1069 ILE A CG1 1 
ATOM   924  C  CG2 . ILE A 1 156 ? -10.287 -5.609  9.565   1.00 19.79 ? 1069 ILE A CG2 1 
ATOM   925  C  CD1 . ILE A 1 156 ? -11.625 -3.692  7.528   1.00 20.12 ? 1069 ILE A CD1 1 
ATOM   926  N  N   . LYS A 1 157 ? -9.605  -5.408  12.855  1.00 12.32 ? 1070 LYS A N   1 
ATOM   927  C  CA  . LYS A 1 157 ? -8.443  -5.892  13.596  1.00 11.29 ? 1070 LYS A CA  1 
ATOM   928  C  C   . LYS A 1 157 ? -7.515  -6.557  12.583  1.00 15.06 ? 1070 LYS A C   1 
ATOM   929  O  O   . LYS A 1 157 ? -7.926  -7.460  11.853  1.00 17.01 ? 1070 LYS A O   1 
ATOM   930  C  CB  . LYS A 1 157 ? -8.840  -6.843  14.728  1.00 14.70 ? 1070 LYS A CB  1 
ATOM   931  C  CG  . LYS A 1 157 ? -7.754  -6.993  15.782  1.00 19.66 ? 1070 LYS A CG  1 
ATOM   932  C  CD  . LYS A 1 157 ? -8.111  -8.038  16.836  1.00 24.15 ? 1070 LYS A CD  1 
ATOM   933  C  CE  . LYS A 1 157 ? -9.315  -7.621  17.669  1.00 27.60 ? 1070 LYS A CE  1 
ATOM   934  N  NZ  . LYS A 1 157 ? -9.628  -8.623  18.738  1.00 29.50 ? 1070 LYS A NZ  1 
ATOM   935  N  N   . VAL A 1 158 ? -6.283  -6.058  12.503  1.00 12.12 ? 1071 VAL A N   1 
ATOM   936  C  CA  . VAL A 1 158 ? -5.346  -6.450  11.447  1.00 11.40 ? 1071 VAL A CA  1 
ATOM   937  C  C   . VAL A 1 158 ? -3.939  -6.397  12.005  1.00 9.31  ? 1071 VAL A C   1 
ATOM   938  O  O   . VAL A 1 158 ? -3.628  -5.496  12.788  1.00 9.71  ? 1071 VAL A O   1 
ATOM   939  C  CB  . VAL A 1 158 ? -5.381  -5.432  10.251  1.00 12.25 ? 1071 VAL A CB  1 
ATOM   940  C  CG1 . VAL A 1 158 ? -4.426  -5.861  9.139   1.00 13.29 ? 1071 VAL A CG1 1 
ATOM   941  C  CG2 . VAL A 1 158 ? -6.779  -5.241  9.698   1.00 21.72 ? 1071 VAL A CG2 1 
ATOM   942  N  N   . ARG A 1 159 ? -3.086  -7.336  11.584  1.00 9.05  ? 1072 ARG A N   1 
ATOM   943  C  CA  . ARG A 1 159 ? -1.635  -7.173  11.743  1.00 8.61  ? 1072 ARG A CA  1 
ATOM   944  C  C   . ARG A 1 159 ? -0.896  -6.929  10.419  1.00 8.63  ? 1072 ARG A C   1 
ATOM   945  O  O   . ARG A 1 159 ? 0.007   -6.095  10.366  1.00 9.69  ? 1072 ARG A O   1 
ATOM   946  C  CB  . ARG A 1 159 ? -1.000  -8.357  12.482  1.00 10.77 ? 1072 ARG A CB  1 
ATOM   947  C  CG  . ARG A 1 159 ? 0.523   -8.255  12.517  1.00 10.60 ? 1072 ARG A CG  1 
ATOM   948  C  CD  . ARG A 1 159 ? 1.168   -9.303  13.413  1.00 12.56 ? 1072 ARG A CD  1 
ATOM   949  N  NE  . ARG A 1 159 ? 2.595   -9.363  13.130  1.00 15.84 ? 1072 ARG A NE  1 
ATOM   950  C  CZ  . ARG A 1 159 ? 3.468   -10.091 13.815  1.00 20.25 ? 1072 ARG A CZ  1 
ATOM   951  N  NH1 . ARG A 1 159 ? 3.064   -10.818 14.850  1.00 21.91 ? 1072 ARG A NH1 1 
ATOM   952  N  NH2 . ARG A 1 159 ? 4.745   -10.081 13.465  1.00 17.96 ? 1072 ARG A NH2 1 
ATOM   953  N  N   . TYR A 1 160 ? -1.298  -7.647  9.371   1.00 8.92  ? 1073 TYR A N   1 
ATOM   954  C  CA  . TYR A 1 160 ? -0.639  -7.600  8.064   1.00 8.59  ? 1073 TYR A CA  1 
ATOM   955  C  C   . TYR A 1 160 ? -1.565  -7.007  7.031   1.00 8.05  ? 1073 TYR A C   1 
ATOM   956  O  O   . TYR A 1 160 ? -2.757  -7.339  6.998   1.00 9.85  ? 1073 TYR A O   1 
ATOM   957  C  CB  . TYR A 1 160 ? -0.304  -9.013  7.584   1.00 9.83  ? 1073 TYR A CB  1 
ATOM   958  C  CG  . TYR A 1 160 ? 0.652   -9.783  8.453   1.00 10.66 ? 1073 TYR A CG  1 
ATOM   959  C  CD1 . TYR A 1 160 ? 2.024   -9.743  8.216   1.00 13.98 ? 1073 TYR A CD1 1 
ATOM   960  C  CD2 . TYR A 1 160 ? 0.187   -10.575 9.487   1.00 11.77 ? 1073 TYR A CD2 1 
ATOM   961  C  CE1 . TYR A 1 160 ? 2.906   -10.466 8.996   1.00 15.12 ? 1073 TYR A CE1 1 
ATOM   962  C  CE2 . TYR A 1 160 ? 1.069   -11.307 10.285  1.00 13.87 ? 1073 TYR A CE2 1 
ATOM   963  C  CZ  . TYR A 1 160 ? 2.424   -11.236 10.028  1.00 14.29 ? 1073 TYR A CZ  1 
ATOM   964  O  OH  . TYR A 1 160 ? 3.314   -11.958 10.805  1.00 18.33 ? 1073 TYR A OH  1 
ATOM   965  N  N   . PHE A 1 161 ? -1.017  -6.148  6.175   1.00 8.77  ? 1074 PHE A N   1 
ATOM   966  C  CA  . PHE A 1 161 ? -1.719  -5.715  4.973   1.00 7.82  ? 1074 PHE A CA  1 
ATOM   967  C  C   . PHE A 1 161 ? -0.964  -6.233  3.764   1.00 10.19 ? 1074 PHE A C   1 
ATOM   968  O  O   . PHE A 1 161 ? 0.265   -6.278  3.773   1.00 11.15 ? 1074 PHE A O   1 
ATOM   969  C  CB  . PHE A 1 161 ? -1.833  -4.183  4.899   1.00 10.37 ? 1074 PHE A CB  1 
ATOM   970  C  CG  . PHE A 1 161 ? -2.858  -3.610  5.828   1.00 8.90  ? 1074 PHE A CG  1 
ATOM   971  C  CD1 . PHE A 1 161 ? -4.202  -3.650  5.504   1.00 8.82  ? 1074 PHE A CD1 1 
ATOM   972  C  CD2 . PHE A 1 161 ? -2.475  -3.033  7.023   1.00 9.46  ? 1074 PHE A CD2 1 
ATOM   973  C  CE1 . PHE A 1 161 ? -5.159  -3.128  6.366   1.00 9.62  ? 1074 PHE A CE1 1 
ATOM   974  C  CE2 . PHE A 1 161 ? -3.426  -2.489  7.888   1.00 10.86 ? 1074 PHE A CE2 1 
ATOM   975  C  CZ  . PHE A 1 161 ? -4.767  -2.548  7.560   1.00 10.16 ? 1074 PHE A CZ  1 
ATOM   976  N  N   . LYS A 1 162 ? -1.712  -6.619  2.740   1.00 9.82  ? 1075 LYS A N   1 
ATOM   977  C  CA  . LYS A 1 162 ? -1.152  -7.053  1.473   1.00 10.13 ? 1075 LYS A CA  1 
ATOM   978  C  C   . LYS A 1 162 ? -1.724  -6.163  0.389   1.00 11.09 ? 1075 LYS A C   1 
ATOM   979  O  O   . LYS A 1 162 ? -2.947  -6.067  0.236   1.00 11.58 ? 1075 LYS A O   1 
ATOM   980  C  CB  . LYS A 1 162 ? -1.538  -8.510  1.216   1.00 10.79 ? 1075 LYS A CB  1 
ATOM   981  C  CG  . LYS A 1 162 ? -1.180  -9.010  -0.164  1.00 12.78 ? 1075 LYS A CG  1 
ATOM   982  C  CD  . LYS A 1 162 ? -1.772  -10.385 -0.425  1.00 16.35 ? 1075 LYS A CD  1 
ATOM   983  C  CE  . LYS A 1 162 ? -1.112  -11.450 0.429   1.00 15.68 ? 1075 LYS A CE  1 
ATOM   984  N  NZ  . LYS A 1 162 ? -1.550  -12.827 0.008   1.00 18.33 ? 1075 LYS A NZ  1 
ATOM   985  N  N   . ILE A 1 163 ? -0.844  -5.505  -0.360  1.00 9.82  ? 1076 ILE A N   1 
ATOM   986  C  CA  . ILE A 1 163 ? -1.266  -4.663  -1.469  1.00 11.11 ? 1076 ILE A CA  1 
ATOM   987  C  C   . ILE A 1 163 ? -0.925  -5.370  -2.769  1.00 11.07 ? 1076 ILE A C   1 
ATOM   988  O  O   . ILE A 1 163 ? 0.237   -5.731  -3.003  1.00 11.30 ? 1076 ILE A O   1 
ATOM   989  C  CB  . ILE A 1 163 ? -0.556  -3.299  -1.461  1.00 12.62 ? 1076 ILE A CB  1 
ATOM   990  C  CG1 . ILE A 1 163 ? -0.856  -2.554  -0.168  1.00 17.26 ? 1076 ILE A CG1 1 
ATOM   991  C  CG2 . ILE A 1 163 ? -0.985  -2.494  -2.673  1.00 14.05 ? 1076 ILE A CG2 1 
ATOM   992  C  CD1 . ILE A 1 163 ? -0.005  -1.316  0.021   1.00 23.19 ? 1076 ILE A CD1 1 
ATOM   993  N  N   . VAL A 1 164 ? -1.938  -5.588  -3.597  1.00 9.25  ? 1077 VAL A N   1 
ATOM   994  C  CA  . VAL A 1 164 ? -1.755  -6.247  -4.881  1.00 11.27 ? 1077 VAL A CA  1 
ATOM   995  C  C   . VAL A 1 164 ? -2.101  -5.244  -5.985  1.00 11.67 ? 1077 VAL A C   1 
ATOM   996  O  O   . VAL A 1 164 ? -3.261  -4.873  -6.175  1.00 11.36 ? 1077 VAL A O   1 
ATOM   997  C  CB  . VAL A 1 164 ? -2.643  -7.496  -5.001  1.00 10.93 ? 1077 VAL A CB  1 
ATOM   998  C  CG1 . VAL A 1 164 ? -2.365  -8.192  -6.322  1.00 14.73 ? 1077 VAL A CG1 1 
ATOM   999  C  CG2 . VAL A 1 164 ? -2.389  -8.461  -3.837  1.00 13.81 ? 1077 VAL A CG2 1 
ATOM   1000 N  N   . THR A 1 165 ? -1.079  -4.790  -6.692  1.00 10.58 ? 1078 THR A N   1 
ATOM   1001 C  CA  . THR A 1 165 ? -1.255  -3.845  -7.781  1.00 11.47 ? 1078 THR A CA  1 
ATOM   1002 C  C   . THR A 1 165 ? -1.985  -4.532  -8.929  1.00 11.25 ? 1078 THR A C   1 
ATOM   1003 O  O   . THR A 1 165 ? -1.630  -5.645  -9.326  1.00 12.42 ? 1078 THR A O   1 
ATOM   1004 C  CB  . THR A 1 165 ? 0.103   -3.321  -8.271  1.00 11.11 ? 1078 THR A CB  1 
ATOM   1005 O  OG1 . THR A 1 165 ? 0.843   -2.804  -7.160  1.00 12.17 ? 1078 THR A OG1 1 
ATOM   1006 C  CG2 . THR A 1 165 ? -0.080  -2.206  -9.315  1.00 11.66 ? 1078 THR A CG2 1 
ATOM   1007 N  N   . LYS A 1 166 ? -3.008  -3.873  -9.457  1.00 13.30 ? 1079 LYS A N   1 
ATOM   1008 C  CA  . LYS A 1 166 ? -3.780  -4.411  -10.576 1.00 12.64 ? 1079 LYS A CA  1 
ATOM   1009 C  C   . LYS A 1 166 ? -3.607  -3.617  -11.864 1.00 14.31 ? 1079 LYS A C   1 
ATOM   1010 O  O   . LYS A 1 166 ? -3.691  -4.184  -12.955 1.00 15.73 ? 1079 LYS A O   1 
ATOM   1011 C  CB  . LYS A 1 166 ? -5.261  -4.503  -10.210 1.00 12.94 ? 1079 LYS A CB  1 
ATOM   1012 C  CG  . LYS A 1 166 ? -5.566  -5.609  -9.191  1.00 14.89 ? 1079 LYS A CG  1 
ATOM   1013 C  CD  . LYS A 1 166 ? -5.450  -6.984  -9.848  1.00 15.41 ? 1079 LYS A CD  1 
ATOM   1014 C  CE  . LYS A 1 166 ? -5.812  -8.112  -8.904  1.00 19.83 ? 1079 LYS A CE  1 
ATOM   1015 N  NZ  . LYS A 1 166 ? -5.739  -9.417  -9.627  1.00 18.32 ? 1079 LYS A NZ  1 
ATOM   1016 N  N   . GLU A 1 167 ? -3.379  -2.313  -11.747 1.00 11.28 ? 1080 GLU A N   1 
ATOM   1017 C  CA  . GLU A 1 167 ? -3.103  -1.481  -12.911 1.00 14.07 ? 1080 GLU A CA  1 
ATOM   1018 C  C   . GLU A 1 167 ? -2.250  -0.305  -12.480 1.00 12.34 ? 1080 GLU A C   1 
ATOM   1019 O  O   . GLU A 1 167 ? -2.574  0.374   -11.496 1.00 11.67 ? 1080 GLU A O   1 
ATOM   1020 C  CB  . GLU A 1 167 ? -4.401  -0.972  -13.529 1.00 15.15 ? 1080 GLU A CB  1 
ATOM   1021 C  CG  . GLU A 1 167 ? -4.184  -0.239  -14.849 1.00 16.09 ? 1080 GLU A CG  1 
ATOM   1022 C  CD  . GLU A 1 167 ? -5.473  0.228   -15.485 1.00 23.58 ? 1080 GLU A CD  1 
ATOM   1023 O  OE1 . GLU A 1 167 ? -6.551  -0.292  -15.131 1.00 26.04 ? 1080 GLU A OE1 1 
ATOM   1024 O  OE2 . GLU A 1 167 ? -5.409  1.122   -16.352 1.00 26.30 ? 1080 GLU A OE2 1 
ATOM   1025 N  N   . SER A 1 168 ? -1.162  -0.065  -13.203 1.00 13.59 ? 1081 SER A N   1 
ATOM   1026 C  CA  . SER A 1 168 ? -0.248  1.013   -12.860 1.00 11.97 ? 1081 SER A CA  1 
ATOM   1027 C  C   . SER A 1 168 ? 0.563   1.412   -14.072 1.00 12.63 ? 1081 SER A C   1 
ATOM   1028 O  O   . SER A 1 168 ? 0.718   0.632   -15.017 1.00 13.46 ? 1081 SER A O   1 
ATOM   1029 C  CB  . SER A 1 168 ? 0.698   0.553   -11.759 1.00 11.06 ? 1081 SER A CB  1 
ATOM   1030 O  OG  . SER A 1 168 ? 1.484   -0.532  -12.231 1.00 12.90 ? 1081 SER A OG  1 
ATOM   1031 N  N   . ILE A 1 169 ? 1.102   2.621   -14.042 1.00 12.08 ? 1082 ILE A N   1 
ATOM   1032 C  CA  . ILE A 1 169 ? 1.939   3.071   -15.150 1.00 14.07 ? 1082 ILE A CA  1 
ATOM   1033 C  C   . ILE A 1 169 ? 3.179   2.186   -15.259 1.00 13.46 ? 1082 ILE A C   1 
ATOM   1034 O  O   . ILE A 1 169 ? 3.936   2.009   -14.297 1.00 13.69 ? 1082 ILE A O   1 
ATOM   1035 C  CB  . ILE A 1 169 ? 2.339   4.540   -15.010 1.00 12.72 ? 1082 ILE A CB  1 
ATOM   1036 C  CG1 . ILE A 1 169 ? 1.093   5.422   -15.023 1.00 13.16 ? 1082 ILE A CG1 1 
ATOM   1037 C  CG2 . ILE A 1 169 ? 3.266   4.940   -16.152 1.00 13.11 ? 1082 ILE A CG2 1 
ATOM   1038 C  CD1 . ILE A 1 169 ? 1.379   6.908   -14.885 1.00 21.35 ? 1082 ILE A CD1 1 
ATOM   1039 N  N   . GLY A 1 170 ? 3.369   1.603   -16.443 1.00 14.03 ? 1083 GLY A N   1 
ATOM   1040 C  CA  . GLY A 1 170 ? 4.504   0.737   -16.691 1.00 15.01 ? 1083 GLY A CA  1 
ATOM   1041 C  C   . GLY A 1 170 ? 4.460   -0.598  -15.968 1.00 13.86 ? 1083 GLY A C   1 
ATOM   1042 O  O   . GLY A 1 170 ? 5.427   -1.347  -16.032 1.00 14.80 ? 1083 GLY A O   1 
ATOM   1043 N  N   . ASN A 1 171 ? 3.354   -0.871  -15.270 1.00 13.88 ? 1084 ASN A N   1 
ATOM   1044 C  CA  . ASN A 1 171 ? 3.166   -2.108  -14.500 1.00 12.99 ? 1084 ASN A CA  1 
ATOM   1045 C  C   . ASN A 1 171 ? 3.978   -2.177  -13.195 1.00 13.18 ? 1084 ASN A C   1 
ATOM   1046 O  O   . ASN A 1 171 ? 3.935   -3.187  -12.487 1.00 13.05 ? 1084 ASN A O   1 
ATOM   1047 C  CB  . ASN A 1 171 ? 3.429   -3.360  -15.361 1.00 14.93 ? 1084 ASN A CB  1 
ATOM   1048 C  CG  . ASN A 1 171 ? 2.451   -3.503  -16.496 1.00 18.40 ? 1084 ASN A CG  1 
ATOM   1049 O  OD1 . ASN A 1 171 ? 1.286   -3.151  -16.379 1.00 19.96 ? 1084 ASN A OD1 1 
ATOM   1050 N  ND2 . ASN A 1 171 ? 2.928   -4.038  -17.618 1.00 24.45 ? 1084 ASN A ND2 1 
ATOM   1051 N  N   . PHE A 1 172 ? 4.714   -1.115  -12.873 1.00 12.96 ? 1085 PHE A N   1 
ATOM   1052 C  CA  . PHE A 1 172 ? 5.511   -1.081  -11.649 1.00 11.28 ? 1085 PHE A CA  1 
ATOM   1053 C  C   . PHE A 1 172 ? 4.654   -0.711  -10.432 1.00 10.54 ? 1085 PHE A C   1 
ATOM   1054 O  O   . PHE A 1 172 ? 3.517   -0.256  -10.571 1.00 11.59 ? 1085 PHE A O   1 
ATOM   1055 C  CB  . PHE A 1 172 ? 6.650   -0.060  -11.767 1.00 12.09 ? 1085 PHE A CB  1 
ATOM   1056 C  CG  . PHE A 1 172 ? 7.604   -0.330  -12.891 1.00 12.00 ? 1085 PHE A CG  1 
ATOM   1057 C  CD1 . PHE A 1 172 ? 7.425   0.281   -14.123 1.00 14.42 ? 1085 PHE A CD1 1 
ATOM   1058 C  CD2 . PHE A 1 172 ? 8.685   -1.179  -12.713 1.00 13.94 ? 1085 PHE A CD2 1 
ATOM   1059 C  CE1 . PHE A 1 172 ? 8.305   0.038   -15.171 1.00 17.72 ? 1085 PHE A CE1 1 
ATOM   1060 C  CE2 . PHE A 1 172 ? 9.569   -1.426  -13.768 1.00 13.15 ? 1085 PHE A CE2 1 
ATOM   1061 C  CZ  . PHE A 1 172 ? 9.374   -0.807  -14.984 1.00 15.22 ? 1085 PHE A CZ  1 
ATOM   1062 N  N   . LEU A 1 173 ? 5.221   -0.886  -9.244  1.00 9.38  ? 1086 LEU A N   1 
ATOM   1063 C  CA  . LEU A 1 173 ? 4.643   -0.285  -8.044  1.00 9.74  ? 1086 LEU A CA  1 
ATOM   1064 C  C   . LEU A 1 173 ? 5.642   0.712   -7.505  1.00 9.81  ? 1086 LEU A C   1 
ATOM   1065 O  O   . LEU A 1 173 ? 6.769   0.345   -7.195  1.00 10.77 ? 1086 LEU A O   1 
ATOM   1066 C  CB  . LEU A 1 173 ? 4.360   -1.366  -6.988  1.00 10.07 ? 1086 LEU A CB  1 
ATOM   1067 C  CG  . LEU A 1 173 ? 3.962   -0.909  -5.577  1.00 10.12 ? 1086 LEU A CG  1 
ATOM   1068 C  CD1 . LEU A 1 173 ? 2.698   -0.060  -5.596  1.00 10.35 ? 1086 LEU A CD1 1 
ATOM   1069 C  CD2 . LEU A 1 173 ? 3.774   -2.129  -4.660  1.00 10.37 ? 1086 LEU A CD2 1 
ATOM   1070 N  N   . ALA A 1 174 ? 5.246   1.979   -7.416  1.00 9.79  ? 1087 ALA A N   1 
ATOM   1071 C  CA  . ALA A 1 174 ? 6.087   2.991   -6.782  1.00 10.12 ? 1087 ALA A CA  1 
ATOM   1072 C  C   . ALA A 1 174 ? 5.265   3.656   -5.690  1.00 9.92  ? 1087 ALA A C   1 
ATOM   1073 O  O   . ALA A 1 174 ? 4.393   4.481   -5.966  1.00 9.76  ? 1087 ALA A O   1 
ATOM   1074 C  CB  . ALA A 1 174 ? 6.586   4.019   -7.797  1.00 11.85 ? 1087 ALA A CB  1 
ATOM   1075 N  N   . MET A 1 175 ? 5.542   3.275   -4.454  1.00 9.74  ? 1088 MET A N   1 
ATOM   1076 C  CA  . MET A 1 175 ? 4.740   3.680   -3.319  1.00 9.66  ? 1088 MET A CA  1 
ATOM   1077 C  C   . MET A 1 175 ? 5.608   4.476   -2.369  1.00 8.85  ? 1088 MET A C   1 
ATOM   1078 O  O   . MET A 1 175 ? 6.574   3.957   -1.811  1.00 9.89  ? 1088 MET A O   1 
ATOM   1079 C  CB  . MET A 1 175 ? 4.146   2.452   -2.631  1.00 10.53 ? 1088 MET A CB  1 
ATOM   1080 C  CG  . MET A 1 175 ? 3.168   2.819   -1.518  1.00 10.15 ? 1088 MET A CG  1 
ATOM   1081 S  SD  . MET A 1 175 ? 2.086   1.458   -1.004  1.00 12.23 ? 1088 MET A SD  1 
ATOM   1082 C  CE  . MET A 1 175 ? 3.299   0.257   -0.465  1.00 16.03 ? 1088 MET A CE  1 
ATOM   1083 N  N   . ARG A 1 176 ? 5.254   5.752   -2.205  1.00 9.68  ? 1089 ARG A N   1 
ATOM   1084 C  CA  . ARG A 1 176 ? 5.979   6.665   -1.335  1.00 10.01 ? 1089 ARG A CA  1 
ATOM   1085 C  C   . ARG A 1 176 ? 5.677   6.421   0.133   1.00 9.39  ? 1089 ARG A C   1 
ATOM   1086 O  O   . ARG A 1 176 ? 6.579   6.443   0.972   1.00 10.10 ? 1089 ARG A O   1 
ATOM   1087 C  CB  . ARG A 1 176 ? 5.645   8.113   -1.692  1.00 10.44 ? 1089 ARG A CB  1 
ATOM   1088 C  CG  . ARG A 1 176 ? 6.243   8.538   -3.031  1.00 10.89 ? 1089 ARG A CG  1 
ATOM   1089 C  CD  . ARG A 1 176 ? 5.370   9.558   -3.757  1.00 11.66 ? 1089 ARG A CD  1 
ATOM   1090 N  NE  . ARG A 1 176 ? 5.269   10.834  -3.045  1.00 10.24 ? 1089 ARG A NE  1 
ATOM   1091 C  CZ  . ARG A 1 176 ? 4.319   11.739  -3.278  1.00 12.88 ? 1089 ARG A CZ  1 
ATOM   1092 N  NH1 . ARG A 1 176 ? 3.383   11.502  -4.189  1.00 11.89 ? 1089 ARG A NH1 1 
ATOM   1093 N  NH2 . ARG A 1 176 ? 4.293   12.882  -2.592  1.00 14.73 ? 1089 ARG A NH2 1 
ATOM   1094 N  N   . GLU A 1 177 ? 4.403   6.211   0.458   1.00 9.51  ? 1090 GLU A N   1 
ATOM   1095 C  CA  . GLU A 1 177 ? 4.016   5.994   1.849   1.00 9.77  ? 1090 GLU A CA  1 
ATOM   1096 C  C   . GLU A 1 177 ? 2.763   5.159   1.939   1.00 9.84  ? 1090 GLU A C   1 
ATOM   1097 O  O   . GLU A 1 177 ? 1.854   5.290   1.129   1.00 10.37 ? 1090 GLU A O   1 
ATOM   1098 C  CB  . GLU A 1 177 ? 3.784   7.320   2.586   1.00 11.60 ? 1090 GLU A CB  1 
ATOM   1099 C  CG  . GLU A 1 177 ? 5.027   8.009   3.133   1.00 19.06 ? 1090 GLU A CG  1 
ATOM   1100 C  CD  . GLU A 1 177 ? 5.837   7.137   4.084   1.00 16.35 ? 1090 GLU A CD  1 
ATOM   1101 O  OE1 . GLU A 1 177 ? 5.327   6.727   5.145   1.00 22.12 ? 1090 GLU A OE1 1 
ATOM   1102 O  OE2 . GLU A 1 177 ? 7.008   6.869   3.774   1.00 14.54 ? 1090 GLU A OE2 1 
ATOM   1103 N  N   . PHE A 1 178 ? 2.737   4.306   2.957   1.00 9.55  ? 1091 PHE A N   1 
ATOM   1104 C  CA  . PHE A 1 178 ? 1.555   3.549   3.342   1.00 9.06  ? 1091 PHE A CA  1 
ATOM   1105 C  C   . PHE A 1 178 ? 1.324   3.825   4.815   1.00 10.08 ? 1091 PHE A C   1 
ATOM   1106 O  O   . PHE A 1 178 ? 2.187   3.546   5.648   1.00 10.88 ? 1091 PHE A O   1 
ATOM   1107 C  CB  . PHE A 1 178 ? 1.791   2.053   3.100   1.00 9.42  ? 1091 PHE A CB  1 
ATOM   1108 C  CG  . PHE A 1 178 ? 0.653   1.181   3.551   1.00 10.70 ? 1091 PHE A CG  1 
ATOM   1109 C  CD1 . PHE A 1 178 ? -0.417  0.942   2.712   1.00 14.78 ? 1091 PHE A CD1 1 
ATOM   1110 C  CD2 . PHE A 1 178 ? 0.654   0.599   4.814   1.00 11.05 ? 1091 PHE A CD2 1 
ATOM   1111 C  CE1 . PHE A 1 178 ? -1.483  0.145   3.122   1.00 16.36 ? 1091 PHE A CE1 1 
ATOM   1112 C  CE2 . PHE A 1 178 ? -0.412  -0.202  5.238   1.00 12.66 ? 1091 PHE A CE2 1 
ATOM   1113 C  CZ  . PHE A 1 178 ? -1.474  -0.428  4.387   1.00 14.42 ? 1091 PHE A CZ  1 
ATOM   1114 N  N   . ARG A 1 179 ? 0.162   4.382   5.139   1.00 8.88  ? 1092 ARG A N   1 
ATOM   1115 C  CA  . ARG A 1 179 ? -0.147  4.735   6.529   1.00 9.05  ? 1092 ARG A CA  1 
ATOM   1116 C  C   . ARG A 1 179 ? -1.489  4.165   6.977   1.00 8.89  ? 1092 ARG A C   1 
ATOM   1117 O  O   . ARG A 1 179 ? -2.536  4.675   6.573   1.00 9.49  ? 1092 ARG A O   1 
ATOM   1118 C  CB  . ARG A 1 179 ? -0.196  6.260   6.720   1.00 11.60 ? 1092 ARG A CB  1 
ATOM   1119 C  CG  . ARG A 1 179 ? 1.126   6.983   6.568   1.00 11.09 ? 1092 ARG A CG  1 
ATOM   1120 C  CD  . ARG A 1 179 ? 0.963   8.464   6.887   1.00 13.98 ? 1092 ARG A CD  1 
ATOM   1121 N  NE  . ARG A 1 179 ? 0.167   9.155   5.879   1.00 20.00 ? 1092 ARG A NE  1 
ATOM   1122 C  CZ  . ARG A 1 179 ? 0.679   9.872   4.884   1.00 21.34 ? 1092 ARG A CZ  1 
ATOM   1123 N  NH1 . ARG A 1 179 ? 1.999   10.002  4.756   1.00 17.28 ? 1092 ARG A NH1 1 
ATOM   1124 N  NH2 . ARG A 1 179 ? -0.140  10.466  4.025   1.00 19.19 ? 1092 ARG A NH2 1 
ATOM   1125 N  N   . PRO A 1 180 ? -1.462  3.134   7.828   1.00 8.66  ? 1093 PRO A N   1 
ATOM   1126 C  CA  . PRO A 1 180 ? -2.675  2.662   8.500   1.00 8.76  ? 1093 PRO A CA  1 
ATOM   1127 C  C   . PRO A 1 180 ? -2.869  3.452   9.785   1.00 9.40  ? 1093 PRO A C   1 
ATOM   1128 O  O   . PRO A 1 180 ? -1.903  3.850   10.419  1.00 12.52 ? 1093 PRO A O   1 
ATOM   1129 C  CB  . PRO A 1 180 ? -2.354  1.197   8.804   1.00 10.08 ? 1093 PRO A CB  1 
ATOM   1130 C  CG  . PRO A 1 180 ? -0.848  1.157   8.952   1.00 11.64 ? 1093 PRO A CG  1 
ATOM   1131 C  CD  . PRO A 1 180 ? -0.281  2.300   8.121   1.00 9.27  ? 1093 PRO A CD  1 
ATOM   1132 N  N   . TYR A 1 181 ? -4.119  3.698   10.159  1.00 8.87  ? 1094 TYR A N   1 
ATOM   1133 C  CA  . TYR A 1 181 ? -4.410  4.501   11.342  1.00 10.19 ? 1094 TYR A CA  1 
ATOM   1134 C  C   . TYR A 1 181 ? -5.171  3.692   12.379  1.00 9.93  ? 1094 TYR A C   1 
ATOM   1135 O  O   . TYR A 1 181 ? -6.209  3.107   12.077  1.00 9.75  ? 1094 TYR A O   1 
ATOM   1136 C  CB  . TYR A 1 181 ? -5.245  5.723   10.958  1.00 10.03 ? 1094 TYR A CB  1 
ATOM   1137 C  CG  . TYR A 1 181 ? -4.476  6.777   10.209  1.00 9.79  ? 1094 TYR A CG  1 
ATOM   1138 C  CD1 . TYR A 1 181 ? -4.185  6.619   8.866   1.00 10.31 ? 1094 TYR A CD1 1 
ATOM   1139 C  CD2 . TYR A 1 181 ? -4.027  7.920   10.850  1.00 12.07 ? 1094 TYR A CD2 1 
ATOM   1140 C  CE1 . TYR A 1 181 ? -3.481  7.589   8.176   1.00 10.12 ? 1094 TYR A CE1 1 
ATOM   1141 C  CE2 . TYR A 1 181 ? -3.325  8.900   10.162  1.00 14.79 ? 1094 TYR A CE2 1 
ATOM   1142 C  CZ  . TYR A 1 181 ? -3.050  8.715   8.828   1.00 13.48 ? 1094 TYR A CZ  1 
ATOM   1143 O  OH  . TYR A 1 181 ? -2.336  9.665   8.128   1.00 17.03 ? 1094 TYR A OH  1 
ATOM   1144 N  N   . LYS A 1 182 ? -4.643  3.665   13.601  1.00 10.20 ? 1095 LYS A N   1 
ATOM   1145 C  CA  . LYS A 1 182 ? -5.286  3.002   14.736  1.00 10.90 ? 1095 LYS A CA  1 
ATOM   1146 C  C   . LYS A 1 182 ? -6.602  3.684   15.082  1.00 13.38 ? 1095 LYS A C   1 
ATOM   1147 O  O   . LYS A 1 182 ? -7.416  3.131   15.823  1.00 10.60 ? 1095 LYS A O   1 
ATOM   1148 C  CB  . LYS A 1 182 ? -4.350  3.046   15.945  1.00 11.70 ? 1095 LYS A CB  1 
ATOM   1149 C  CG  . LYS A 1 182 ? -3.021  2.340   15.748  1.00 13.73 ? 1095 LYS A CG  1 
ATOM   1150 C  CD  . LYS A 1 182 ? -2.068  2.749   16.859  1.00 16.50 ? 1095 LYS A CD  1 
ATOM   1151 C  CE  . LYS A 1 182 ? -0.667  2.230   16.631  1.00 21.07 ? 1095 LYS A CE  1 
ATOM   1152 N  NZ  . LYS A 1 182 ? 0.205   2.602   17.790  1.00 18.96 ? 1095 LYS A NZ  1 
HETATM 1153 CA CA  . CA  B 2 .   ? 8.569   7.071   2.058   1.00 11.18 ? 1101 CA  A CA  1 
HETATM 1154 MG MG  . MG  C 3 .   ? -7.954  1.236   16.496  1.00 9.49  ? 1102 MG  A MG  1 
HETATM 1155 O  O   . HOH D 4 .   ? -0.739  8.953   -4.894  1.00 11.27 ? 1201 HOH A O   1 
HETATM 1156 O  O   . HOH D 4 .   ? 9.844   -6.162  -8.950  1.00 15.23 ? 1202 HOH A O   1 
HETATM 1157 O  O   . HOH D 4 .   ? 4.289   4.869   6.879   1.00 15.99 ? 1203 HOH A O   1 
HETATM 1158 O  O   . HOH D 4 .   ? -9.535  -1.310  19.615  1.00 13.23 ? 1204 HOH A O   1 
HETATM 1159 O  O   . HOH D 4 .   ? 11.000  -2.989  5.887   1.00 16.85 ? 1205 HOH A O   1 
HETATM 1160 O  O   . HOH D 4 .   ? -0.998  -1.950  -15.450 1.00 16.69 ? 1206 HOH A O   1 
HETATM 1161 O  O   . HOH D 4 .   ? 1.791   -5.171  -6.030  1.00 17.20 ? 1207 HOH A O   1 
HETATM 1162 O  O   . HOH D 4 .   ? 13.902  -2.666  2.464   1.00 16.37 ? 1208 HOH A O   1 
HETATM 1163 O  O   . HOH D 4 .   ? 6.358   11.367  -7.491  1.00 16.76 ? 1209 HOH A O   1 
HETATM 1164 O  O   . HOH D 4 .   ? -0.895  -8.607  18.408  1.00 22.74 ? 1210 HOH A O   1 
HETATM 1165 O  O   . HOH D 4 .   ? -0.668  -13.132 -3.014  1.00 17.73 ? 1211 HOH A O   1 
HETATM 1166 O  O   . HOH D 4 .   ? -2.222  14.764  -1.104  1.00 14.64 ? 1212 HOH A O   1 
HETATM 1167 O  O   . HOH D 4 .   ? -12.111 -0.217  17.133  1.00 17.84 ? 1213 HOH A O   1 
HETATM 1168 O  O   . HOH D 4 .   ? -9.026  -4.144  20.163  1.00 16.37 ? 1214 HOH A O   1 
HETATM 1169 O  O   . HOH D 4 .   ? -8.019  -4.369  -12.677 1.00 20.91 ? 1215 HOH A O   1 
HETATM 1170 O  O   . HOH D 4 .   ? 8.363   7.062   -15.881 1.00 21.44 ? 1216 HOH A O   1 
HETATM 1171 O  O   . HOH D 4 .   ? -0.204  9.001   -7.762  1.00 12.79 ? 1217 HOH A O   1 
HETATM 1172 O  O   . HOH D 4 .   ? 11.149  4.305   -13.126 1.00 22.38 ? 1218 HOH A O   1 
HETATM 1173 O  O   . HOH D 4 .   ? 5.851   -12.759 -0.182  1.00 20.81 ? 1219 HOH A O   1 
HETATM 1174 O  O   . HOH D 4 .   ? -1.903  -10.843 15.042  1.00 21.63 ? 1220 HOH A O   1 
HETATM 1175 O  O   . HOH D 4 .   ? -8.933  9.279   -1.758  1.00 20.63 ? 1221 HOH A O   1 
HETATM 1176 O  O   . HOH D 4 .   ? 1.878   -13.057 4.988   1.00 18.68 ? 1222 HOH A O   1 
HETATM 1177 O  O   . HOH D 4 .   ? 11.063  1.934   7.115   1.00 19.97 ? 1223 HOH A O   1 
HETATM 1178 O  O   . HOH D 4 .   ? 11.666  -7.003  1.514   1.00 27.27 ? 1224 HOH A O   1 
HETATM 1179 O  O   . HOH D 4 .   ? -13.760 -2.050  -1.709  1.00 24.12 ? 1225 HOH A O   1 
HETATM 1180 O  O   . HOH D 4 .   ? -12.123 -7.204  12.670  1.00 24.87 ? 1226 HOH A O   1 
HETATM 1181 O  O   . HOH D 4 .   ? 3.017   1.771   17.290  1.00 21.61 ? 1227 HOH A O   1 
HETATM 1182 O  O   . HOH D 4 .   ? 0.079   14.313  -12.586 1.00 17.58 ? 1228 HOH A O   1 
HETATM 1183 O  O   . HOH D 4 .   ? -7.037  -3.085  -14.948 1.00 22.72 ? 1229 HOH A O   1 
HETATM 1184 O  O   . HOH D 4 .   ? -2.956  9.944   13.674  1.00 19.11 ? 1230 HOH A O   1 
HETATM 1185 O  O   . HOH D 4 .   ? 13.114  -8.120  -3.272  1.00 23.75 ? 1231 HOH A O   1 
HETATM 1186 O  O   . HOH D 4 .   ? 19.134  -0.600  -0.975  1.00 24.53 ? 1232 HOH A O   1 
HETATM 1187 O  O   . HOH D 4 .   ? 7.324   13.630  4.604   1.00 21.31 ? 1233 HOH A O   1 
HETATM 1188 O  O   . HOH D 4 .   ? 13.066  7.138   -2.965  1.00 19.55 ? 1234 HOH A O   1 
HETATM 1189 O  O   . HOH D 4 .   ? 8.015   9.639   -6.270  1.00 19.90 ? 1235 HOH A O   1 
HETATM 1190 O  O   . HOH D 4 .   ? 3.838   -9.365  -12.150 1.00 23.22 ? 1236 HOH A O   1 
HETATM 1191 O  O   . HOH D 4 .   ? 0.528   -10.794 16.455  1.00 23.39 ? 1237 HOH A O   1 
HETATM 1192 O  O   . HOH D 4 .   ? 4.905   5.579   9.492   1.00 26.51 ? 1238 HOH A O   1 
HETATM 1193 O  O   . HOH D 4 .   ? 6.967   -3.468  -15.369 1.00 24.27 ? 1239 HOH A O   1 
HETATM 1194 O  O   . HOH D 4 .   ? -4.820  10.116  -13.826 1.00 29.01 ? 1240 HOH A O   1 
HETATM 1195 O  O   . HOH D 4 .   ? -7.244  -8.857  9.536   1.00 21.05 ? 1241 HOH A O   1 
HETATM 1196 O  O   . HOH D 4 .   ? 2.167   -17.166 5.221   1.00 22.05 ? 1242 HOH A O   1 
HETATM 1197 O  O   . HOH D 4 .   ? 1.302   1.985   -18.571 1.00 26.12 ? 1243 HOH A O   1 
HETATM 1198 O  O   . HOH D 4 .   ? -11.842 -11.962 0.872   1.00 28.05 ? 1244 HOH A O   1 
HETATM 1199 O  O   . HOH D 4 .   ? 15.112  8.208   -1.052  1.00 27.19 ? 1245 HOH A O   1 
HETATM 1200 O  O   . HOH D 4 .   ? -2.405  -2.386  21.354  1.00 21.36 ? 1246 HOH A O   1 
HETATM 1201 O  O   . HOH D 4 .   ? -6.254  -13.683 9.754   1.00 23.15 ? 1247 HOH A O   1 
HETATM 1202 O  O   . HOH D 4 .   ? 6.665   2.432   9.967   1.00 25.52 ? 1248 HOH A O   1 
HETATM 1203 O  O   . HOH D 4 .   ? -11.888 7.973   0.504   1.00 27.51 ? 1249 HOH A O   1 
HETATM 1204 O  O   . HOH D 4 .   ? -5.753  -11.261 -7.338  1.00 27.77 ? 1250 HOH A O   1 
HETATM 1205 O  O   . HOH D 4 .   ? 0.644   -14.192 1.561   1.00 28.37 ? 1251 HOH A O   1 
HETATM 1206 O  O   . HOH D 4 .   ? 3.384   15.393  0.988   1.00 23.91 ? 1252 HOH A O   1 
HETATM 1207 O  O   . HOH D 4 .   ? -2.690  -4.116  -15.520 1.00 26.97 ? 1253 HOH A O   1 
HETATM 1208 O  O   . HOH D 4 .   ? -0.911  -16.507 2.575   1.00 28.05 ? 1254 HOH A O   1 
HETATM 1209 O  O   . HOH D 4 .   ? 8.345   -8.094  -9.989  1.00 23.77 ? 1255 HOH A O   1 
HETATM 1210 O  O   . HOH D 4 .   ? -11.583 6.001   -6.105  1.00 26.17 ? 1256 HOH A O   1 
HETATM 1211 O  O   . HOH D 4 .   ? 4.143   9.181   6.416   1.00 28.07 ? 1257 HOH A O   1 
HETATM 1212 O  O   . HOH D 4 .   ? 3.524   14.643  -5.413  1.00 14.48 ? 1258 HOH A O   1 
HETATM 1213 O  O   . HOH D 4 .   ? 3.917   8.279   9.354   1.00 24.49 ? 1259 HOH A O   1 
HETATM 1214 O  O   . HOH D 4 .   ? -1.731  0.099   22.299  1.00 19.64 ? 1260 HOH A O   1 
HETATM 1215 O  O   . HOH D 4 .   ? -1.054  1.904   20.159  1.00 18.65 ? 1261 HOH A O   1 
HETATM 1216 O  O   . HOH D 4 .   ? -1.308  5.642   18.968  1.00 20.45 ? 1262 HOH A O   1 
HETATM 1217 O  O   . HOH D 4 .   ? -8.542  1.831   18.362  1.00 10.96 ? 1263 HOH A O   1 
HETATM 1218 O  O   . HOH D 4 .   ? 2.428   17.867  -5.835  1.00 10.59 ? 1264 HOH A O   1 
HETATM 1219 O  O   . HOH D 4 .   ? -1.431  16.143  0.981   1.00 30.75 ? 1265 HOH A O   1 
HETATM 1220 O  O   . HOH D 4 .   ? -8.143  9.734   -7.253  1.00 6.87  ? 1266 HOH A O   1 
HETATM 1221 O  O   . HOH D 4 .   ? -7.289  11.451  0.289   1.00 19.25 ? 1267 HOH A O   1 
HETATM 1222 O  O   . HOH D 4 .   ? -7.160  10.851  4.884   1.00 26.42 ? 1268 HOH A O   1 
HETATM 1223 O  O   . HOH D 4 .   ? -8.924  12.422  -8.642  1.00 29.36 ? 1269 HOH A O   1 
HETATM 1224 O  O   . HOH D 4 .   ? 1.224   5.108   16.789  1.00 19.33 ? 1270 HOH A O   1 
HETATM 1225 O  O   . HOH D 4 .   ? 5.883   -10.046 -0.747  1.00 15.36 ? 1271 HOH A O   1 
HETATM 1226 O  O   . HOH D 4 .   ? -9.828  -6.176  22.216  1.00 22.35 ? 1272 HOH A O   1 
HETATM 1227 O  O   . HOH D 4 .   ? 13.673  -1.231  -12.753 1.00 28.72 ? 1273 HOH A O   1 
HETATM 1228 O  O   . HOH D 4 .   ? -14.991 -2.468  -3.754  1.00 30.44 ? 1274 HOH A O   1 
HETATM 1229 O  O   . HOH D 4 .   ? 16.199  6.087   -3.197  1.00 25.31 ? 1275 HOH A O   1 
HETATM 1230 O  O   . HOH D 4 .   ? -0.736  -11.759 -13.478 1.00 27.46 ? 1276 HOH A O   1 
HETATM 1231 O  O   . HOH D 4 .   ? 3.455   7.743   14.580  1.00 29.04 ? 1277 HOH A O   1 
HETATM 1232 O  O   . HOH D 4 .   ? -6.234  7.022   -13.629 1.00 29.92 ? 1278 HOH A O   1 
HETATM 1233 O  O   . HOH D 4 .   ? -8.577  -10.041 7.949   1.00 22.85 ? 1279 HOH A O   1 
HETATM 1234 O  O   . HOH D 4 .   ? -8.018  -11.565 9.378   1.00 29.34 ? 1280 HOH A O   1 
HETATM 1235 O  O   . HOH D 4 .   ? -11.105 4.767   -3.238  1.00 31.98 ? 1281 HOH A O   1 
HETATM 1236 O  O   . HOH D 4 .   ? -2.072  7.127   -8.216  1.00 15.81 ? 1282 HOH A O   1 
HETATM 1237 O  O   . HOH D 4 .   ? 10.742  -0.878  7.684   1.00 23.62 ? 1283 HOH A O   1 
HETATM 1238 O  O   . HOH D 4 .   ? -8.188  -7.068  -13.186 1.00 29.17 ? 1284 HOH A O   1 
HETATM 1239 O  O   . HOH D 4 .   ? 5.505   -11.836 16.188  1.00 29.31 ? 1285 HOH A O   1 
HETATM 1240 O  O   . HOH D 4 .   ? -9.511  6.073   -2.322  1.00 25.42 ? 1286 HOH A O   1 
HETATM 1241 O  O   . HOH D 4 .   ? -7.125  7.186   13.722  1.00 24.47 ? 1287 HOH A O   1 
HETATM 1242 O  O   . HOH D 4 .   ? 11.385  -14.210 -5.798  1.00 26.03 ? 1288 HOH A O   1 
HETATM 1243 O  O   . HOH D 4 .   ? 1.000   -18.391 2.936   1.00 25.73 ? 1289 HOH A O   1 
HETATM 1244 O  O   . HOH D 4 .   ? -5.867  9.554   13.718  1.00 27.45 ? 1290 HOH A O   1 
HETATM 1245 O  O   . HOH D 4 .   ? -4.403  -13.211 -0.500  1.00 30.66 ? 1291 HOH A O   1 
HETATM 1246 O  O   . HOH D 4 .   ? 6.903   14.442  -1.448  1.00 24.66 ? 1292 HOH A O   1 
HETATM 1247 O  O   . HOH D 4 .   ? -7.865  -12.710 7.438   1.00 27.21 ? 1293 HOH A O   1 
HETATM 1248 O  O   . HOH D 4 .   ? 11.398  -14.525 -8.572  1.00 32.20 ? 1294 HOH A O   1 
HETATM 1249 O  O   . HOH D 4 .   ? 17.794  -0.964  -10.491 1.00 29.92 ? 1295 HOH A O   1 
HETATM 1250 O  O   . HOH D 4 .   ? 20.392  6.293   -5.422  1.00 32.18 ? 1296 HOH A O   1 
HETATM 1251 O  O   . HOH D 4 .   ? 14.562  3.106   4.934   1.00 31.89 ? 1297 HOH A O   1 
HETATM 1252 O  O   . HOH D 4 .   ? 14.297  5.358   4.760   1.00 29.38 ? 1298 HOH A O   1 
HETATM 1253 O  O   . HOH D 4 .   ? 3.132   14.356  5.211   1.00 27.83 ? 1299 HOH A O   1 
HETATM 1254 O  O   . HOH D 4 .   ? 8.868   11.327  -4.330  1.00 28.12 ? 1300 HOH A O   1 
HETATM 1255 O  O   . HOH D 4 .   ? 2.614   -7.758  -15.856 1.00 32.35 ? 1301 HOH A O   1 
HETATM 1256 O  O   . HOH D 4 .   ? 5.909   -11.757 10.796  1.00 31.40 ? 1302 HOH A O   1 
HETATM 1257 O  O   . HOH D 4 .   ? -13.379 3.210   10.332  1.00 26.64 ? 1303 HOH A O   1 
HETATM 1258 O  O   . HOH D 4 .   ? 5.929   13.779  -6.253  1.00 27.12 ? 1304 HOH A O   1 
HETATM 1259 O  O   . HOH D 4 .   ? 7.427   13.460  -3.987  1.00 32.00 ? 1305 HOH A O   1 
HETATM 1260 O  O   . HOH D 4 .   ? 7.348   10.853  -11.516 1.00 27.61 ? 1306 HOH A O   1 
HETATM 1261 O  O   . HOH D 4 .   ? 11.022  7.339   -9.622  1.00 32.26 ? 1307 HOH A O   1 
HETATM 1262 O  O   . HOH D 4 .   ? 13.726  6.661   -8.139  1.00 30.93 ? 1308 HOH A O   1 
HETATM 1263 O  O   . HOH D 4 .   ? -5.516  -16.006 2.178   1.00 31.71 ? 1309 HOH A O   1 
HETATM 1264 O  O   . HOH D 4 .   ? -8.786  0.029   -16.689 1.00 30.55 ? 1310 HOH A O   1 
HETATM 1265 O  O   . HOH D 4 .   ? -13.778 0.841   -11.335 1.00 28.27 ? 1311 HOH A O   1 
HETATM 1266 O  O   . HOH D 4 .   ? -4.818  -6.911  -13.552 1.00 29.61 ? 1312 HOH A O   1 
HETATM 1267 O  O   . HOH D 4 .   ? 3.452   -8.928  18.219  1.00 32.33 ? 1313 HOH A O   1 
HETATM 1268 O  O   . HOH D 4 .   ? 5.989   -9.387  16.374  1.00 33.59 ? 1314 HOH A O   1 
# 
loop_
_pdbx_poly_seq_scheme.asym_id 
_pdbx_poly_seq_scheme.entity_id 
_pdbx_poly_seq_scheme.seq_id 
_pdbx_poly_seq_scheme.mon_id 
_pdbx_poly_seq_scheme.ndb_seq_num 
_pdbx_poly_seq_scheme.pdb_seq_num 
_pdbx_poly_seq_scheme.auth_seq_num 
_pdbx_poly_seq_scheme.pdb_mon_id 
_pdbx_poly_seq_scheme.auth_mon_id 
_pdbx_poly_seq_scheme.pdb_strand_id 
_pdbx_poly_seq_scheme.pdb_ins_code 
_pdbx_poly_seq_scheme.hetero 
A 1 1   MET 1   914  ?    ?   ?   A . n 
A 1 2   HIS 2   915  ?    ?   ?   A . n 
A 1 3   HIS 3   916  ?    ?   ?   A . n 
A 1 4   HIS 4   917  ?    ?   ?   A . n 
A 1 5   HIS 5   918  ?    ?   ?   A . n 
A 1 6   HIS 6   919  ?    ?   ?   A . n 
A 1 7   HIS 7   920  ?    ?   ?   A . n 
A 1 8   ILE 8   921  ?    ?   ?   A . n 
A 1 9   THR 9   922  ?    ?   ?   A . n 
A 1 10  SER 10  923  ?    ?   ?   A . n 
A 1 11  LEU 11  924  ?    ?   ?   A . n 
A 1 12  TYR 12  925  ?    ?   ?   A . n 
A 1 13  LYS 13  926  ?    ?   ?   A . n 
A 1 14  LYS 14  927  ?    ?   ?   A . n 
A 1 15  ALA 15  928  ?    ?   ?   A . n 
A 1 16  GLY 16  929  ?    ?   ?   A . n 
A 1 17  SER 17  930  ?    ?   ?   A . n 
A 1 18  GLU 18  931  ?    ?   ?   A . n 
A 1 19  PHE 19  932  ?    ?   ?   A . n 
A 1 20  ALA 20  933  ?    ?   ?   A . n 
A 1 21  LEU 21  934  ?    ?   ?   A . n 
A 1 22  VAL 22  935  ?    ?   ?   A . n 
A 1 23  ASN 23  936  ?    ?   ?   A . n 
A 1 24  LYS 24  937  ?    ?   ?   A . n 
A 1 25  ASP 25  938  ?    ?   ?   A . n 
A 1 26  GLY 26  939  ?    ?   ?   A . n 
A 1 27  HIS 27  940  ?    ?   ?   A . n 
A 1 28  SER 28  941  ?    ?   ?   A . n 
A 1 29  ASN 29  942  ?    ?   ?   A . n 
A 1 30  TRP 30  943  ?    ?   ?   A . n 
A 1 31  SER 31  944  ?    ?   ?   A . n 
A 1 32  GLU 32  945  ?    ?   ?   A . n 
A 1 33  LEU 33  946  ?    ?   ?   A . n 
A 1 34  ILE 34  947  ?    ?   ?   A . n 
A 1 35  LYS 35  948  ?    ?   ?   A . n 
A 1 36  VAL 36  949  ?    ?   ?   A . n 
A 1 37  LYS 37  950  ?    ?   ?   A . n 
A 1 38  THR 38  951  ?    ?   ?   A . n 
A 1 39  ASP 39  952  ?    ?   ?   A . n 
A 1 40  LEU 40  953  ?    ?   ?   A . n 
A 1 41  ASP 41  954  954  ASP ASP A . n 
A 1 42  PRO 42  955  955  PRO PRO A . n 
A 1 43  TYR 43  956  956  TYR TYR A . n 
A 1 44  ARG 44  957  957  ARG ARG A . n 
A 1 45  ASN 45  958  958  ASN ASN A . n 
A 1 46  VAL 46  959  959  VAL VAL A . n 
A 1 47  PRO 47  960  960  PRO PRO A . n 
A 1 48  LYS 48  961  961  LYS LYS A . n 
A 1 49  ASP 49  962  962  ASP ASP A . n 
A 1 50  MET 50  963  963  MET MET A . n 
A 1 51  LYS 51  964  964  LYS LYS A . n 
A 1 52  THR 52  965  965  THR THR A . n 
A 1 53  GLU 53  966  966  GLU GLU A . n 
A 1 54  TRP 54  967  967  TRP TRP A . n 
A 1 55  LYS 55  968  968  LYS LYS A . n 
A 1 56  TRP 56  969  969  TRP TRP A . n 
A 1 57  GLY 57  970  970  GLY GLY A . n 
A 1 58  GLN 58  971  971  GLN GLN A . n 
A 1 59  TYR 59  972  972  TYR TYR A . n 
A 1 60  SER 60  973  973  SER SER A . n 
A 1 61  SER 61  974  974  SER SER A . n 
A 1 62  ASP 62  975  975  ASP ASP A . n 
A 1 63  GLU 63  976  976  GLU GLU A . n 
A 1 64  PRO 64  977  977  PRO PRO A . n 
A 1 65  SER 65  978  978  SER SER A . n 
A 1 66  LYS 66  979  979  LYS LYS A . n 
A 1 67  ALA 67  980  980  ALA ALA A . n 
A 1 68  VAL 68  981  981  VAL VAL A . n 
A 1 69  ASP 69  982  982  ASP ASP A . n 
A 1 70  GLY 70  983  983  GLY GLY A . n 
A 1 71  ASP 71  984  984  ASP ASP A . n 
A 1 72  ASP 72  985  985  ASP ASP A . n 
A 1 73  SER 73  986  986  SER SER A . n 
A 1 74  SER 74  987  987  SER SER A . n 
A 1 75  GLN 75  988  988  GLN GLN A . n 
A 1 76  PHE 76  989  989  PHE PHE A . n 
A 1 77  HIS 77  990  990  HIS HIS A . n 
A 1 78  SER 78  991  991  SER SER A . n 
A 1 79  GLN 79  992  992  GLN GLN A . n 
A 1 80  ASP 80  993  993  ASP ASP A . n 
A 1 81  SER 81  994  994  SER SER A . n 
A 1 82  ALA 82  995  995  ALA ALA A . n 
A 1 83  ILE 83  996  996  ILE ILE A . n 
A 1 84  ASP 84  997  997  ASP ASP A . n 
A 1 85  LYS 85  998  998  LYS LYS A . n 
A 1 86  PRO 86  999  999  PRO PRO A . n 
A 1 87  PHE 87  1000 1000 PHE PHE A . n 
A 1 88  ILE 88  1001 1001 ILE ILE A . n 
A 1 89  ILE 89  1002 1002 ILE ILE A . n 
A 1 90  ASP 90  1003 1003 ASP ASP A . n 
A 1 91  MET 91  1004 1004 MET MET A . n 
A 1 92  GLN 92  1005 1005 GLN GLN A . n 
A 1 93  LYS 93  1006 1006 LYS LYS A . n 
A 1 94  ALA 94  1007 1007 ALA ALA A . n 
A 1 95  TYR 95  1008 1008 TYR TYR A . n 
A 1 96  THR 96  1009 1009 THR THR A . n 
A 1 97  ILE 97  1010 1010 ILE ILE A . n 
A 1 98  GLU 98  1011 1011 GLU GLU A . n 
A 1 99  LYS 99  1012 1012 LYS LYS A . n 
A 1 100 LEU 100 1013 1013 LEU LEU A . n 
A 1 101 GLU 101 1014 1014 GLU GLU A . n 
A 1 102 LEU 102 1015 1015 LEU LEU A . n 
A 1 103 LEU 103 1016 1016 LEU LEU A . n 
A 1 104 PHE 104 1017 1017 PHE PHE A . n 
A 1 105 ARG 105 1018 1018 ARG ARG A . n 
A 1 106 LYS 106 1019 1019 LYS LYS A . n 
A 1 107 ASN 107 1020 1020 ASN ASN A . n 
A 1 108 GLY 108 1021 1021 GLY GLY A . n 
A 1 109 ASN 109 1022 1022 ASN ASN A . n 
A 1 110 GLY 110 1023 1023 GLY GLY A . n 
A 1 111 SER 111 1024 1024 SER SER A . n 
A 1 112 VAL 112 1025 1025 VAL VAL A . n 
A 1 113 LYS 113 1026 1026 LYS LYS A . n 
A 1 114 ARG 114 1027 1027 ARG ARG A . n 
A 1 115 ALA 115 1028 1028 ALA ALA A . n 
A 1 116 GLU 116 1029 1029 GLU GLU A . n 
A 1 117 ILE 117 1030 1030 ILE ILE A . n 
A 1 118 TYR 118 1031 1031 TYR TYR A . n 
A 1 119 SER 119 1032 1032 SER SER A . n 
A 1 120 SER 120 1033 1033 SER SER A . n 
A 1 121 LEU 121 1034 1034 LEU LEU A . n 
A 1 122 ASP 122 1035 1035 ASP ASP A . n 
A 1 123 GLY 123 1036 1036 GLY GLY A . n 
A 1 124 VAL 124 1037 1037 VAL VAL A . n 
A 1 125 THR 125 1038 1038 THR THR A . n 
A 1 126 TYR 126 1039 1039 TYR TYR A . n 
A 1 127 GLU 127 1040 1040 GLU GLU A . n 
A 1 128 LYS 128 1041 1041 LYS LYS A . n 
A 1 129 VAL 129 1042 1042 VAL VAL A . n 
A 1 130 PHE 130 1043 1043 PHE PHE A . n 
A 1 131 SER 131 1044 1044 SER SER A . n 
A 1 132 ASN 132 1045 1045 ASN ASN A . n 
A 1 133 ALA 133 1046 1046 ALA ALA A . n 
A 1 134 GLU 134 1047 1047 GLU GLU A . n 
A 1 135 GLY 135 1048 1048 GLY GLY A . n 
A 1 136 SER 136 1049 1049 SER SER A . n 
A 1 137 ASP 137 1050 1050 ASP ASP A . n 
A 1 138 ILE 138 1051 1051 ILE ILE A . n 
A 1 139 ALA 139 1052 1052 ALA ALA A . n 
A 1 140 PRO 140 1053 1053 PRO PRO A . n 
A 1 141 TRP 141 1054 1054 TRP TRP A . n 
A 1 142 ALA 142 1055 1055 ALA ALA A . n 
A 1 143 THR 143 1056 1056 THR THR A . n 
A 1 144 ASP 144 1057 1057 ASP ASP A . n 
A 1 145 GLY 145 1058 1058 GLY GLY A . n 
A 1 146 GLU 146 1059 1059 GLU GLU A . n 
A 1 147 VAL 147 1060 1060 VAL VAL A . n 
A 1 148 LYS 148 1061 1061 LYS LYS A . n 
A 1 149 THR 149 1062 1062 THR THR A . n 
A 1 150 ILE 150 1063 1063 ILE ILE A . n 
A 1 151 ASN 151 1064 1064 ASN ASN A . n 
A 1 152 PHE 152 1065 1065 PHE PHE A . n 
A 1 153 ASN 153 1066 1066 ASN ASN A . n 
A 1 154 LYS 154 1067 1067 LYS LYS A . n 
A 1 155 PRO 155 1068 1068 PRO PRO A . n 
A 1 156 ILE 156 1069 1069 ILE ILE A . n 
A 1 157 LYS 157 1070 1070 LYS LYS A . n 
A 1 158 VAL 158 1071 1071 VAL VAL A . n 
A 1 159 ARG 159 1072 1072 ARG ARG A . n 
A 1 160 TYR 160 1073 1073 TYR TYR A . n 
A 1 161 PHE 161 1074 1074 PHE PHE A . n 
A 1 162 LYS 162 1075 1075 LYS LYS A . n 
A 1 163 ILE 163 1076 1076 ILE ILE A . n 
A 1 164 VAL 164 1077 1077 VAL VAL A . n 
A 1 165 THR 165 1078 1078 THR THR A . n 
A 1 166 LYS 166 1079 1079 LYS LYS A . n 
A 1 167 GLU 167 1080 1080 GLU GLU A . n 
A 1 168 SER 168 1081 1081 SER SER A . n 
A 1 169 ILE 169 1082 1082 ILE ILE A . n 
A 1 170 GLY 170 1083 1083 GLY GLY A . n 
A 1 171 ASN 171 1084 1084 ASN ASN A . n 
A 1 172 PHE 172 1085 1085 PHE PHE A . n 
A 1 173 LEU 173 1086 1086 LEU LEU A . n 
A 1 174 ALA 174 1087 1087 ALA ALA A . n 
A 1 175 MET 175 1088 1088 MET MET A . n 
A 1 176 ARG 176 1089 1089 ARG ARG A . n 
A 1 177 GLU 177 1090 1090 GLU GLU A . n 
A 1 178 PHE 178 1091 1091 PHE PHE A . n 
A 1 179 ARG 179 1092 1092 ARG ARG A . n 
A 1 180 PRO 180 1093 1093 PRO PRO A . n 
A 1 181 TYR 181 1094 1094 TYR TYR A . n 
A 1 182 LYS 182 1095 1095 LYS LYS A . n 
# 
loop_
_pdbx_nonpoly_scheme.asym_id 
_pdbx_nonpoly_scheme.entity_id 
_pdbx_nonpoly_scheme.mon_id 
_pdbx_nonpoly_scheme.ndb_seq_num 
_pdbx_nonpoly_scheme.pdb_seq_num 
_pdbx_nonpoly_scheme.auth_seq_num 
_pdbx_nonpoly_scheme.pdb_mon_id 
_pdbx_nonpoly_scheme.auth_mon_id 
_pdbx_nonpoly_scheme.pdb_strand_id 
_pdbx_nonpoly_scheme.pdb_ins_code 
B 2 CA  1   1101 1   CA  CA  A . 
C 3 MG  1   1102 2   MG  MG  A . 
D 4 HOH 1   1201 1   HOH HOH A . 
D 4 HOH 2   1202 2   HOH HOH A . 
D 4 HOH 3   1203 3   HOH HOH A . 
D 4 HOH 4   1204 4   HOH HOH A . 
D 4 HOH 5   1205 5   HOH HOH A . 
D 4 HOH 6   1206 6   HOH HOH A . 
D 4 HOH 7   1207 7   HOH HOH A . 
D 4 HOH 8   1208 8   HOH HOH A . 
D 4 HOH 9   1209 9   HOH HOH A . 
D 4 HOH 10  1210 10  HOH HOH A . 
D 4 HOH 11  1211 11  HOH HOH A . 
D 4 HOH 12  1212 12  HOH HOH A . 
D 4 HOH 13  1213 13  HOH HOH A . 
D 4 HOH 14  1214 14  HOH HOH A . 
D 4 HOH 15  1215 15  HOH HOH A . 
D 4 HOH 16  1216 16  HOH HOH A . 
D 4 HOH 17  1217 17  HOH HOH A . 
D 4 HOH 18  1218 18  HOH HOH A . 
D 4 HOH 19  1219 19  HOH HOH A . 
D 4 HOH 20  1220 20  HOH HOH A . 
D 4 HOH 21  1221 21  HOH HOH A . 
D 4 HOH 22  1222 22  HOH HOH A . 
D 4 HOH 23  1223 23  HOH HOH A . 
D 4 HOH 24  1224 24  HOH HOH A . 
D 4 HOH 25  1225 25  HOH HOH A . 
D 4 HOH 26  1226 26  HOH HOH A . 
D 4 HOH 27  1227 27  HOH HOH A . 
D 4 HOH 28  1228 28  HOH HOH A . 
D 4 HOH 29  1229 29  HOH HOH A . 
D 4 HOH 30  1230 30  HOH HOH A . 
D 4 HOH 31  1231 31  HOH HOH A . 
D 4 HOH 32  1232 32  HOH HOH A . 
D 4 HOH 33  1233 33  HOH HOH A . 
D 4 HOH 34  1234 34  HOH HOH A . 
D 4 HOH 35  1235 35  HOH HOH A . 
D 4 HOH 36  1236 36  HOH HOH A . 
D 4 HOH 37  1237 37  HOH HOH A . 
D 4 HOH 38  1238 38  HOH HOH A . 
D 4 HOH 39  1239 39  HOH HOH A . 
D 4 HOH 40  1240 40  HOH HOH A . 
D 4 HOH 41  1241 41  HOH HOH A . 
D 4 HOH 42  1242 42  HOH HOH A . 
D 4 HOH 43  1243 43  HOH HOH A . 
D 4 HOH 44  1244 44  HOH HOH A . 
D 4 HOH 45  1245 45  HOH HOH A . 
D 4 HOH 46  1246 46  HOH HOH A . 
D 4 HOH 47  1247 47  HOH HOH A . 
D 4 HOH 48  1248 48  HOH HOH A . 
D 4 HOH 49  1249 49  HOH HOH A . 
D 4 HOH 50  1250 50  HOH HOH A . 
D 4 HOH 51  1251 51  HOH HOH A . 
D 4 HOH 52  1252 52  HOH HOH A . 
D 4 HOH 53  1253 53  HOH HOH A . 
D 4 HOH 54  1254 54  HOH HOH A . 
D 4 HOH 55  1255 55  HOH HOH A . 
D 4 HOH 56  1256 56  HOH HOH A . 
D 4 HOH 57  1257 57  HOH HOH A . 
D 4 HOH 58  1258 58  HOH HOH A . 
D 4 HOH 59  1259 59  HOH HOH A . 
D 4 HOH 60  1260 60  HOH HOH A . 
D 4 HOH 61  1261 61  HOH HOH A . 
D 4 HOH 62  1262 62  HOH HOH A . 
D 4 HOH 63  1263 63  HOH HOH A . 
D 4 HOH 64  1264 64  HOH HOH A . 
D 4 HOH 65  1265 65  HOH HOH A . 
D 4 HOH 66  1266 66  HOH HOH A . 
D 4 HOH 67  1267 67  HOH HOH A . 
D 4 HOH 68  1268 68  HOH HOH A . 
D 4 HOH 69  1269 69  HOH HOH A . 
D 4 HOH 70  1270 70  HOH HOH A . 
D 4 HOH 71  1271 71  HOH HOH A . 
D 4 HOH 72  1272 72  HOH HOH A . 
D 4 HOH 73  1273 73  HOH HOH A . 
D 4 HOH 74  1274 74  HOH HOH A . 
D 4 HOH 75  1275 75  HOH HOH A . 
D 4 HOH 76  1276 76  HOH HOH A . 
D 4 HOH 77  1277 77  HOH HOH A . 
D 4 HOH 78  1278 78  HOH HOH A . 
D 4 HOH 79  1279 79  HOH HOH A . 
D 4 HOH 80  1280 80  HOH HOH A . 
D 4 HOH 81  1281 81  HOH HOH A . 
D 4 HOH 82  1282 82  HOH HOH A . 
D 4 HOH 83  1283 83  HOH HOH A . 
D 4 HOH 84  1284 84  HOH HOH A . 
D 4 HOH 85  1285 85  HOH HOH A . 
D 4 HOH 86  1286 86  HOH HOH A . 
D 4 HOH 87  1287 87  HOH HOH A . 
D 4 HOH 88  1288 88  HOH HOH A . 
D 4 HOH 89  1289 89  HOH HOH A . 
D 4 HOH 90  1290 90  HOH HOH A . 
D 4 HOH 91  1291 91  HOH HOH A . 
D 4 HOH 92  1292 92  HOH HOH A . 
D 4 HOH 93  1293 93  HOH HOH A . 
D 4 HOH 94  1294 94  HOH HOH A . 
D 4 HOH 95  1295 95  HOH HOH A . 
D 4 HOH 96  1296 96  HOH HOH A . 
D 4 HOH 97  1297 97  HOH HOH A . 
D 4 HOH 98  1298 98  HOH HOH A . 
D 4 HOH 99  1299 99  HOH HOH A . 
D 4 HOH 100 1300 100 HOH HOH A . 
D 4 HOH 101 1301 101 HOH HOH A . 
D 4 HOH 102 1302 102 HOH HOH A . 
D 4 HOH 103 1303 103 HOH HOH A . 
D 4 HOH 104 1304 104 HOH HOH A . 
D 4 HOH 105 1305 105 HOH HOH A . 
D 4 HOH 106 1306 106 HOH HOH A . 
D 4 HOH 107 1307 107 HOH HOH A . 
D 4 HOH 108 1308 108 HOH HOH A . 
D 4 HOH 109 1309 109 HOH HOH A . 
D 4 HOH 110 1310 110 HOH HOH A . 
D 4 HOH 111 1311 111 HOH HOH A . 
D 4 HOH 112 1312 112 HOH HOH A . 
D 4 HOH 113 1313 113 HOH HOH A . 
D 4 HOH 114 1314 114 HOH HOH A . 
# 
_pdbx_struct_assembly.id                   1 
_pdbx_struct_assembly.details              author_and_software_defined_assembly 
_pdbx_struct_assembly.method_details       PISA 
_pdbx_struct_assembly.oligomeric_details   monomeric 
_pdbx_struct_assembly.oligomeric_count     1 
# 
_pdbx_struct_assembly_gen.assembly_id       1 
_pdbx_struct_assembly_gen.oper_expression   1 
_pdbx_struct_assembly_gen.asym_id_list      A,B,C,D 
# 
_pdbx_struct_oper_list.id                   1 
_pdbx_struct_oper_list.type                 'identity operation' 
_pdbx_struct_oper_list.name                 1_555 
_pdbx_struct_oper_list.symmetry_operation   x,y,z 
_pdbx_struct_oper_list.matrix[1][1]         1.0000000000 
_pdbx_struct_oper_list.matrix[1][2]         0.0000000000 
_pdbx_struct_oper_list.matrix[1][3]         0.0000000000 
_pdbx_struct_oper_list.vector[1]            0.0000000000 
_pdbx_struct_oper_list.matrix[2][1]         0.0000000000 
_pdbx_struct_oper_list.matrix[2][2]         1.0000000000 
_pdbx_struct_oper_list.matrix[2][3]         0.0000000000 
_pdbx_struct_oper_list.vector[2]            0.0000000000 
_pdbx_struct_oper_list.matrix[3][1]         0.0000000000 
_pdbx_struct_oper_list.matrix[3][2]         0.0000000000 
_pdbx_struct_oper_list.matrix[3][3]         1.0000000000 
_pdbx_struct_oper_list.vector[3]            0.0000000000 
# 
loop_
_pdbx_struct_conn_angle.id 
_pdbx_struct_conn_angle.ptnr1_label_atom_id 
_pdbx_struct_conn_angle.ptnr1_label_alt_id 
_pdbx_struct_conn_angle.ptnr1_label_asym_id 
_pdbx_struct_conn_angle.ptnr1_label_comp_id 
_pdbx_struct_conn_angle.ptnr1_label_seq_id 
_pdbx_struct_conn_angle.ptnr1_auth_atom_id 
_pdbx_struct_conn_angle.ptnr1_auth_asym_id 
_pdbx_struct_conn_angle.ptnr1_auth_comp_id 
_pdbx_struct_conn_angle.ptnr1_auth_seq_id 
_pdbx_struct_conn_angle.ptnr1_PDB_ins_code 
_pdbx_struct_conn_angle.ptnr1_symmetry 
_pdbx_struct_conn_angle.ptnr2_label_atom_id 
_pdbx_struct_conn_angle.ptnr2_label_alt_id 
_pdbx_struct_conn_angle.ptnr2_label_asym_id 
_pdbx_struct_conn_angle.ptnr2_label_comp_id 
_pdbx_struct_conn_angle.ptnr2_label_seq_id 
_pdbx_struct_conn_angle.ptnr2_auth_atom_id 
_pdbx_struct_conn_angle.ptnr2_auth_asym_id 
_pdbx_struct_conn_angle.ptnr2_auth_comp_id 
_pdbx_struct_conn_angle.ptnr2_auth_seq_id 
_pdbx_struct_conn_angle.ptnr2_PDB_ins_code 
_pdbx_struct_conn_angle.ptnr2_symmetry 
_pdbx_struct_conn_angle.ptnr3_label_atom_id 
_pdbx_struct_conn_angle.ptnr3_label_alt_id 
_pdbx_struct_conn_angle.ptnr3_label_asym_id 
_pdbx_struct_conn_angle.ptnr3_label_comp_id 
_pdbx_struct_conn_angle.ptnr3_label_seq_id 
_pdbx_struct_conn_angle.ptnr3_auth_atom_id 
_pdbx_struct_conn_angle.ptnr3_auth_asym_id 
_pdbx_struct_conn_angle.ptnr3_auth_comp_id 
_pdbx_struct_conn_angle.ptnr3_auth_seq_id 
_pdbx_struct_conn_angle.ptnr3_PDB_ins_code 
_pdbx_struct_conn_angle.ptnr3_symmetry 
_pdbx_struct_conn_angle.value 
_pdbx_struct_conn_angle.value_esd 
1  O   ? A LYS 66  ? A LYS 979  ? 1_555 CA ? B CA . ? A CA 1101 ? 1_555 OD1 ? A ASP 69  ? A ASP 982  ? 1_555 81.4  ? 
2  O   ? A LYS 66  ? A LYS 979  ? 1_555 CA ? B CA . ? A CA 1101 ? 1_555 O   ? A ASP 71  ? A ASP 984  ? 1_555 173.6 ? 
3  OD1 ? A ASP 69  ? A ASP 982  ? 1_555 CA ? B CA . ? A CA 1101 ? 1_555 O   ? A ASP 71  ? A ASP 984  ? 1_555 94.2  ? 
4  O   ? A LYS 66  ? A LYS 979  ? 1_555 CA ? B CA . ? A CA 1101 ? 1_555 O   ? A SER 74  ? A SER 987  ? 1_555 91.3  ? 
5  OD1 ? A ASP 69  ? A ASP 982  ? 1_555 CA ? B CA . ? A CA 1101 ? 1_555 O   ? A SER 74  ? A SER 987  ? 1_555 140.8 ? 
6  O   ? A ASP 71  ? A ASP 984  ? 1_555 CA ? B CA . ? A CA 1101 ? 1_555 O   ? A SER 74  ? A SER 987  ? 1_555 89.2  ? 
7  O   ? A LYS 66  ? A LYS 979  ? 1_555 CA ? B CA . ? A CA 1101 ? 1_555 OG  ? A SER 74  ? A SER 987  ? 1_555 90.5  ? 
8  OD1 ? A ASP 69  ? A ASP 982  ? 1_555 CA ? B CA . ? A CA 1101 ? 1_555 OG  ? A SER 74  ? A SER 987  ? 1_555 69.6  ? 
9  O   ? A ASP 71  ? A ASP 984  ? 1_555 CA ? B CA . ? A CA 1101 ? 1_555 OG  ? A SER 74  ? A SER 987  ? 1_555 83.5  ? 
10 O   ? A SER 74  ? A SER 987  ? 1_555 CA ? B CA . ? A CA 1101 ? 1_555 OG  ? A SER 74  ? A SER 987  ? 1_555 72.0  ? 
11 O   ? A LYS 66  ? A LYS 979  ? 1_555 CA ? B CA . ? A CA 1101 ? 1_555 O   ? A ARG 176 ? A ARG 1089 ? 1_555 83.0  ? 
12 OD1 ? A ASP 69  ? A ASP 982  ? 1_555 CA ? B CA . ? A CA 1101 ? 1_555 O   ? A ARG 176 ? A ARG 1089 ? 1_555 140.2 ? 
13 O   ? A ASP 71  ? A ASP 984  ? 1_555 CA ? B CA . ? A CA 1101 ? 1_555 O   ? A ARG 176 ? A ARG 1089 ? 1_555 103.3 ? 
14 O   ? A SER 74  ? A SER 987  ? 1_555 CA ? B CA . ? A CA 1101 ? 1_555 O   ? A ARG 176 ? A ARG 1089 ? 1_555 75.6  ? 
15 OG  ? A SER 74  ? A SER 987  ? 1_555 CA ? B CA . ? A CA 1101 ? 1_555 O   ? A ARG 176 ? A ARG 1089 ? 1_555 146.8 ? 
16 O   ? A LYS 66  ? A LYS 979  ? 1_555 CA ? B CA . ? A CA 1101 ? 1_555 OE2 ? A GLU 177 ? A GLU 1090 ? 1_555 97.9  ? 
17 OD1 ? A ASP 69  ? A ASP 982  ? 1_555 CA ? B CA . ? A CA 1101 ? 1_555 OE2 ? A GLU 177 ? A GLU 1090 ? 1_555 70.8  ? 
18 O   ? A ASP 71  ? A ASP 984  ? 1_555 CA ? B CA . ? A CA 1101 ? 1_555 OE2 ? A GLU 177 ? A GLU 1090 ? 1_555 84.9  ? 
19 O   ? A SER 74  ? A SER 987  ? 1_555 CA ? B CA . ? A CA 1101 ? 1_555 OE2 ? A GLU 177 ? A GLU 1090 ? 1_555 148.3 ? 
20 OG  ? A SER 74  ? A SER 987  ? 1_555 CA ? B CA . ? A CA 1101 ? 1_555 OE2 ? A GLU 177 ? A GLU 1090 ? 1_555 137.7 ? 
21 O   ? A ARG 176 ? A ARG 1089 ? 1_555 CA ? B CA . ? A CA 1101 ? 1_555 OE2 ? A GLU 177 ? A GLU 1090 ? 1_555 75.5  ? 
22 O   ? A THR 96  ? A THR 1009 ? 1_555 MG ? C MG . ? A MG 1102 ? 1_555 OG1 ? A THR 96  ? A THR 1009 ? 1_555 84.5  ? 
23 O   ? A THR 96  ? A THR 1009 ? 1_555 MG ? C MG . ? A MG 1102 ? 1_555 O   ? A LYS 182 ? A LYS 1095 ? 1_555 92.6  ? 
24 OG1 ? A THR 96  ? A THR 1009 ? 1_555 MG ? C MG . ? A MG 1102 ? 1_555 O   ? A LYS 182 ? A LYS 1095 ? 1_555 173.8 ? 
25 O   ? A THR 96  ? A THR 1009 ? 1_555 MG ? C MG . ? A MG 1102 ? 1_555 O   ? D HOH .   ? A HOH 1263 ? 1_555 170.5 ? 
26 OG1 ? A THR 96  ? A THR 1009 ? 1_555 MG ? C MG . ? A MG 1102 ? 1_555 O   ? D HOH .   ? A HOH 1263 ? 1_555 86.5  ? 
27 O   ? A LYS 182 ? A LYS 1095 ? 1_555 MG ? C MG . ? A MG 1102 ? 1_555 O   ? D HOH .   ? A HOH 1263 ? 1_555 96.0  ? 
# 
loop_
_pdbx_audit_revision_history.ordinal 
_pdbx_audit_revision_history.data_content_type 
_pdbx_audit_revision_history.major_revision 
_pdbx_audit_revision_history.minor_revision 
_pdbx_audit_revision_history.revision_date 
1 'Structure model' 1 0 2014-07-16 
2 'Structure model' 1 1 2017-03-08 
3 'Structure model' 1 2 2019-07-17 
4 'Structure model' 1 3 2023-09-20 
# 
_pdbx_audit_revision_details.ordinal             1 
_pdbx_audit_revision_details.revision_ordinal    1 
_pdbx_audit_revision_details.data_content_type   'Structure model' 
_pdbx_audit_revision_details.provider            repository 
_pdbx_audit_revision_details.type                'Initial release' 
_pdbx_audit_revision_details.description         ? 
_pdbx_audit_revision_details.details             ? 
# 
loop_
_pdbx_audit_revision_group.ordinal 
_pdbx_audit_revision_group.revision_ordinal 
_pdbx_audit_revision_group.data_content_type 
_pdbx_audit_revision_group.group 
1 2 'Structure model' 'Database references'    
2 3 'Structure model' 'Data collection'        
3 3 'Structure model' 'Refinement description' 
4 4 'Structure model' 'Data collection'        
5 4 'Structure model' 'Database references'    
6 4 'Structure model' 'Derived calculations'   
7 4 'Structure model' 'Refinement description' 
# 
loop_
_pdbx_audit_revision_category.ordinal 
_pdbx_audit_revision_category.revision_ordinal 
_pdbx_audit_revision_category.data_content_type 
_pdbx_audit_revision_category.category 
1 3 'Structure model' software                      
2 4 'Structure model' chem_comp_atom                
3 4 'Structure model' chem_comp_bond                
4 4 'Structure model' database_2                    
5 4 'Structure model' pdbx_initial_refinement_model 
6 4 'Structure model' pdbx_struct_conn_angle        
7 4 'Structure model' struct_conn                   
8 4 'Structure model' struct_ref_seq_dif            
9 4 'Structure model' struct_site                   
# 
loop_
_pdbx_audit_revision_item.ordinal 
_pdbx_audit_revision_item.revision_ordinal 
_pdbx_audit_revision_item.data_content_type 
_pdbx_audit_revision_item.item 
1  3 'Structure model' '_software.contact_author'                    
2  3 'Structure model' '_software.contact_author_email'              
3  3 'Structure model' '_software.language'                          
4  3 'Structure model' '_software.location'                          
5  3 'Structure model' '_software.name'                              
6  3 'Structure model' '_software.type'                              
7  3 'Structure model' '_software.version'                           
8  4 'Structure model' '_database_2.pdbx_DOI'                        
9  4 'Structure model' '_database_2.pdbx_database_accession'         
10 4 'Structure model' '_pdbx_struct_conn_angle.ptnr1_auth_comp_id'  
11 4 'Structure model' '_pdbx_struct_conn_angle.ptnr1_auth_seq_id'   
12 4 'Structure model' '_pdbx_struct_conn_angle.ptnr1_label_asym_id' 
13 4 'Structure model' '_pdbx_struct_conn_angle.ptnr1_label_atom_id' 
14 4 'Structure model' '_pdbx_struct_conn_angle.ptnr1_label_comp_id' 
15 4 'Structure model' '_pdbx_struct_conn_angle.ptnr1_label_seq_id'  
16 4 'Structure model' '_pdbx_struct_conn_angle.ptnr2_auth_comp_id'  
17 4 'Structure model' '_pdbx_struct_conn_angle.ptnr2_auth_seq_id'   
18 4 'Structure model' '_pdbx_struct_conn_angle.ptnr2_label_asym_id' 
19 4 'Structure model' '_pdbx_struct_conn_angle.ptnr2_label_atom_id' 
20 4 'Structure model' '_pdbx_struct_conn_angle.ptnr2_label_comp_id' 
21 4 'Structure model' '_pdbx_struct_conn_angle.ptnr3_auth_comp_id'  
22 4 'Structure model' '_pdbx_struct_conn_angle.ptnr3_auth_seq_id'   
23 4 'Structure model' '_pdbx_struct_conn_angle.ptnr3_label_asym_id' 
24 4 'Structure model' '_pdbx_struct_conn_angle.ptnr3_label_atom_id' 
25 4 'Structure model' '_pdbx_struct_conn_angle.ptnr3_label_comp_id' 
26 4 'Structure model' '_pdbx_struct_conn_angle.ptnr3_label_seq_id'  
27 4 'Structure model' '_pdbx_struct_conn_angle.value'               
28 4 'Structure model' '_struct_conn.pdbx_dist_value'                
29 4 'Structure model' '_struct_conn.ptnr1_auth_comp_id'             
30 4 'Structure model' '_struct_conn.ptnr1_auth_seq_id'              
31 4 'Structure model' '_struct_conn.ptnr1_label_asym_id'            
32 4 'Structure model' '_struct_conn.ptnr1_label_atom_id'            
33 4 'Structure model' '_struct_conn.ptnr1_label_comp_id'            
34 4 'Structure model' '_struct_conn.ptnr1_label_seq_id'             
35 4 'Structure model' '_struct_conn.ptnr2_auth_comp_id'             
36 4 'Structure model' '_struct_conn.ptnr2_auth_seq_id'              
37 4 'Structure model' '_struct_conn.ptnr2_label_asym_id'            
38 4 'Structure model' '_struct_conn.ptnr2_label_atom_id'            
39 4 'Structure model' '_struct_conn.ptnr2_label_comp_id'            
40 4 'Structure model' '_struct_ref_seq_dif.details'                 
41 4 'Structure model' '_struct_site.pdbx_auth_asym_id'              
42 4 'Structure model' '_struct_site.pdbx_auth_comp_id'              
43 4 'Structure model' '_struct_site.pdbx_auth_seq_id'               
# 
loop_
_software.pdbx_ordinal 
_software.name 
_software.version 
_software.date 
_software.type 
_software.contact_author 
_software.contact_author_email 
_software.classification 
_software.location 
_software.language 
_software.citation_id 
1 PHENIX      1.6.1_357 ?                ?       ?                    ?                        refinement        ? ?          ? 
2 PDB_EXTRACT 3.11      'April 22, 2011' package PDB                  deposit@deposit.rcsb.org 'data extraction' 
http://sw-tools.pdb.org/apps/PDB_EXTRACT/    C++        ? 
3 Blu-Ice     like      ?                ?       ?                    ?                        'data collection' ? ?          ? 
4 HKL-2000    .         ?                ?       ?                    ?                        'data reduction'  ? ?          ? 
5 HKL-2000    .         ?                ?       ?                    ?                        'data scaling'    ? ?          ? 
6 PHENIX      .         ?                ?       ?                    ?                        phasing           ? ?          ? 
7 REFMAC      .         ?                program 'Garib N. Murshudov' garib@ysbl.york.ac.uk    refinement        
http://www.ccp4.ac.uk/dist/html/refmac5.html Fortran_77 ? 
# 
_pdbx_validate_close_contact.id               1 
_pdbx_validate_close_contact.PDB_model_num    1 
_pdbx_validate_close_contact.auth_atom_id_1   O 
_pdbx_validate_close_contact.auth_asym_id_1   A 
_pdbx_validate_close_contact.auth_comp_id_1   HOH 
_pdbx_validate_close_contact.auth_seq_id_1    1279 
_pdbx_validate_close_contact.PDB_ins_code_1   ? 
_pdbx_validate_close_contact.label_alt_id_1   ? 
_pdbx_validate_close_contact.auth_atom_id_2   O 
_pdbx_validate_close_contact.auth_asym_id_2   A 
_pdbx_validate_close_contact.auth_comp_id_2   HOH 
_pdbx_validate_close_contact.auth_seq_id_2    1280 
_pdbx_validate_close_contact.PDB_ins_code_2   ? 
_pdbx_validate_close_contact.label_alt_id_2   ? 
_pdbx_validate_close_contact.dist             2.16 
# 
loop_
_pdbx_validate_torsion.id 
_pdbx_validate_torsion.PDB_model_num 
_pdbx_validate_torsion.auth_comp_id 
_pdbx_validate_torsion.auth_asym_id 
_pdbx_validate_torsion.auth_seq_id 
_pdbx_validate_torsion.PDB_ins_code 
_pdbx_validate_torsion.label_alt_id 
_pdbx_validate_torsion.phi 
_pdbx_validate_torsion.psi 
1 1 SER A 973  ? ? 52.46  -130.23 
2 1 GLN A 1005 ? ? 81.23  -20.11  
3 1 THR A 1056 ? ? -90.19 44.16   
# 
loop_
_pdbx_unobs_or_zero_occ_atoms.id 
_pdbx_unobs_or_zero_occ_atoms.PDB_model_num 
_pdbx_unobs_or_zero_occ_atoms.polymer_flag 
_pdbx_unobs_or_zero_occ_atoms.occupancy_flag 
_pdbx_unobs_or_zero_occ_atoms.auth_asym_id 
_pdbx_unobs_or_zero_occ_atoms.auth_comp_id 
_pdbx_unobs_or_zero_occ_atoms.auth_seq_id 
_pdbx_unobs_or_zero_occ_atoms.PDB_ins_code 
_pdbx_unobs_or_zero_occ_atoms.auth_atom_id 
_pdbx_unobs_or_zero_occ_atoms.label_alt_id 
_pdbx_unobs_or_zero_occ_atoms.label_asym_id 
_pdbx_unobs_or_zero_occ_atoms.label_comp_id 
_pdbx_unobs_or_zero_occ_atoms.label_seq_id 
_pdbx_unobs_or_zero_occ_atoms.label_atom_id 
1 1 Y 1 A LYS 961 ? CG  ? A LYS 48 CG  
2 1 Y 1 A LYS 961 ? CD  ? A LYS 48 CD  
3 1 Y 1 A LYS 961 ? CE  ? A LYS 48 CE  
4 1 Y 1 A LYS 961 ? NZ  ? A LYS 48 NZ  
5 1 Y 1 A ASP 962 ? CG  ? A ASP 49 CG  
6 1 Y 1 A ASP 962 ? OD1 ? A ASP 49 OD1 
7 1 Y 1 A ASP 962 ? OD2 ? A ASP 49 OD2 
# 
loop_
_pdbx_unobs_or_zero_occ_residues.id 
_pdbx_unobs_or_zero_occ_residues.PDB_model_num 
_pdbx_unobs_or_zero_occ_residues.polymer_flag 
_pdbx_unobs_or_zero_occ_residues.occupancy_flag 
_pdbx_unobs_or_zero_occ_residues.auth_asym_id 
_pdbx_unobs_or_zero_occ_residues.auth_comp_id 
_pdbx_unobs_or_zero_occ_residues.auth_seq_id 
_pdbx_unobs_or_zero_occ_residues.PDB_ins_code 
_pdbx_unobs_or_zero_occ_residues.label_asym_id 
_pdbx_unobs_or_zero_occ_residues.label_comp_id 
_pdbx_unobs_or_zero_occ_residues.label_seq_id 
1  1 Y 1 A MET 914 ? A MET 1  
2  1 Y 1 A HIS 915 ? A HIS 2  
3  1 Y 1 A HIS 916 ? A HIS 3  
4  1 Y 1 A HIS 917 ? A HIS 4  
5  1 Y 1 A HIS 918 ? A HIS 5  
6  1 Y 1 A HIS 919 ? A HIS 6  
7  1 Y 1 A HIS 920 ? A HIS 7  
8  1 Y 1 A ILE 921 ? A ILE 8  
9  1 Y 1 A THR 922 ? A THR 9  
10 1 Y 1 A SER 923 ? A SER 10 
11 1 Y 1 A LEU 924 ? A LEU 11 
12 1 Y 1 A TYR 925 ? A TYR 12 
13 1 Y 1 A LYS 926 ? A LYS 13 
14 1 Y 1 A LYS 927 ? A LYS 14 
15 1 Y 1 A ALA 928 ? A ALA 15 
16 1 Y 1 A GLY 929 ? A GLY 16 
17 1 Y 1 A SER 930 ? A SER 17 
18 1 Y 1 A GLU 931 ? A GLU 18 
19 1 Y 1 A PHE 932 ? A PHE 19 
20 1 Y 1 A ALA 933 ? A ALA 20 
21 1 Y 1 A LEU 934 ? A LEU 21 
22 1 Y 1 A VAL 935 ? A VAL 22 
23 1 Y 1 A ASN 936 ? A ASN 23 
24 1 Y 1 A LYS 937 ? A LYS 24 
25 1 Y 1 A ASP 938 ? A ASP 25 
26 1 Y 1 A GLY 939 ? A GLY 26 
27 1 Y 1 A HIS 940 ? A HIS 27 
28 1 Y 1 A SER 941 ? A SER 28 
29 1 Y 1 A ASN 942 ? A ASN 29 
30 1 Y 1 A TRP 943 ? A TRP 30 
31 1 Y 1 A SER 944 ? A SER 31 
32 1 Y 1 A GLU 945 ? A GLU 32 
33 1 Y 1 A LEU 946 ? A LEU 33 
34 1 Y 1 A ILE 947 ? A ILE 34 
35 1 Y 1 A LYS 948 ? A LYS 35 
36 1 Y 1 A VAL 949 ? A VAL 36 
37 1 Y 1 A LYS 950 ? A LYS 37 
38 1 Y 1 A THR 951 ? A THR 38 
39 1 Y 1 A ASP 952 ? A ASP 39 
40 1 Y 1 A LEU 953 ? A LEU 40 
# 
loop_
_chem_comp_atom.comp_id 
_chem_comp_atom.atom_id 
_chem_comp_atom.type_symbol 
_chem_comp_atom.pdbx_aromatic_flag 
_chem_comp_atom.pdbx_stereo_config 
_chem_comp_atom.pdbx_ordinal 
ALA N    N  N N 1   
ALA CA   C  N S 2   
ALA C    C  N N 3   
ALA O    O  N N 4   
ALA CB   C  N N 5   
ALA OXT  O  N N 6   
ALA H    H  N N 7   
ALA H2   H  N N 8   
ALA HA   H  N N 9   
ALA HB1  H  N N 10  
ALA HB2  H  N N 11  
ALA HB3  H  N N 12  
ALA HXT  H  N N 13  
ARG N    N  N N 14  
ARG CA   C  N S 15  
ARG C    C  N N 16  
ARG O    O  N N 17  
ARG CB   C  N N 18  
ARG CG   C  N N 19  
ARG CD   C  N N 20  
ARG NE   N  N N 21  
ARG CZ   C  N N 22  
ARG NH1  N  N N 23  
ARG NH2  N  N N 24  
ARG OXT  O  N N 25  
ARG H    H  N N 26  
ARG H2   H  N N 27  
ARG HA   H  N N 28  
ARG HB2  H  N N 29  
ARG HB3  H  N N 30  
ARG HG2  H  N N 31  
ARG HG3  H  N N 32  
ARG HD2  H  N N 33  
ARG HD3  H  N N 34  
ARG HE   H  N N 35  
ARG HH11 H  N N 36  
ARG HH12 H  N N 37  
ARG HH21 H  N N 38  
ARG HH22 H  N N 39  
ARG HXT  H  N N 40  
ASN N    N  N N 41  
ASN CA   C  N S 42  
ASN C    C  N N 43  
ASN O    O  N N 44  
ASN CB   C  N N 45  
ASN CG   C  N N 46  
ASN OD1  O  N N 47  
ASN ND2  N  N N 48  
ASN OXT  O  N N 49  
ASN H    H  N N 50  
ASN H2   H  N N 51  
ASN HA   H  N N 52  
ASN HB2  H  N N 53  
ASN HB3  H  N N 54  
ASN HD21 H  N N 55  
ASN HD22 H  N N 56  
ASN HXT  H  N N 57  
ASP N    N  N N 58  
ASP CA   C  N S 59  
ASP C    C  N N 60  
ASP O    O  N N 61  
ASP CB   C  N N 62  
ASP CG   C  N N 63  
ASP OD1  O  N N 64  
ASP OD2  O  N N 65  
ASP OXT  O  N N 66  
ASP H    H  N N 67  
ASP H2   H  N N 68  
ASP HA   H  N N 69  
ASP HB2  H  N N 70  
ASP HB3  H  N N 71  
ASP HD2  H  N N 72  
ASP HXT  H  N N 73  
CA  CA   CA N N 74  
GLN N    N  N N 75  
GLN CA   C  N S 76  
GLN C    C  N N 77  
GLN O    O  N N 78  
GLN CB   C  N N 79  
GLN CG   C  N N 80  
GLN CD   C  N N 81  
GLN OE1  O  N N 82  
GLN NE2  N  N N 83  
GLN OXT  O  N N 84  
GLN H    H  N N 85  
GLN H2   H  N N 86  
GLN HA   H  N N 87  
GLN HB2  H  N N 88  
GLN HB3  H  N N 89  
GLN HG2  H  N N 90  
GLN HG3  H  N N 91  
GLN HE21 H  N N 92  
GLN HE22 H  N N 93  
GLN HXT  H  N N 94  
GLU N    N  N N 95  
GLU CA   C  N S 96  
GLU C    C  N N 97  
GLU O    O  N N 98  
GLU CB   C  N N 99  
GLU CG   C  N N 100 
GLU CD   C  N N 101 
GLU OE1  O  N N 102 
GLU OE2  O  N N 103 
GLU OXT  O  N N 104 
GLU H    H  N N 105 
GLU H2   H  N N 106 
GLU HA   H  N N 107 
GLU HB2  H  N N 108 
GLU HB3  H  N N 109 
GLU HG2  H  N N 110 
GLU HG3  H  N N 111 
GLU HE2  H  N N 112 
GLU HXT  H  N N 113 
GLY N    N  N N 114 
GLY CA   C  N N 115 
GLY C    C  N N 116 
GLY O    O  N N 117 
GLY OXT  O  N N 118 
GLY H    H  N N 119 
GLY H2   H  N N 120 
GLY HA2  H  N N 121 
GLY HA3  H  N N 122 
GLY HXT  H  N N 123 
HIS N    N  N N 124 
HIS CA   C  N S 125 
HIS C    C  N N 126 
HIS O    O  N N 127 
HIS CB   C  N N 128 
HIS CG   C  Y N 129 
HIS ND1  N  Y N 130 
HIS CD2  C  Y N 131 
HIS CE1  C  Y N 132 
HIS NE2  N  Y N 133 
HIS OXT  O  N N 134 
HIS H    H  N N 135 
HIS H2   H  N N 136 
HIS HA   H  N N 137 
HIS HB2  H  N N 138 
HIS HB3  H  N N 139 
HIS HD1  H  N N 140 
HIS HD2  H  N N 141 
HIS HE1  H  N N 142 
HIS HE2  H  N N 143 
HIS HXT  H  N N 144 
HOH O    O  N N 145 
HOH H1   H  N N 146 
HOH H2   H  N N 147 
ILE N    N  N N 148 
ILE CA   C  N S 149 
ILE C    C  N N 150 
ILE O    O  N N 151 
ILE CB   C  N S 152 
ILE CG1  C  N N 153 
ILE CG2  C  N N 154 
ILE CD1  C  N N 155 
ILE OXT  O  N N 156 
ILE H    H  N N 157 
ILE H2   H  N N 158 
ILE HA   H  N N 159 
ILE HB   H  N N 160 
ILE HG12 H  N N 161 
ILE HG13 H  N N 162 
ILE HG21 H  N N 163 
ILE HG22 H  N N 164 
ILE HG23 H  N N 165 
ILE HD11 H  N N 166 
ILE HD12 H  N N 167 
ILE HD13 H  N N 168 
ILE HXT  H  N N 169 
LEU N    N  N N 170 
LEU CA   C  N S 171 
LEU C    C  N N 172 
LEU O    O  N N 173 
LEU CB   C  N N 174 
LEU CG   C  N N 175 
LEU CD1  C  N N 176 
LEU CD2  C  N N 177 
LEU OXT  O  N N 178 
LEU H    H  N N 179 
LEU H2   H  N N 180 
LEU HA   H  N N 181 
LEU HB2  H  N N 182 
LEU HB3  H  N N 183 
LEU HG   H  N N 184 
LEU HD11 H  N N 185 
LEU HD12 H  N N 186 
LEU HD13 H  N N 187 
LEU HD21 H  N N 188 
LEU HD22 H  N N 189 
LEU HD23 H  N N 190 
LEU HXT  H  N N 191 
LYS N    N  N N 192 
LYS CA   C  N S 193 
LYS C    C  N N 194 
LYS O    O  N N 195 
LYS CB   C  N N 196 
LYS CG   C  N N 197 
LYS CD   C  N N 198 
LYS CE   C  N N 199 
LYS NZ   N  N N 200 
LYS OXT  O  N N 201 
LYS H    H  N N 202 
LYS H2   H  N N 203 
LYS HA   H  N N 204 
LYS HB2  H  N N 205 
LYS HB3  H  N N 206 
LYS HG2  H  N N 207 
LYS HG3  H  N N 208 
LYS HD2  H  N N 209 
LYS HD3  H  N N 210 
LYS HE2  H  N N 211 
LYS HE3  H  N N 212 
LYS HZ1  H  N N 213 
LYS HZ2  H  N N 214 
LYS HZ3  H  N N 215 
LYS HXT  H  N N 216 
MET N    N  N N 217 
MET CA   C  N S 218 
MET C    C  N N 219 
MET O    O  N N 220 
MET CB   C  N N 221 
MET CG   C  N N 222 
MET SD   S  N N 223 
MET CE   C  N N 224 
MET OXT  O  N N 225 
MET H    H  N N 226 
MET H2   H  N N 227 
MET HA   H  N N 228 
MET HB2  H  N N 229 
MET HB3  H  N N 230 
MET HG2  H  N N 231 
MET HG3  H  N N 232 
MET HE1  H  N N 233 
MET HE2  H  N N 234 
MET HE3  H  N N 235 
MET HXT  H  N N 236 
MG  MG   MG N N 237 
PHE N    N  N N 238 
PHE CA   C  N S 239 
PHE C    C  N N 240 
PHE O    O  N N 241 
PHE CB   C  N N 242 
PHE CG   C  Y N 243 
PHE CD1  C  Y N 244 
PHE CD2  C  Y N 245 
PHE CE1  C  Y N 246 
PHE CE2  C  Y N 247 
PHE CZ   C  Y N 248 
PHE OXT  O  N N 249 
PHE H    H  N N 250 
PHE H2   H  N N 251 
PHE HA   H  N N 252 
PHE HB2  H  N N 253 
PHE HB3  H  N N 254 
PHE HD1  H  N N 255 
PHE HD2  H  N N 256 
PHE HE1  H  N N 257 
PHE HE2  H  N N 258 
PHE HZ   H  N N 259 
PHE HXT  H  N N 260 
PRO N    N  N N 261 
PRO CA   C  N S 262 
PRO C    C  N N 263 
PRO O    O  N N 264 
PRO CB   C  N N 265 
PRO CG   C  N N 266 
PRO CD   C  N N 267 
PRO OXT  O  N N 268 
PRO H    H  N N 269 
PRO HA   H  N N 270 
PRO HB2  H  N N 271 
PRO HB3  H  N N 272 
PRO HG2  H  N N 273 
PRO HG3  H  N N 274 
PRO HD2  H  N N 275 
PRO HD3  H  N N 276 
PRO HXT  H  N N 277 
SER N    N  N N 278 
SER CA   C  N S 279 
SER C    C  N N 280 
SER O    O  N N 281 
SER CB   C  N N 282 
SER OG   O  N N 283 
SER OXT  O  N N 284 
SER H    H  N N 285 
SER H2   H  N N 286 
SER HA   H  N N 287 
SER HB2  H  N N 288 
SER HB3  H  N N 289 
SER HG   H  N N 290 
SER HXT  H  N N 291 
THR N    N  N N 292 
THR CA   C  N S 293 
THR C    C  N N 294 
THR O    O  N N 295 
THR CB   C  N R 296 
THR OG1  O  N N 297 
THR CG2  C  N N 298 
THR OXT  O  N N 299 
THR H    H  N N 300 
THR H2   H  N N 301 
THR HA   H  N N 302 
THR HB   H  N N 303 
THR HG1  H  N N 304 
THR HG21 H  N N 305 
THR HG22 H  N N 306 
THR HG23 H  N N 307 
THR HXT  H  N N 308 
TRP N    N  N N 309 
TRP CA   C  N S 310 
TRP C    C  N N 311 
TRP O    O  N N 312 
TRP CB   C  N N 313 
TRP CG   C  Y N 314 
TRP CD1  C  Y N 315 
TRP CD2  C  Y N 316 
TRP NE1  N  Y N 317 
TRP CE2  C  Y N 318 
TRP CE3  C  Y N 319 
TRP CZ2  C  Y N 320 
TRP CZ3  C  Y N 321 
TRP CH2  C  Y N 322 
TRP OXT  O  N N 323 
TRP H    H  N N 324 
TRP H2   H  N N 325 
TRP HA   H  N N 326 
TRP HB2  H  N N 327 
TRP HB3  H  N N 328 
TRP HD1  H  N N 329 
TRP HE1  H  N N 330 
TRP HE3  H  N N 331 
TRP HZ2  H  N N 332 
TRP HZ3  H  N N 333 
TRP HH2  H  N N 334 
TRP HXT  H  N N 335 
TYR N    N  N N 336 
TYR CA   C  N S 337 
TYR C    C  N N 338 
TYR O    O  N N 339 
TYR CB   C  N N 340 
TYR CG   C  Y N 341 
TYR CD1  C  Y N 342 
TYR CD2  C  Y N 343 
TYR CE1  C  Y N 344 
TYR CE2  C  Y N 345 
TYR CZ   C  Y N 346 
TYR OH   O  N N 347 
TYR OXT  O  N N 348 
TYR H    H  N N 349 
TYR H2   H  N N 350 
TYR HA   H  N N 351 
TYR HB2  H  N N 352 
TYR HB3  H  N N 353 
TYR HD1  H  N N 354 
TYR HD2  H  N N 355 
TYR HE1  H  N N 356 
TYR HE2  H  N N 357 
TYR HH   H  N N 358 
TYR HXT  H  N N 359 
VAL N    N  N N 360 
VAL CA   C  N S 361 
VAL C    C  N N 362 
VAL O    O  N N 363 
VAL CB   C  N N 364 
VAL CG1  C  N N 365 
VAL CG2  C  N N 366 
VAL OXT  O  N N 367 
VAL H    H  N N 368 
VAL H2   H  N N 369 
VAL HA   H  N N 370 
VAL HB   H  N N 371 
VAL HG11 H  N N 372 
VAL HG12 H  N N 373 
VAL HG13 H  N N 374 
VAL HG21 H  N N 375 
VAL HG22 H  N N 376 
VAL HG23 H  N N 377 
VAL HXT  H  N N 378 
# 
loop_
_chem_comp_bond.comp_id 
_chem_comp_bond.atom_id_1 
_chem_comp_bond.atom_id_2 
_chem_comp_bond.value_order 
_chem_comp_bond.pdbx_aromatic_flag 
_chem_comp_bond.pdbx_stereo_config 
_chem_comp_bond.pdbx_ordinal 
ALA N   CA   sing N N 1   
ALA N   H    sing N N 2   
ALA N   H2   sing N N 3   
ALA CA  C    sing N N 4   
ALA CA  CB   sing N N 5   
ALA CA  HA   sing N N 6   
ALA C   O    doub N N 7   
ALA C   OXT  sing N N 8   
ALA CB  HB1  sing N N 9   
ALA CB  HB2  sing N N 10  
ALA CB  HB3  sing N N 11  
ALA OXT HXT  sing N N 12  
ARG N   CA   sing N N 13  
ARG N   H    sing N N 14  
ARG N   H2   sing N N 15  
ARG CA  C    sing N N 16  
ARG CA  CB   sing N N 17  
ARG CA  HA   sing N N 18  
ARG C   O    doub N N 19  
ARG C   OXT  sing N N 20  
ARG CB  CG   sing N N 21  
ARG CB  HB2  sing N N 22  
ARG CB  HB3  sing N N 23  
ARG CG  CD   sing N N 24  
ARG CG  HG2  sing N N 25  
ARG CG  HG3  sing N N 26  
ARG CD  NE   sing N N 27  
ARG CD  HD2  sing N N 28  
ARG CD  HD3  sing N N 29  
ARG NE  CZ   sing N N 30  
ARG NE  HE   sing N N 31  
ARG CZ  NH1  sing N N 32  
ARG CZ  NH2  doub N N 33  
ARG NH1 HH11 sing N N 34  
ARG NH1 HH12 sing N N 35  
ARG NH2 HH21 sing N N 36  
ARG NH2 HH22 sing N N 37  
ARG OXT HXT  sing N N 38  
ASN N   CA   sing N N 39  
ASN N   H    sing N N 40  
ASN N   H2   sing N N 41  
ASN CA  C    sing N N 42  
ASN CA  CB   sing N N 43  
ASN CA  HA   sing N N 44  
ASN C   O    doub N N 45  
ASN C   OXT  sing N N 46  
ASN CB  CG   sing N N 47  
ASN CB  HB2  sing N N 48  
ASN CB  HB3  sing N N 49  
ASN CG  OD1  doub N N 50  
ASN CG  ND2  sing N N 51  
ASN ND2 HD21 sing N N 52  
ASN ND2 HD22 sing N N 53  
ASN OXT HXT  sing N N 54  
ASP N   CA   sing N N 55  
ASP N   H    sing N N 56  
ASP N   H2   sing N N 57  
ASP CA  C    sing N N 58  
ASP CA  CB   sing N N 59  
ASP CA  HA   sing N N 60  
ASP C   O    doub N N 61  
ASP C   OXT  sing N N 62  
ASP CB  CG   sing N N 63  
ASP CB  HB2  sing N N 64  
ASP CB  HB3  sing N N 65  
ASP CG  OD1  doub N N 66  
ASP CG  OD2  sing N N 67  
ASP OD2 HD2  sing N N 68  
ASP OXT HXT  sing N N 69  
GLN N   CA   sing N N 70  
GLN N   H    sing N N 71  
GLN N   H2   sing N N 72  
GLN CA  C    sing N N 73  
GLN CA  CB   sing N N 74  
GLN CA  HA   sing N N 75  
GLN C   O    doub N N 76  
GLN C   OXT  sing N N 77  
GLN CB  CG   sing N N 78  
GLN CB  HB2  sing N N 79  
GLN CB  HB3  sing N N 80  
GLN CG  CD   sing N N 81  
GLN CG  HG2  sing N N 82  
GLN CG  HG3  sing N N 83  
GLN CD  OE1  doub N N 84  
GLN CD  NE2  sing N N 85  
GLN NE2 HE21 sing N N 86  
GLN NE2 HE22 sing N N 87  
GLN OXT HXT  sing N N 88  
GLU N   CA   sing N N 89  
GLU N   H    sing N N 90  
GLU N   H2   sing N N 91  
GLU CA  C    sing N N 92  
GLU CA  CB   sing N N 93  
GLU CA  HA   sing N N 94  
GLU C   O    doub N N 95  
GLU C   OXT  sing N N 96  
GLU CB  CG   sing N N 97  
GLU CB  HB2  sing N N 98  
GLU CB  HB3  sing N N 99  
GLU CG  CD   sing N N 100 
GLU CG  HG2  sing N N 101 
GLU CG  HG3  sing N N 102 
GLU CD  OE1  doub N N 103 
GLU CD  OE2  sing N N 104 
GLU OE2 HE2  sing N N 105 
GLU OXT HXT  sing N N 106 
GLY N   CA   sing N N 107 
GLY N   H    sing N N 108 
GLY N   H2   sing N N 109 
GLY CA  C    sing N N 110 
GLY CA  HA2  sing N N 111 
GLY CA  HA3  sing N N 112 
GLY C   O    doub N N 113 
GLY C   OXT  sing N N 114 
GLY OXT HXT  sing N N 115 
HIS N   CA   sing N N 116 
HIS N   H    sing N N 117 
HIS N   H2   sing N N 118 
HIS CA  C    sing N N 119 
HIS CA  CB   sing N N 120 
HIS CA  HA   sing N N 121 
HIS C   O    doub N N 122 
HIS C   OXT  sing N N 123 
HIS CB  CG   sing N N 124 
HIS CB  HB2  sing N N 125 
HIS CB  HB3  sing N N 126 
HIS CG  ND1  sing Y N 127 
HIS CG  CD2  doub Y N 128 
HIS ND1 CE1  doub Y N 129 
HIS ND1 HD1  sing N N 130 
HIS CD2 NE2  sing Y N 131 
HIS CD2 HD2  sing N N 132 
HIS CE1 NE2  sing Y N 133 
HIS CE1 HE1  sing N N 134 
HIS NE2 HE2  sing N N 135 
HIS OXT HXT  sing N N 136 
HOH O   H1   sing N N 137 
HOH O   H2   sing N N 138 
ILE N   CA   sing N N 139 
ILE N   H    sing N N 140 
ILE N   H2   sing N N 141 
ILE CA  C    sing N N 142 
ILE CA  CB   sing N N 143 
ILE CA  HA   sing N N 144 
ILE C   O    doub N N 145 
ILE C   OXT  sing N N 146 
ILE CB  CG1  sing N N 147 
ILE CB  CG2  sing N N 148 
ILE CB  HB   sing N N 149 
ILE CG1 CD1  sing N N 150 
ILE CG1 HG12 sing N N 151 
ILE CG1 HG13 sing N N 152 
ILE CG2 HG21 sing N N 153 
ILE CG2 HG22 sing N N 154 
ILE CG2 HG23 sing N N 155 
ILE CD1 HD11 sing N N 156 
ILE CD1 HD12 sing N N 157 
ILE CD1 HD13 sing N N 158 
ILE OXT HXT  sing N N 159 
LEU N   CA   sing N N 160 
LEU N   H    sing N N 161 
LEU N   H2   sing N N 162 
LEU CA  C    sing N N 163 
LEU CA  CB   sing N N 164 
LEU CA  HA   sing N N 165 
LEU C   O    doub N N 166 
LEU C   OXT  sing N N 167 
LEU CB  CG   sing N N 168 
LEU CB  HB2  sing N N 169 
LEU CB  HB3  sing N N 170 
LEU CG  CD1  sing N N 171 
LEU CG  CD2  sing N N 172 
LEU CG  HG   sing N N 173 
LEU CD1 HD11 sing N N 174 
LEU CD1 HD12 sing N N 175 
LEU CD1 HD13 sing N N 176 
LEU CD2 HD21 sing N N 177 
LEU CD2 HD22 sing N N 178 
LEU CD2 HD23 sing N N 179 
LEU OXT HXT  sing N N 180 
LYS N   CA   sing N N 181 
LYS N   H    sing N N 182 
LYS N   H2   sing N N 183 
LYS CA  C    sing N N 184 
LYS CA  CB   sing N N 185 
LYS CA  HA   sing N N 186 
LYS C   O    doub N N 187 
LYS C   OXT  sing N N 188 
LYS CB  CG   sing N N 189 
LYS CB  HB2  sing N N 190 
LYS CB  HB3  sing N N 191 
LYS CG  CD   sing N N 192 
LYS CG  HG2  sing N N 193 
LYS CG  HG3  sing N N 194 
LYS CD  CE   sing N N 195 
LYS CD  HD2  sing N N 196 
LYS CD  HD3  sing N N 197 
LYS CE  NZ   sing N N 198 
LYS CE  HE2  sing N N 199 
LYS CE  HE3  sing N N 200 
LYS NZ  HZ1  sing N N 201 
LYS NZ  HZ2  sing N N 202 
LYS NZ  HZ3  sing N N 203 
LYS OXT HXT  sing N N 204 
MET N   CA   sing N N 205 
MET N   H    sing N N 206 
MET N   H2   sing N N 207 
MET CA  C    sing N N 208 
MET CA  CB   sing N N 209 
MET CA  HA   sing N N 210 
MET C   O    doub N N 211 
MET C   OXT  sing N N 212 
MET CB  CG   sing N N 213 
MET CB  HB2  sing N N 214 
MET CB  HB3  sing N N 215 
MET CG  SD   sing N N 216 
MET CG  HG2  sing N N 217 
MET CG  HG3  sing N N 218 
MET SD  CE   sing N N 219 
MET CE  HE1  sing N N 220 
MET CE  HE2  sing N N 221 
MET CE  HE3  sing N N 222 
MET OXT HXT  sing N N 223 
PHE N   CA   sing N N 224 
PHE N   H    sing N N 225 
PHE N   H2   sing N N 226 
PHE CA  C    sing N N 227 
PHE CA  CB   sing N N 228 
PHE CA  HA   sing N N 229 
PHE C   O    doub N N 230 
PHE C   OXT  sing N N 231 
PHE CB  CG   sing N N 232 
PHE CB  HB2  sing N N 233 
PHE CB  HB3  sing N N 234 
PHE CG  CD1  doub Y N 235 
PHE CG  CD2  sing Y N 236 
PHE CD1 CE1  sing Y N 237 
PHE CD1 HD1  sing N N 238 
PHE CD2 CE2  doub Y N 239 
PHE CD2 HD2  sing N N 240 
PHE CE1 CZ   doub Y N 241 
PHE CE1 HE1  sing N N 242 
PHE CE2 CZ   sing Y N 243 
PHE CE2 HE2  sing N N 244 
PHE CZ  HZ   sing N N 245 
PHE OXT HXT  sing N N 246 
PRO N   CA   sing N N 247 
PRO N   CD   sing N N 248 
PRO N   H    sing N N 249 
PRO CA  C    sing N N 250 
PRO CA  CB   sing N N 251 
PRO CA  HA   sing N N 252 
PRO C   O    doub N N 253 
PRO C   OXT  sing N N 254 
PRO CB  CG   sing N N 255 
PRO CB  HB2  sing N N 256 
PRO CB  HB3  sing N N 257 
PRO CG  CD   sing N N 258 
PRO CG  HG2  sing N N 259 
PRO CG  HG3  sing N N 260 
PRO CD  HD2  sing N N 261 
PRO CD  HD3  sing N N 262 
PRO OXT HXT  sing N N 263 
SER N   CA   sing N N 264 
SER N   H    sing N N 265 
SER N   H2   sing N N 266 
SER CA  C    sing N N 267 
SER CA  CB   sing N N 268 
SER CA  HA   sing N N 269 
SER C   O    doub N N 270 
SER C   OXT  sing N N 271 
SER CB  OG   sing N N 272 
SER CB  HB2  sing N N 273 
SER CB  HB3  sing N N 274 
SER OG  HG   sing N N 275 
SER OXT HXT  sing N N 276 
THR N   CA   sing N N 277 
THR N   H    sing N N 278 
THR N   H2   sing N N 279 
THR CA  C    sing N N 280 
THR CA  CB   sing N N 281 
THR CA  HA   sing N N 282 
THR C   O    doub N N 283 
THR C   OXT  sing N N 284 
THR CB  OG1  sing N N 285 
THR CB  CG2  sing N N 286 
THR CB  HB   sing N N 287 
THR OG1 HG1  sing N N 288 
THR CG2 HG21 sing N N 289 
THR CG2 HG22 sing N N 290 
THR CG2 HG23 sing N N 291 
THR OXT HXT  sing N N 292 
TRP N   CA   sing N N 293 
TRP N   H    sing N N 294 
TRP N   H2   sing N N 295 
TRP CA  C    sing N N 296 
TRP CA  CB   sing N N 297 
TRP CA  HA   sing N N 298 
TRP C   O    doub N N 299 
TRP C   OXT  sing N N 300 
TRP CB  CG   sing N N 301 
TRP CB  HB2  sing N N 302 
TRP CB  HB3  sing N N 303 
TRP CG  CD1  doub Y N 304 
TRP CG  CD2  sing Y N 305 
TRP CD1 NE1  sing Y N 306 
TRP CD1 HD1  sing N N 307 
TRP CD2 CE2  doub Y N 308 
TRP CD2 CE3  sing Y N 309 
TRP NE1 CE2  sing Y N 310 
TRP NE1 HE1  sing N N 311 
TRP CE2 CZ2  sing Y N 312 
TRP CE3 CZ3  doub Y N 313 
TRP CE3 HE3  sing N N 314 
TRP CZ2 CH2  doub Y N 315 
TRP CZ2 HZ2  sing N N 316 
TRP CZ3 CH2  sing Y N 317 
TRP CZ3 HZ3  sing N N 318 
TRP CH2 HH2  sing N N 319 
TRP OXT HXT  sing N N 320 
TYR N   CA   sing N N 321 
TYR N   H    sing N N 322 
TYR N   H2   sing N N 323 
TYR CA  C    sing N N 324 
TYR CA  CB   sing N N 325 
TYR CA  HA   sing N N 326 
TYR C   O    doub N N 327 
TYR C   OXT  sing N N 328 
TYR CB  CG   sing N N 329 
TYR CB  HB2  sing N N 330 
TYR CB  HB3  sing N N 331 
TYR CG  CD1  doub Y N 332 
TYR CG  CD2  sing Y N 333 
TYR CD1 CE1  sing Y N 334 
TYR CD1 HD1  sing N N 335 
TYR CD2 CE2  doub Y N 336 
TYR CD2 HD2  sing N N 337 
TYR CE1 CZ   doub Y N 338 
TYR CE1 HE1  sing N N 339 
TYR CE2 CZ   sing Y N 340 
TYR CE2 HE2  sing N N 341 
TYR CZ  OH   sing N N 342 
TYR OH  HH   sing N N 343 
TYR OXT HXT  sing N N 344 
VAL N   CA   sing N N 345 
VAL N   H    sing N N 346 
VAL N   H2   sing N N 347 
VAL CA  C    sing N N 348 
VAL CA  CB   sing N N 349 
VAL CA  HA   sing N N 350 
VAL C   O    doub N N 351 
VAL C   OXT  sing N N 352 
VAL CB  CG1  sing N N 353 
VAL CB  CG2  sing N N 354 
VAL CB  HB   sing N N 355 
VAL CG1 HG11 sing N N 356 
VAL CG1 HG12 sing N N 357 
VAL CG1 HG13 sing N N 358 
VAL CG2 HG21 sing N N 359 
VAL CG2 HG22 sing N N 360 
VAL CG2 HG23 sing N N 361 
VAL OXT HXT  sing N N 362 
# 
loop_
_pdbx_entity_nonpoly.entity_id 
_pdbx_entity_nonpoly.name 
_pdbx_entity_nonpoly.comp_id 
2 'CALCIUM ION'   CA  
3 'MAGNESIUM ION' MG  
4 water           HOH 
# 
_pdbx_initial_refinement_model.id               1 
_pdbx_initial_refinement_model.entity_id_list   ? 
_pdbx_initial_refinement_model.type             'experimental model' 
_pdbx_initial_refinement_model.source_name      PDB 
_pdbx_initial_refinement_model.accession_code   2J1A 
_pdbx_initial_refinement_model.details          'PDB ENTRY 2J1A' 
# 
